data_7AZL
#
_entry.id   7AZL
#
_cell.length_a   139.611
_cell.length_b   86.643
_cell.length_c   153.897
_cell.angle_alpha   90.000
_cell.angle_beta   92.560
_cell.angle_gamma   90.000
#
_symmetry.space_group_name_H-M   'C 1 2 1'
#
loop_
_entity.id
_entity.type
_entity.pdbx_description
1 polymer 'Beta sliding clamp'
2 polymer 'Peptide 38'
3 non-polymer GLYCEROL
4 non-polymer DI(HYDROXYETHYL)ETHER
5 water water
#
loop_
_entity_poly.entity_id
_entity_poly.type
_entity_poly.pdbx_seq_one_letter_code
_entity_poly.pdbx_strand_id
1 'polypeptide(L)'
;MGSSHHHHHHSSGLVPRGSHMKFTVEREHLLKPLQQVSGPLGGRPTLPILGNLLLQVADGTLSLTGTDLEMEMVARVALV
QPHEPGATTVPARKFFDICRGLPEGAEIAVQLEGERMLVRSGRSRFSLSTLPAADFPNLDDWQSEVEFTLPQATMKRLIE
ATQFSMAHQDVRYYLNGMLFETEGEELRTVATDGHRLAVCSMPIGQSLPSHSVIVPRKGVIELMRMLDGGDNPLRVQIGS
NNIRAHVGDFIFTSKLVDGRFPDYRRVLPKNPDKHLEAGCDLLKQAFARAAILSNEKFRGVRLYVSENQLKITANNPEQE
EAEEILDVTYSGAEMEIGFNVSYVLDVLNALKCENVRMMLTDSVSSVQIEDAASQSAAYVVMPMRL
;
A,B,C,D
2 'polypeptide(L)' (SJW)Q(ALC)(SOQ)L(ZCL) E,G,F,H
#
# COMPACT_ATOMS: atom_id res chain seq x y z
N SER A 19 -10.81 32.08 26.11
CA SER A 19 -12.14 32.60 25.81
C SER A 19 -12.06 33.96 25.07
N HIS A 20 -11.21 34.89 25.56
CA HIS A 20 -10.98 36.20 24.93
C HIS A 20 -9.49 36.31 24.57
N MET A 21 -8.89 35.19 24.11
CA MET A 21 -7.47 35.09 23.78
C MET A 21 -7.12 35.95 22.54
N LYS A 22 -6.05 36.76 22.65
CA LYS A 22 -5.60 37.62 21.56
C LYS A 22 -4.09 37.82 21.64
N PHE A 23 -3.39 37.79 20.49
CA PHE A 23 -1.94 38.04 20.42
C PHE A 23 -1.51 38.45 18.99
N THR A 24 -0.55 39.38 18.90
CA THR A 24 0.04 39.83 17.64
C THR A 24 1.54 39.53 17.71
N VAL A 25 2.08 38.81 16.72
CA VAL A 25 3.49 38.38 16.71
C VAL A 25 4.04 38.28 15.28
N GLU A 26 5.38 38.42 15.14
CA GLU A 26 6.05 38.28 13.82
C GLU A 26 5.93 36.85 13.33
N ARG A 27 5.99 36.67 12.01
CA ARG A 27 5.93 35.35 11.38
C ARG A 27 7.16 34.50 11.76
N GLU A 28 8.36 35.11 11.80
CA GLU A 28 9.62 34.42 12.08
C GLU A 28 9.71 33.93 13.53
N HIS A 29 9.04 34.63 14.47
CA HIS A 29 9.01 34.22 15.87
C HIS A 29 8.02 33.08 16.11
N LEU A 30 7.14 32.73 15.12
CA LEU A 30 6.14 31.67 15.21
C LEU A 30 6.49 30.38 14.44
N LEU A 31 7.29 30.46 13.35
CA LEU A 31 7.60 29.30 12.51
C LEU A 31 8.25 28.11 13.20
N LYS A 32 9.49 28.25 13.71
CA LYS A 32 10.16 27.12 14.35
C LYS A 32 9.36 26.65 15.57
N PRO A 33 8.87 27.54 16.46
CA PRO A 33 7.97 27.09 17.54
C PRO A 33 6.80 26.23 17.07
N LEU A 34 6.13 26.62 15.97
CA LEU A 34 5.00 25.85 15.42
C LEU A 34 5.46 24.55 14.79
N GLN A 35 6.54 24.60 13.98
CA GLN A 35 7.10 23.45 13.27
C GLN A 35 7.53 22.32 14.20
N GLN A 36 8.26 22.68 15.26
CA GLN A 36 8.75 21.71 16.25
C GLN A 36 7.61 21.05 17.02
N VAL A 37 6.65 21.86 17.45
CA VAL A 37 5.47 21.40 18.19
C VAL A 37 4.56 20.53 17.30
N SER A 38 4.36 20.94 16.03
CA SER A 38 3.52 20.19 15.09
C SER A 38 4.19 18.89 14.61
N GLY A 39 5.48 18.69 14.91
CA GLY A 39 6.25 17.50 14.53
C GLY A 39 5.55 16.18 14.72
N PRO A 45 -4.30 11.78 12.78
CA PRO A 45 -4.47 11.40 14.19
C PRO A 45 -5.54 10.32 14.45
N THR A 46 -5.44 9.74 15.62
CA THR A 46 -6.33 8.73 16.21
C THR A 46 -7.54 9.44 16.84
N LEU A 47 -7.25 10.37 17.79
CA LEU A 47 -8.24 11.21 18.50
C LEU A 47 -8.24 12.60 17.86
N PRO A 48 -9.41 13.22 17.53
CA PRO A 48 -9.35 14.56 16.89
C PRO A 48 -8.49 15.63 17.57
N ILE A 49 -8.51 15.72 18.92
CA ILE A 49 -7.74 16.76 19.62
C ILE A 49 -6.21 16.57 19.50
N LEU A 50 -5.71 15.34 19.20
CA LEU A 50 -4.27 15.13 19.04
C LEU A 50 -3.70 15.80 17.77
N GLY A 51 -4.57 16.11 16.80
CA GLY A 51 -4.22 16.83 15.59
C GLY A 51 -4.25 18.35 15.72
N ASN A 52 -4.61 18.86 16.93
CA ASN A 52 -4.67 20.28 17.24
C ASN A 52 -3.53 20.68 18.17
N LEU A 53 -3.20 21.99 18.23
CA LEU A 53 -2.20 22.51 19.14
C LEU A 53 -2.88 23.32 20.22
N LEU A 54 -2.51 23.11 21.48
CA LEU A 54 -3.06 23.90 22.58
C LEU A 54 -2.30 25.22 22.61
N LEU A 55 -3.00 26.36 22.43
CA LEU A 55 -2.45 27.72 22.48
C LEU A 55 -2.89 28.36 23.80
N GLN A 56 -1.96 28.98 24.55
CA GLN A 56 -2.29 29.65 25.81
C GLN A 56 -1.51 30.95 25.91
N VAL A 57 -2.20 32.05 26.21
CA VAL A 57 -1.57 33.36 26.40
C VAL A 57 -1.69 33.69 27.89
N ALA A 58 -0.57 34.08 28.53
CA ALA A 58 -0.54 34.42 29.97
C ALA A 58 0.77 35.10 30.35
N ASP A 59 0.70 36.34 30.88
CA ASP A 59 1.85 37.12 31.37
C ASP A 59 2.96 37.31 30.33
N GLY A 60 2.62 37.91 29.20
CA GLY A 60 3.56 38.19 28.11
C GLY A 60 4.19 36.96 27.48
N THR A 61 3.47 35.83 27.45
CA THR A 61 3.99 34.58 26.87
C THR A 61 2.90 33.79 26.15
N LEU A 62 3.18 33.37 24.90
CA LEU A 62 2.32 32.50 24.12
C LEU A 62 2.95 31.11 24.25
N SER A 63 2.18 30.11 24.72
CA SER A 63 2.67 28.74 24.83
C SER A 63 1.93 27.86 23.83
N LEU A 64 2.67 27.11 23.00
CA LEU A 64 2.12 26.19 22.00
C LEU A 64 2.45 24.77 22.46
N THR A 65 1.46 23.85 22.47
CA THR A 65 1.72 22.47 22.91
C THR A 65 1.10 21.44 21.97
N GLY A 66 1.91 20.48 21.54
CA GLY A 66 1.50 19.36 20.71
C GLY A 66 1.75 18.08 21.48
N THR A 67 0.94 17.04 21.21
CA THR A 67 1.09 15.75 21.89
C THR A 67 0.43 14.60 21.13
N ASP A 68 0.91 13.37 21.38
CA ASP A 68 0.36 12.14 20.84
C ASP A 68 0.04 11.16 22.00
N LEU A 69 0.02 11.66 23.27
CA LEU A 69 -0.19 10.92 24.53
C LEU A 69 1.10 10.27 25.10
N GLU A 70 2.05 9.87 24.25
CA GLU A 70 3.33 9.28 24.68
C GLU A 70 4.39 10.36 24.91
N MET A 71 4.42 11.39 24.04
CA MET A 71 5.37 12.50 24.17
C MET A 71 4.68 13.83 23.93
N GLU A 72 5.30 14.90 24.39
CA GLU A 72 4.74 16.24 24.27
C GLU A 72 5.85 17.25 24.03
N MET A 73 5.58 18.26 23.21
CA MET A 73 6.52 19.32 22.90
C MET A 73 5.80 20.60 23.32
N VAL A 74 6.44 21.42 24.16
CA VAL A 74 5.92 22.71 24.62
C VAL A 74 6.89 23.79 24.15
N ALA A 75 6.41 24.82 23.44
CA ALA A 75 7.24 25.92 22.96
C ALA A 75 6.69 27.22 23.52
N ARG A 76 7.58 28.11 23.98
CA ARG A 76 7.18 29.40 24.55
C ARG A 76 7.67 30.51 23.63
N VAL A 77 6.78 31.46 23.30
CA VAL A 77 7.07 32.62 22.44
C VAL A 77 6.68 33.85 23.24
N ALA A 78 7.64 34.78 23.45
CA ALA A 78 7.40 35.98 24.24
C ALA A 78 6.65 37.03 23.42
N LEU A 79 5.63 37.68 24.03
CA LEU A 79 4.76 38.66 23.38
C LEU A 79 5.12 40.10 23.76
N VAL A 80 5.63 40.90 22.77
CA VAL A 80 5.97 42.32 22.95
C VAL A 80 4.69 43.14 22.88
N GLN A 81 3.96 42.97 21.77
CA GLN A 81 2.77 43.77 21.45
C GLN A 81 1.59 43.44 22.38
N PRO A 82 0.55 44.30 22.46
CA PRO A 82 -0.58 44.03 23.36
C PRO A 82 -1.27 42.69 23.11
N HIS A 83 -1.74 42.06 24.19
CA HIS A 83 -2.39 40.76 24.15
C HIS A 83 -3.41 40.60 25.28
N GLU A 84 -4.32 39.64 25.13
CA GLU A 84 -5.34 39.31 26.12
C GLU A 84 -5.20 37.82 26.45
N PRO A 85 -5.25 37.42 27.74
CA PRO A 85 -5.06 36.00 28.07
C PRO A 85 -6.26 35.11 27.75
N GLY A 86 -5.99 33.82 27.66
CA GLY A 86 -6.99 32.81 27.37
C GLY A 86 -6.36 31.58 26.74
N ALA A 87 -7.18 30.58 26.39
CA ALA A 87 -6.66 29.36 25.77
C ALA A 87 -7.65 28.68 24.82
N THR A 88 -7.11 27.97 23.83
CA THR A 88 -7.88 27.22 22.84
C THR A 88 -6.97 26.22 22.14
N THR A 89 -7.55 25.35 21.31
CA THR A 89 -6.78 24.39 20.49
C THR A 89 -7.18 24.61 19.03
N VAL A 90 -6.22 24.53 18.12
CA VAL A 90 -6.45 24.73 16.68
C VAL A 90 -5.73 23.71 15.83
N PRO A 91 -6.23 23.39 14.61
CA PRO A 91 -5.52 22.43 13.76
C PRO A 91 -4.04 22.81 13.57
N ALA A 92 -3.14 21.87 13.93
CA ALA A 92 -1.70 22.07 13.91
C ALA A 92 -1.14 22.31 12.53
N ARG A 93 -1.44 21.41 11.59
CA ARG A 93 -0.91 21.49 10.24
C ARG A 93 -1.40 22.73 9.47
N LYS A 94 -2.71 23.03 9.52
CA LYS A 94 -3.27 24.18 8.82
C LYS A 94 -2.73 25.51 9.36
N PHE A 95 -2.63 25.65 10.69
CA PHE A 95 -2.13 26.87 11.31
C PHE A 95 -0.65 27.10 10.98
N PHE A 96 0.16 26.03 10.94
CA PHE A 96 1.57 26.12 10.57
C PHE A 96 1.70 26.48 9.09
N ASP A 97 0.91 25.82 8.22
CA ASP A 97 0.91 26.09 6.78
C ASP A 97 0.48 27.52 6.46
N ILE A 98 -0.46 28.09 7.26
CA ILE A 98 -0.91 29.47 7.10
C ILE A 98 0.26 30.40 7.40
N CYS A 99 0.88 30.24 8.59
CA CYS A 99 2.03 31.05 9.01
C CYS A 99 3.22 30.91 8.06
N ARG A 100 3.50 29.68 7.58
CA ARG A 100 4.59 29.44 6.63
C ARG A 100 4.30 30.09 5.26
N GLY A 101 3.06 30.02 4.80
CA GLY A 101 2.64 30.59 3.53
C GLY A 101 2.64 32.11 3.46
N LEU A 102 2.57 32.80 4.62
CA LEU A 102 2.56 34.27 4.68
C LEU A 102 3.92 34.85 4.29
N PRO A 103 3.97 36.08 3.73
CA PRO A 103 5.27 36.63 3.28
C PRO A 103 6.31 36.82 4.38
N GLU A 104 7.59 36.84 3.99
CA GLU A 104 8.68 37.00 4.95
C GLU A 104 8.60 38.40 5.59
N GLY A 105 8.55 38.42 6.92
CA GLY A 105 8.44 39.63 7.71
C GLY A 105 7.02 39.96 8.12
N ALA A 106 6.04 39.09 7.83
CA ALA A 106 4.63 39.31 8.12
C ALA A 106 4.30 39.41 9.61
N GLU A 107 3.28 40.22 9.94
CA GLU A 107 2.78 40.42 11.29
C GLU A 107 1.49 39.62 11.40
N ILE A 108 1.46 38.57 12.25
CA ILE A 108 0.32 37.68 12.37
C ILE A 108 -0.52 38.04 13.59
N ALA A 109 -1.71 38.63 13.37
CA ALA A 109 -2.65 39.01 14.43
C ALA A 109 -3.63 37.85 14.64
N VAL A 110 -3.66 37.27 15.85
CA VAL A 110 -4.51 36.13 16.17
C VAL A 110 -5.49 36.52 17.27
N GLN A 111 -6.76 36.05 17.17
CA GLN A 111 -7.77 36.29 18.19
C GLN A 111 -8.92 35.30 18.14
N LEU A 112 -9.43 34.90 19.31
CA LEU A 112 -10.51 33.94 19.44
C LEU A 112 -11.86 34.68 19.32
N GLU A 113 -12.70 34.26 18.37
CA GLU A 113 -14.03 34.83 18.11
C GLU A 113 -15.05 33.72 18.26
N GLY A 114 -15.60 33.58 19.47
CA GLY A 114 -16.56 32.53 19.77
C GLY A 114 -15.89 31.18 19.75
N GLU A 115 -16.33 30.29 18.84
CA GLU A 115 -15.76 28.94 18.68
C GLU A 115 -14.84 28.89 17.43
N ARG A 116 -14.30 30.06 17.01
CA ARG A 116 -13.45 30.19 15.81
C ARG A 116 -12.20 31.02 16.12
N MET A 117 -11.01 30.51 15.76
CA MET A 117 -9.78 31.28 15.95
C MET A 117 -9.48 32.03 14.64
N LEU A 118 -9.38 33.37 14.72
CA LEU A 118 -9.11 34.18 13.54
C LEU A 118 -7.64 34.52 13.44
N VAL A 119 -7.07 34.35 12.24
CA VAL A 119 -5.68 34.65 11.95
C VAL A 119 -5.71 35.71 10.87
N ARG A 120 -5.12 36.90 11.12
CA ARG A 120 -5.08 38.00 10.17
C ARG A 120 -3.66 38.50 9.95
N SER A 121 -3.34 38.84 8.70
CA SER A 121 -2.03 39.36 8.34
C SER A 121 -2.15 40.07 6.99
N GLY A 122 -2.03 41.40 7.00
CA GLY A 122 -2.15 42.19 5.79
C GLY A 122 -3.59 42.16 5.31
N ARG A 123 -3.83 41.55 4.13
CA ARG A 123 -5.16 41.39 3.55
C ARG A 123 -5.54 39.90 3.44
N SER A 124 -4.90 39.06 4.28
CA SER A 124 -5.13 37.63 4.34
C SER A 124 -5.87 37.38 5.65
N ARG A 125 -7.02 36.69 5.60
CA ARG A 125 -7.86 36.39 6.76
C ARG A 125 -8.19 34.91 6.77
N PHE A 126 -8.01 34.22 7.92
CA PHE A 126 -8.29 32.81 8.07
C PHE A 126 -9.08 32.55 9.33
N SER A 127 -10.25 31.91 9.20
CA SER A 127 -11.10 31.53 10.33
C SER A 127 -10.92 30.02 10.55
N LEU A 128 -10.28 29.62 11.67
CA LEU A 128 -10.01 28.21 11.99
C LEU A 128 -10.98 27.67 13.03
N SER A 129 -11.27 26.35 12.94
CA SER A 129 -12.17 25.67 13.89
C SER A 129 -11.38 25.38 15.16
N THR A 130 -12.07 25.25 16.29
CA THR A 130 -11.43 24.96 17.57
C THR A 130 -12.12 23.84 18.33
N LEU A 131 -11.38 23.28 19.29
CA LEU A 131 -11.86 22.29 20.26
C LEU A 131 -11.45 22.88 21.63
N PRO A 132 -12.21 22.63 22.72
CA PRO A 132 -11.85 23.29 24.01
C PRO A 132 -10.47 22.97 24.55
N ALA A 133 -9.85 23.98 25.21
CA ALA A 133 -8.53 23.83 25.86
C ALA A 133 -8.62 22.87 27.04
N ALA A 134 -9.81 22.77 27.70
CA ALA A 134 -10.05 21.85 28.81
C ALA A 134 -9.97 20.38 28.36
N ASP A 135 -10.36 20.09 27.10
CA ASP A 135 -10.32 18.74 26.52
C ASP A 135 -8.91 18.31 26.06
N PHE A 136 -7.90 19.21 26.08
CA PHE A 136 -6.54 18.86 25.63
C PHE A 136 -5.86 17.89 26.62
N PRO A 137 -5.22 16.79 26.17
CA PRO A 137 -4.56 15.89 27.11
C PRO A 137 -3.19 16.40 27.56
N ASN A 138 -2.85 16.18 28.84
CA ASN A 138 -1.58 16.60 29.43
C ASN A 138 -0.88 15.40 30.05
N LEU A 139 0.46 15.32 29.91
CA LEU A 139 1.23 14.23 30.52
C LEU A 139 1.13 14.38 32.03
N ASP A 140 0.91 13.27 32.76
CA ASP A 140 0.75 13.32 34.22
C ASP A 140 2.08 13.77 34.86
N ASP A 141 2.01 14.60 35.93
CA ASP A 141 3.22 15.12 36.59
C ASP A 141 4.13 14.02 37.16
N TRP A 142 5.43 14.33 37.23
CA TRP A 142 6.46 13.41 37.73
C TRP A 142 7.59 14.17 38.44
N GLN A 143 8.44 13.43 39.17
CA GLN A 143 9.59 13.96 39.92
C GLN A 143 10.88 13.55 39.20
N SER A 144 11.83 14.48 39.05
CA SER A 144 13.11 14.21 38.38
C SER A 144 14.12 13.57 39.34
N GLU A 145 14.81 12.50 38.90
CA GLU A 145 15.83 11.78 39.69
C GLU A 145 17.24 12.18 39.28
N VAL A 146 17.51 12.24 37.96
CA VAL A 146 18.80 12.67 37.39
C VAL A 146 18.59 14.00 36.66
N GLU A 147 19.62 14.85 36.64
CA GLU A 147 19.56 16.14 35.96
C GLU A 147 20.96 16.63 35.59
N PHE A 148 21.14 17.08 34.34
CA PHE A 148 22.43 17.59 33.85
C PHE A 148 22.25 18.43 32.60
N THR A 149 23.33 19.11 32.19
CA THR A 149 23.38 19.97 31.02
C THR A 149 24.60 19.58 30.15
N LEU A 150 24.45 19.72 28.83
CA LEU A 150 25.51 19.39 27.86
C LEU A 150 25.29 20.15 26.55
N PRO A 151 26.32 20.34 25.70
CA PRO A 151 26.08 21.01 24.40
C PRO A 151 25.16 20.18 23.51
N GLN A 152 24.39 20.83 22.62
CA GLN A 152 23.48 20.14 21.73
C GLN A 152 24.22 19.23 20.74
N ALA A 153 25.44 19.64 20.31
CA ALA A 153 26.27 18.85 19.39
C ALA A 153 26.71 17.52 20.04
N THR A 154 26.96 17.52 21.37
CA THR A 154 27.35 16.31 22.11
C THR A 154 26.18 15.32 22.11
N MET A 155 24.94 15.81 22.31
CA MET A 155 23.75 14.97 22.28
C MET A 155 23.46 14.51 20.85
N LYS A 156 23.70 15.38 19.84
CA LYS A 156 23.49 15.02 18.42
C LYS A 156 24.45 13.87 18.05
N ARG A 157 25.75 14.03 18.39
CA ARG A 157 26.79 13.02 18.15
C ARG A 157 26.41 11.68 18.82
N LEU A 158 25.97 11.72 20.09
CA LEU A 158 25.56 10.52 20.83
C LEU A 158 24.42 9.77 20.14
N ILE A 159 23.39 10.50 19.66
CA ILE A 159 22.24 9.89 18.97
C ILE A 159 22.65 9.44 17.57
N GLU A 160 23.25 10.34 16.77
CA GLU A 160 23.70 10.03 15.40
C GLU A 160 24.60 8.80 15.34
N ALA A 161 25.52 8.66 16.30
CA ALA A 161 26.44 7.52 16.32
C ALA A 161 25.76 6.17 16.58
N THR A 162 24.59 6.13 17.26
CA THR A 162 23.95 4.85 17.58
C THR A 162 22.51 4.66 17.03
N GLN A 163 21.84 5.72 16.54
CA GLN A 163 20.47 5.70 16.04
C GLN A 163 20.15 4.54 15.08
N PHE A 164 21.01 4.32 14.07
CA PHE A 164 20.81 3.30 13.04
C PHE A 164 20.72 1.86 13.55
N SER A 165 21.33 1.55 14.72
CA SER A 165 21.30 0.20 15.30
C SER A 165 20.04 -0.12 16.11
N MET A 166 19.14 0.85 16.34
CA MET A 166 17.88 0.58 17.06
C MET A 166 17.02 -0.37 16.24
N ALA A 167 16.21 -1.22 16.90
CA ALA A 167 15.31 -2.12 16.21
C ALA A 167 14.05 -1.34 15.80
N HIS A 168 13.30 -1.84 14.81
CA HIS A 168 12.06 -1.22 14.36
C HIS A 168 10.98 -2.30 14.26
N GLN A 169 9.87 -2.10 15.01
CA GLN A 169 8.74 -3.05 15.10
C GLN A 169 9.16 -4.46 15.53
N ASP A 170 10.20 -4.56 16.40
CA ASP A 170 10.66 -5.84 16.93
C ASP A 170 9.67 -6.27 18.01
N VAL A 171 9.39 -7.59 18.08
CA VAL A 171 8.50 -8.15 19.10
C VAL A 171 9.05 -7.86 20.52
N ARG A 172 10.39 -7.80 20.66
CA ARG A 172 11.07 -7.42 21.89
C ARG A 172 11.01 -5.89 21.96
N TYR A 173 9.84 -5.35 22.39
CA TYR A 173 9.54 -3.90 22.46
C TYR A 173 10.66 -3.05 23.07
N TYR A 174 11.40 -3.58 24.05
CA TYR A 174 12.50 -2.84 24.69
C TYR A 174 13.65 -2.51 23.72
N LEU A 175 13.79 -3.25 22.60
CA LEU A 175 14.82 -2.97 21.58
C LEU A 175 14.39 -1.83 20.62
N ASN A 176 13.08 -1.46 20.61
CA ASN A 176 12.55 -0.38 19.77
C ASN A 176 12.75 0.95 20.51
N GLY A 177 14.02 1.29 20.69
CA GLY A 177 14.41 2.48 21.43
C GLY A 177 15.91 2.51 21.67
N MET A 178 16.37 3.53 22.38
CA MET A 178 17.79 3.72 22.68
C MET A 178 17.98 3.79 24.19
N LEU A 179 19.00 3.11 24.71
CA LEU A 179 19.32 3.17 26.12
C LEU A 179 20.12 4.44 26.38
N PHE A 180 19.68 5.30 27.30
CA PHE A 180 20.41 6.49 27.72
C PHE A 180 20.93 6.13 29.10
N GLU A 181 22.27 6.17 29.30
CA GLU A 181 22.89 5.75 30.55
C GLU A 181 23.92 6.75 31.07
N THR A 182 23.80 7.16 32.35
CA THR A 182 24.75 8.07 33.00
C THR A 182 25.64 7.27 33.96
N GLU A 183 26.96 7.56 33.98
CA GLU A 183 27.89 6.88 34.89
C GLU A 183 29.14 7.73 35.08
N GLY A 184 29.46 8.11 36.32
CA GLY A 184 30.63 8.94 36.61
C GLY A 184 30.42 10.33 36.06
N GLU A 185 31.20 10.70 35.02
CA GLU A 185 31.08 11.99 34.34
C GLU A 185 30.75 11.80 32.84
N GLU A 186 30.19 10.63 32.45
CA GLU A 186 29.87 10.32 31.05
C GLU A 186 28.41 9.98 30.82
N LEU A 187 27.87 10.43 29.68
CA LEU A 187 26.53 10.09 29.22
C LEU A 187 26.77 9.13 28.07
N ARG A 188 26.09 7.99 28.08
CA ARG A 188 26.25 6.94 27.07
C ARG A 188 24.91 6.59 26.44
N THR A 189 24.94 6.30 25.12
CA THR A 189 23.77 5.87 24.38
C THR A 189 24.08 4.49 23.83
N VAL A 190 23.12 3.54 23.94
CA VAL A 190 23.28 2.17 23.42
C VAL A 190 22.03 1.82 22.62
N ALA A 191 22.22 1.16 21.47
CA ALA A 191 21.12 0.77 20.59
C ALA A 191 21.45 -0.56 19.92
N THR A 192 20.50 -1.51 19.91
CA THR A 192 20.71 -2.83 19.30
C THR A 192 19.39 -3.46 18.86
N ASP A 193 19.48 -4.38 17.88
CA ASP A 193 18.35 -5.14 17.35
C ASP A 193 18.57 -6.67 17.45
N GLY A 194 19.58 -7.10 18.22
CA GLY A 194 19.90 -8.51 18.38
C GLY A 194 20.97 -9.02 17.42
N HIS A 195 21.15 -8.34 16.26
CA HIS A 195 22.15 -8.71 15.24
C HIS A 195 23.38 -7.81 15.34
N ARG A 196 23.17 -6.48 15.49
CA ARG A 196 24.25 -5.50 15.59
C ARG A 196 23.99 -4.54 16.74
N LEU A 197 25.06 -3.99 17.33
CA LEU A 197 24.98 -3.08 18.48
C LEU A 197 25.88 -1.87 18.26
N ALA A 198 25.46 -0.72 18.81
CA ALA A 198 26.22 0.52 18.72
C ALA A 198 26.25 1.16 20.09
N VAL A 199 27.43 1.58 20.56
CA VAL A 199 27.60 2.23 21.86
C VAL A 199 28.50 3.44 21.70
N CYS A 200 28.08 4.60 22.23
CA CYS A 200 28.84 5.84 22.16
C CYS A 200 28.81 6.52 23.52
N SER A 201 29.97 6.94 24.01
CA SER A 201 30.11 7.59 25.32
C SER A 201 30.76 8.95 25.12
N MET A 202 30.25 9.99 25.82
CA MET A 202 30.80 11.34 25.74
C MET A 202 30.92 11.95 27.14
N PRO A 203 32.07 12.56 27.50
CA PRO A 203 32.18 13.18 28.84
C PRO A 203 31.48 14.55 28.88
N ILE A 204 30.62 14.79 29.89
CA ILE A 204 29.88 16.05 30.01
C ILE A 204 30.40 16.96 31.16
N GLY A 205 31.45 16.53 31.88
CA GLY A 205 32.08 17.31 32.94
C GLY A 205 31.26 17.58 34.19
N GLN A 206 30.33 16.67 34.54
CA GLN A 206 29.49 16.82 35.74
C GLN A 206 29.36 15.45 36.40
N SER A 207 29.44 15.37 37.73
CA SER A 207 29.30 14.08 38.44
C SER A 207 27.84 13.63 38.40
N LEU A 208 27.56 12.49 37.73
CA LEU A 208 26.21 11.96 37.55
C LEU A 208 25.99 10.68 38.35
N PRO A 209 24.72 10.37 38.70
CA PRO A 209 24.44 9.09 39.38
C PRO A 209 24.36 7.94 38.37
N SER A 210 24.43 6.70 38.83
CA SER A 210 24.32 5.53 37.95
C SER A 210 22.83 5.27 37.64
N HIS A 211 22.39 5.68 36.43
CA HIS A 211 21.00 5.54 36.00
C HIS A 211 20.98 5.10 34.53
N SER A 212 20.06 4.19 34.17
CA SER A 212 19.91 3.70 32.79
C SER A 212 18.42 3.61 32.41
N VAL A 213 18.02 4.28 31.31
CA VAL A 213 16.62 4.31 30.83
C VAL A 213 16.53 4.08 29.33
N ILE A 214 15.38 3.56 28.86
CA ILE A 214 15.13 3.30 27.45
C ILE A 214 14.20 4.39 26.90
N VAL A 215 14.70 5.23 25.98
CA VAL A 215 13.91 6.27 25.35
C VAL A 215 13.27 5.63 24.09
N PRO A 216 11.93 5.73 23.88
CA PRO A 216 11.32 5.14 22.67
C PRO A 216 11.91 5.70 21.38
N ARG A 217 11.98 4.89 20.32
CA ARG A 217 12.55 5.35 19.05
C ARG A 217 11.83 6.59 18.45
N LYS A 218 10.52 6.78 18.72
CA LYS A 218 9.80 7.97 18.28
C LYS A 218 10.35 9.20 19.03
N GLY A 219 10.61 9.04 20.33
CA GLY A 219 11.18 10.09 21.17
C GLY A 219 12.60 10.45 20.79
N VAL A 220 13.42 9.44 20.40
CA VAL A 220 14.81 9.65 19.96
C VAL A 220 14.84 10.53 18.71
N ILE A 221 13.90 10.29 17.76
CA ILE A 221 13.74 11.04 16.52
C ILE A 221 13.34 12.48 16.82
N GLU A 222 12.32 12.67 17.69
CA GLU A 222 11.87 14.03 18.08
C GLU A 222 12.97 14.80 18.80
N LEU A 223 13.65 14.15 19.77
CA LEU A 223 14.77 14.72 20.51
C LEU A 223 15.90 15.12 19.54
N MET A 224 16.16 14.28 18.53
CA MET A 224 17.19 14.52 17.51
C MET A 224 16.82 15.66 16.54
N ARG A 225 15.53 15.73 16.13
CA ARG A 225 15.07 16.76 15.20
C ARG A 225 15.14 18.20 15.73
N MET A 226 15.22 18.40 17.06
CA MET A 226 15.27 19.75 17.66
C MET A 226 16.69 20.23 18.08
N LEU A 227 17.77 19.51 17.74
CA LEU A 227 19.14 19.89 18.13
C LEU A 227 19.91 20.57 16.98
N ASP A 228 19.45 21.74 16.52
CA ASP A 228 20.13 22.49 15.44
C ASP A 228 20.82 23.77 15.98
N GLY A 229 21.34 23.72 17.22
CA GLY A 229 22.01 24.84 17.88
C GLY A 229 23.44 24.58 18.33
N GLY A 230 24.06 23.51 17.84
CA GLY A 230 25.44 23.14 18.12
C GLY A 230 25.92 23.26 19.56
N ASP A 231 26.64 24.36 19.86
CA ASP A 231 27.20 24.59 21.20
C ASP A 231 26.20 25.15 22.22
N ASN A 232 24.96 25.53 21.80
CA ASN A 232 23.94 26.03 22.74
C ASN A 232 23.65 24.99 23.77
N PRO A 233 23.24 25.34 25.01
CA PRO A 233 23.02 24.24 25.95
C PRO A 233 21.68 23.53 25.85
N LEU A 234 21.66 22.30 26.39
CA LEU A 234 20.50 21.42 26.46
C LEU A 234 20.45 20.89 27.89
N ARG A 235 19.32 21.07 28.62
CA ARG A 235 19.18 20.54 29.98
C ARG A 235 18.34 19.27 29.91
N VAL A 236 18.87 18.15 30.43
CA VAL A 236 18.14 16.89 30.42
C VAL A 236 17.72 16.53 31.85
N GLN A 237 16.43 16.20 32.05
CA GLN A 237 15.91 15.77 33.35
C GLN A 237 15.33 14.37 33.13
N ILE A 238 15.78 13.38 33.91
CA ILE A 238 15.31 12.01 33.75
C ILE A 238 14.59 11.59 35.04
N GLY A 239 13.47 10.87 34.86
CA GLY A 239 12.68 10.30 35.94
C GLY A 239 12.62 8.80 35.77
N SER A 240 11.83 8.13 36.61
CA SER A 240 11.69 6.68 36.55
C SER A 240 10.90 6.23 35.29
N ASN A 241 9.87 7.02 34.88
CA ASN A 241 9.04 6.72 33.70
C ASN A 241 9.01 7.83 32.64
N ASN A 242 9.82 8.91 32.79
CA ASN A 242 9.82 10.02 31.84
C ASN A 242 11.20 10.65 31.65
N ILE A 243 11.41 11.31 30.50
CA ILE A 243 12.63 12.05 30.18
C ILE A 243 12.22 13.41 29.61
N ARG A 244 12.93 14.48 29.96
CA ARG A 244 12.65 15.83 29.48
C ARG A 244 13.90 16.47 28.90
N ALA A 245 13.75 17.30 27.85
CA ALA A 245 14.84 17.99 27.18
C ALA A 245 14.45 19.46 26.97
N HIS A 246 15.24 20.40 27.51
CA HIS A 246 15.00 21.84 27.37
C HIS A 246 16.03 22.42 26.39
N VAL A 247 15.60 22.73 25.16
CA VAL A 247 16.47 23.35 24.15
C VAL A 247 15.88 24.76 23.90
N GLY A 248 16.62 25.80 24.32
CA GLY A 248 16.20 27.18 24.18
C GLY A 248 14.88 27.44 24.87
N ASP A 249 13.83 27.74 24.09
CA ASP A 249 12.48 28.00 24.59
C ASP A 249 11.55 26.78 24.44
N PHE A 250 12.07 25.60 24.05
CA PHE A 250 11.27 24.38 23.90
C PHE A 250 11.42 23.47 25.10
N ILE A 251 10.40 22.65 25.36
CA ILE A 251 10.43 21.65 26.41
C ILE A 251 9.84 20.38 25.79
N PHE A 252 10.70 19.41 25.49
CA PHE A 252 10.24 18.14 24.95
C PHE A 252 10.21 17.13 26.08
N THR A 253 9.09 16.41 26.25
CA THR A 253 8.95 15.39 27.27
C THR A 253 8.46 14.10 26.61
N SER A 254 9.00 12.94 27.04
CA SER A 254 8.60 11.65 26.51
C SER A 254 8.55 10.59 27.60
N LYS A 255 7.60 9.65 27.47
CA LYS A 255 7.49 8.50 28.38
C LYS A 255 8.65 7.55 28.04
N LEU A 256 9.19 6.86 29.05
CA LEU A 256 10.29 5.91 28.87
C LEU A 256 9.72 4.51 28.62
N VAL A 257 10.43 3.65 27.87
CA VAL A 257 9.96 2.30 27.58
C VAL A 257 10.12 1.45 28.85
N ASP A 258 9.02 0.89 29.38
CA ASP A 258 9.04 0.09 30.60
C ASP A 258 9.41 -1.36 30.32
N GLY A 259 10.70 -1.59 30.16
CA GLY A 259 11.29 -2.91 29.91
C GLY A 259 12.73 -2.98 30.36
N ARG A 260 13.34 -4.18 30.27
CA ARG A 260 14.74 -4.38 30.68
C ARG A 260 15.64 -4.50 29.45
N PHE A 261 16.57 -3.54 29.29
CA PHE A 261 17.50 -3.51 28.16
C PHE A 261 18.59 -4.58 28.37
N PRO A 262 19.02 -5.31 27.31
CA PRO A 262 20.07 -6.33 27.51
C PRO A 262 21.40 -5.74 27.97
N ASP A 263 22.22 -6.56 28.68
CA ASP A 263 23.52 -6.13 29.15
CA ASP A 263 23.54 -6.13 29.15
C ASP A 263 24.48 -6.07 27.96
N TYR A 264 24.62 -4.90 27.37
CA TYR A 264 25.51 -4.69 26.23
C TYR A 264 26.99 -5.00 26.56
N ARG A 265 27.41 -4.89 27.85
CA ARG A 265 28.77 -5.23 28.27
C ARG A 265 29.08 -6.72 28.09
N ARG A 266 28.08 -7.62 28.35
CA ARG A 266 28.21 -9.08 28.19
C ARG A 266 28.58 -9.49 26.76
N VAL A 267 27.90 -8.87 25.76
CA VAL A 267 28.07 -9.22 24.34
C VAL A 267 29.25 -8.52 23.65
N LEU A 268 29.93 -7.55 24.32
CA LEU A 268 31.09 -6.88 23.73
C LEU A 268 32.22 -7.91 23.62
N PRO A 269 32.94 -8.04 22.47
CA PRO A 269 34.03 -9.04 22.41
C PRO A 269 35.08 -8.90 23.53
N LYS A 270 35.29 -10.00 24.25
CA LYS A 270 36.18 -10.05 25.42
C LYS A 270 37.66 -10.03 25.05
N ASN A 271 38.07 -10.94 24.12
CA ASN A 271 39.45 -11.07 23.69
C ASN A 271 39.54 -11.16 22.15
N PRO A 272 39.33 -10.02 21.45
CA PRO A 272 39.42 -10.05 19.99
C PRO A 272 40.88 -9.91 19.57
N ASP A 273 41.61 -11.05 19.61
CA ASP A 273 43.05 -11.17 19.29
C ASP A 273 43.41 -10.70 17.86
N LYS A 274 42.58 -11.04 16.86
CA LYS A 274 42.83 -10.71 15.46
C LYS A 274 42.40 -9.27 15.12
N HIS A 275 43.37 -8.40 14.78
CA HIS A 275 43.14 -6.98 14.47
C HIS A 275 43.43 -6.64 12.99
N LEU A 276 42.41 -6.14 12.27
CA LEU A 276 42.54 -5.70 10.87
C LEU A 276 42.46 -4.19 10.85
N GLU A 277 43.25 -3.52 9.99
CA GLU A 277 43.22 -2.08 9.84
C GLU A 277 43.21 -1.73 8.35
N ALA A 278 42.25 -0.90 7.92
CA ALA A 278 42.12 -0.52 6.51
C ALA A 278 41.53 0.87 6.37
N GLY A 279 41.57 1.40 5.15
CA GLY A 279 40.99 2.69 4.83
C GLY A 279 39.48 2.60 4.88
N CYS A 280 38.84 3.52 5.63
CA CYS A 280 37.39 3.53 5.83
C CYS A 280 36.64 3.58 4.50
N ASP A 281 37.05 4.50 3.60
CA ASP A 281 36.38 4.66 2.30
C ASP A 281 36.62 3.48 1.37
N LEU A 282 37.89 3.05 1.19
CA LEU A 282 38.22 1.89 0.34
C LEU A 282 37.51 0.62 0.77
N LEU A 283 37.37 0.41 2.08
CA LEU A 283 36.67 -0.75 2.63
C LEU A 283 35.17 -0.59 2.37
N LYS A 284 34.63 0.63 2.54
CA LYS A 284 33.21 0.92 2.29
C LYS A 284 32.84 0.75 0.82
N GLN A 285 33.67 1.27 -0.10
CA GLN A 285 33.40 1.14 -1.54
C GLN A 285 33.49 -0.32 -2.01
N ALA A 286 34.36 -1.13 -1.40
CA ALA A 286 34.50 -2.56 -1.74
C ALA A 286 33.25 -3.33 -1.28
N PHE A 287 32.76 -3.08 -0.05
CA PHE A 287 31.54 -3.74 0.46
C PHE A 287 30.31 -3.31 -0.33
N ALA A 288 30.26 -2.02 -0.74
CA ALA A 288 29.15 -1.49 -1.54
C ALA A 288 29.11 -2.16 -2.92
N ARG A 289 30.29 -2.41 -3.53
CA ARG A 289 30.40 -3.07 -4.83
C ARG A 289 30.06 -4.56 -4.73
N ALA A 290 30.57 -5.25 -3.70
CA ALA A 290 30.29 -6.67 -3.52
C ALA A 290 28.80 -6.91 -3.21
N ALA A 291 28.17 -6.00 -2.44
CA ALA A 291 26.74 -6.06 -2.09
C ALA A 291 25.77 -6.16 -3.30
N ILE A 292 26.16 -5.62 -4.47
CA ILE A 292 25.34 -5.66 -5.68
C ILE A 292 24.93 -7.09 -6.05
N LEU A 293 25.87 -8.06 -5.96
CA LEU A 293 25.61 -9.46 -6.29
C LEU A 293 25.44 -10.36 -5.05
N SER A 294 24.99 -9.80 -3.91
CA SER A 294 24.69 -10.57 -2.71
C SER A 294 23.19 -10.89 -2.75
N ASN A 295 22.74 -11.87 -1.94
CA ASN A 295 21.33 -12.24 -1.88
C ASN A 295 20.51 -11.02 -1.44
N GLU A 296 19.45 -10.64 -2.19
CA GLU A 296 18.63 -9.46 -1.90
C GLU A 296 17.90 -9.50 -0.54
N LYS A 297 17.57 -10.69 -0.02
CA LYS A 297 16.90 -10.83 1.28
C LYS A 297 17.89 -10.96 2.43
N PHE A 298 18.90 -11.86 2.31
CA PHE A 298 19.86 -12.13 3.38
C PHE A 298 21.11 -11.24 3.36
N ARG A 299 21.45 -10.60 2.23
CA ARG A 299 22.57 -9.66 2.09
C ARG A 299 23.92 -10.19 2.62
N GLY A 300 24.16 -11.48 2.46
CA GLY A 300 25.36 -12.13 2.96
C GLY A 300 26.63 -11.95 2.14
N VAL A 301 27.73 -11.56 2.80
CA VAL A 301 29.06 -11.46 2.18
C VAL A 301 30.02 -12.32 3.01
N ARG A 302 31.07 -12.86 2.37
CA ARG A 302 32.07 -13.70 3.01
C ARG A 302 33.39 -12.93 3.04
N LEU A 303 34.01 -12.80 4.22
CA LEU A 303 35.29 -12.12 4.39
C LEU A 303 36.38 -13.16 4.62
N TYR A 304 37.39 -13.25 3.74
CA TYR A 304 38.55 -14.14 3.95
C TYR A 304 39.71 -13.21 4.25
N VAL A 305 40.23 -13.29 5.48
CA VAL A 305 41.32 -12.43 5.93
C VAL A 305 42.63 -13.23 6.00
N SER A 306 43.74 -12.64 5.50
CA SER A 306 45.06 -13.26 5.49
C SER A 306 46.13 -12.16 5.60
N GLU A 307 47.42 -12.52 5.68
CA GLU A 307 48.51 -11.54 5.86
C GLU A 307 48.36 -10.30 4.96
N ASN A 308 48.05 -9.15 5.58
CA ASN A 308 47.88 -7.86 4.92
C ASN A 308 46.92 -7.90 3.72
N GLN A 309 45.84 -8.69 3.84
CA GLN A 309 44.89 -8.83 2.74
C GLN A 309 43.49 -9.21 3.23
N LEU A 310 42.46 -8.66 2.56
CA LEU A 310 41.05 -8.95 2.85
C LEU A 310 40.36 -9.23 1.52
N LYS A 311 39.75 -10.42 1.37
CA LYS A 311 39.02 -10.83 0.18
C LYS A 311 37.54 -10.91 0.54
N ILE A 312 36.70 -10.03 -0.05
CA ILE A 312 35.25 -10.02 0.19
C ILE A 312 34.61 -10.73 -1.00
N THR A 313 33.67 -11.64 -0.75
CA THR A 313 32.96 -12.39 -1.81
C THR A 313 31.46 -12.38 -1.54
N ALA A 314 30.63 -12.21 -2.59
CA ALA A 314 29.18 -12.18 -2.50
C ALA A 314 28.56 -13.08 -3.57
N ASN A 315 27.58 -13.93 -3.18
CA ASN A 315 26.87 -14.82 -4.10
C ASN A 315 25.36 -14.65 -3.93
N ASN A 316 24.59 -14.88 -5.02
CA ASN A 316 23.13 -14.77 -5.02
C ASN A 316 22.49 -16.01 -5.69
N PRO A 317 21.15 -16.21 -5.61
CA PRO A 317 20.55 -17.41 -6.25
C PRO A 317 20.68 -17.50 -7.78
N GLU A 318 20.99 -16.39 -8.48
CA GLU A 318 21.21 -16.40 -9.93
C GLU A 318 22.62 -16.91 -10.32
N GLN A 319 23.42 -17.40 -9.33
CA GLN A 319 24.77 -17.92 -9.52
C GLN A 319 25.75 -16.85 -10.04
N GLU A 320 25.54 -15.58 -9.60
CA GLU A 320 26.41 -14.46 -9.94
C GLU A 320 27.35 -14.28 -8.77
N GLU A 321 28.57 -13.78 -9.00
CA GLU A 321 29.53 -13.61 -7.93
C GLU A 321 30.32 -12.32 -8.06
N ALA A 322 30.48 -11.60 -6.94
CA ALA A 322 31.30 -10.39 -6.85
C ALA A 322 32.49 -10.76 -5.97
N GLU A 323 33.69 -10.26 -6.30
CA GLU A 323 34.89 -10.54 -5.52
C GLU A 323 35.78 -9.29 -5.49
N GLU A 324 36.24 -8.92 -4.28
CA GLU A 324 37.08 -7.76 -4.02
C GLU A 324 38.27 -8.18 -3.21
N ILE A 325 39.49 -7.76 -3.59
CA ILE A 325 40.71 -8.04 -2.82
C ILE A 325 41.31 -6.68 -2.47
N LEU A 326 41.52 -6.40 -1.17
CA LEU A 326 42.04 -5.12 -0.68
C LEU A 326 43.35 -5.31 0.05
N ASP A 327 44.16 -4.24 0.10
CA ASP A 327 45.39 -4.22 0.88
C ASP A 327 45.00 -3.65 2.23
N VAL A 328 45.17 -4.44 3.30
CA VAL A 328 44.86 -4.04 4.67
C VAL A 328 46.10 -4.29 5.52
N THR A 329 46.04 -3.97 6.83
CA THR A 329 47.11 -4.23 7.78
C THR A 329 46.56 -5.34 8.67
N TYR A 330 47.07 -6.58 8.51
CA TYR A 330 46.59 -7.74 9.27
C TYR A 330 47.74 -8.73 9.46
N SER A 331 48.03 -9.08 10.71
CA SER A 331 49.09 -10.01 11.05
C SER A 331 48.59 -11.25 11.81
N GLY A 332 47.27 -11.41 11.92
CA GLY A 332 46.68 -12.56 12.62
C GLY A 332 46.60 -13.81 11.77
N ALA A 333 46.03 -14.88 12.34
CA ALA A 333 45.86 -16.15 11.64
C ALA A 333 44.81 -16.01 10.55
N GLU A 334 44.89 -16.85 9.51
CA GLU A 334 43.94 -16.78 8.40
C GLU A 334 42.58 -17.30 8.85
N MET A 335 41.50 -16.56 8.57
CA MET A 335 40.15 -16.97 8.93
C MET A 335 39.11 -16.50 7.92
N GLU A 336 37.95 -17.14 7.95
CA GLU A 336 36.81 -16.85 7.08
C GLU A 336 35.62 -16.48 7.97
N ILE A 337 34.84 -15.45 7.60
CA ILE A 337 33.68 -15.03 8.40
C ILE A 337 32.60 -14.39 7.52
N GLY A 338 31.34 -14.75 7.79
CA GLY A 338 30.19 -14.23 7.05
C GLY A 338 29.59 -13.02 7.71
N PHE A 339 28.97 -12.11 6.93
CA PHE A 339 28.34 -10.90 7.47
C PHE A 339 27.24 -10.41 6.59
N ASN A 340 26.25 -9.72 7.19
CA ASN A 340 25.20 -9.04 6.47
C ASN A 340 25.90 -7.75 6.04
N VAL A 341 26.07 -7.54 4.72
CA VAL A 341 26.80 -6.37 4.19
C VAL A 341 26.15 -5.02 4.57
N SER A 342 24.81 -4.97 4.76
CA SER A 342 24.13 -3.73 5.15
C SER A 342 24.56 -3.27 6.54
N TYR A 343 24.69 -4.22 7.50
CA TYR A 343 25.12 -3.92 8.86
C TYR A 343 26.56 -3.40 8.89
N VAL A 344 27.44 -3.94 8.02
CA VAL A 344 28.83 -3.50 7.93
C VAL A 344 28.89 -2.10 7.31
N LEU A 345 28.16 -1.88 6.19
CA LEU A 345 28.09 -0.57 5.52
C LEU A 345 27.49 0.52 6.43
N ASP A 346 26.49 0.17 7.26
CA ASP A 346 25.88 1.12 8.19
C ASP A 346 26.91 1.61 9.22
N VAL A 347 27.80 0.73 9.67
CA VAL A 347 28.86 1.07 10.61
C VAL A 347 29.93 1.93 9.92
N LEU A 348 30.33 1.57 8.68
CA LEU A 348 31.34 2.35 7.94
C LEU A 348 30.81 3.74 7.54
N ASN A 349 29.50 3.84 7.24
CA ASN A 349 28.86 5.13 6.94
C ASN A 349 28.77 5.99 8.20
N ALA A 350 28.52 5.36 9.37
CA ALA A 350 28.41 6.07 10.65
C ALA A 350 29.74 6.58 11.18
N LEU A 351 30.84 5.84 10.97
CA LEU A 351 32.16 6.22 11.50
C LEU A 351 32.71 7.51 10.90
N LYS A 352 32.62 7.69 9.56
CA LYS A 352 33.07 8.91 8.86
C LYS A 352 34.49 9.30 9.29
N CYS A 353 35.44 8.38 9.06
CA CYS A 353 36.83 8.53 9.47
C CYS A 353 37.79 8.17 8.35
N GLU A 354 39.11 8.30 8.60
CA GLU A 354 40.16 7.99 7.63
C GLU A 354 40.44 6.49 7.59
N ASN A 355 40.68 5.88 8.77
CA ASN A 355 40.98 4.45 8.91
C ASN A 355 40.08 3.80 9.95
N VAL A 356 39.71 2.54 9.68
CA VAL A 356 38.81 1.75 10.53
C VAL A 356 39.56 0.53 11.05
N ARG A 357 39.19 0.05 12.25
CA ARG A 357 39.79 -1.13 12.85
C ARG A 357 38.69 -2.17 13.11
N MET A 358 38.84 -3.39 12.59
CA MET A 358 37.93 -4.49 12.87
C MET A 358 38.69 -5.44 13.78
N MET A 359 38.11 -5.78 14.94
CA MET A 359 38.73 -6.65 15.93
C MET A 359 37.94 -7.96 15.95
N LEU A 360 38.51 -9.03 15.34
CA LEU A 360 37.90 -10.36 15.22
C LEU A 360 38.38 -11.36 16.29
N THR A 361 37.60 -12.44 16.46
CA THR A 361 37.89 -13.53 17.40
C THR A 361 37.93 -14.85 16.60
N ASP A 362 36.76 -15.32 16.14
CA ASP A 362 36.65 -16.55 15.34
C ASP A 362 35.48 -16.40 14.35
N SER A 363 35.25 -17.41 13.49
CA SER A 363 34.19 -17.38 12.48
C SER A 363 32.75 -17.33 13.03
N VAL A 364 32.52 -17.71 14.32
CA VAL A 364 31.16 -17.72 14.89
C VAL A 364 30.94 -16.65 15.99
N SER A 365 31.93 -15.76 16.23
CA SER A 365 31.81 -14.70 17.23
C SER A 365 31.71 -13.33 16.58
N SER A 366 31.21 -12.35 17.34
CA SER A 366 31.03 -10.98 16.87
C SER A 366 32.34 -10.24 16.59
N VAL A 367 32.25 -9.11 15.87
CA VAL A 367 33.39 -8.24 15.56
C VAL A 367 33.16 -6.88 16.12
N GLN A 368 34.18 -6.27 16.70
CA GLN A 368 34.10 -4.91 17.21
C GLN A 368 34.75 -4.02 16.15
N ILE A 369 34.00 -3.07 15.61
CA ILE A 369 34.47 -2.13 14.60
C ILE A 369 34.52 -0.74 15.24
N GLU A 370 35.65 -0.05 15.09
CA GLU A 370 35.87 1.29 15.65
C GLU A 370 36.64 2.15 14.67
N ASP A 371 36.74 3.43 14.98
CA ASP A 371 37.59 4.34 14.24
C ASP A 371 39.02 4.01 14.75
N ALA A 372 39.99 3.99 13.85
CA ALA A 372 41.39 3.69 14.22
C ALA A 372 41.99 4.81 15.13
N ALA A 373 41.48 6.06 15.02
CA ALA A 373 41.93 7.21 15.80
C ALA A 373 41.04 7.57 17.01
N SER A 374 39.92 6.86 17.25
CA SER A 374 39.01 7.18 18.37
C SER A 374 38.28 5.96 18.95
N GLN A 375 38.16 5.93 20.29
CA GLN A 375 37.50 4.87 21.06
C GLN A 375 36.12 5.30 21.58
N SER A 376 35.69 6.55 21.33
CA SER A 376 34.41 7.08 21.82
C SER A 376 33.21 6.26 21.34
N ALA A 377 33.20 5.84 20.06
CA ALA A 377 32.12 5.03 19.48
C ALA A 377 32.63 3.65 19.04
N ALA A 378 31.97 2.57 19.51
CA ALA A 378 32.31 1.19 19.17
C ALA A 378 31.06 0.51 18.61
N TYR A 379 31.24 -0.41 17.64
CA TYR A 379 30.15 -1.14 17.00
C TYR A 379 30.42 -2.62 17.01
N VAL A 380 29.44 -3.44 17.42
CA VAL A 380 29.56 -4.89 17.47
C VAL A 380 28.55 -5.50 16.49
N VAL A 381 29.00 -6.35 15.55
CA VAL A 381 28.14 -7.02 14.56
C VAL A 381 28.29 -8.52 14.73
N MET A 382 27.15 -9.25 14.83
CA MET A 382 27.14 -10.70 14.99
C MET A 382 27.22 -11.27 13.55
N PRO A 383 28.07 -12.27 13.24
CA PRO A 383 28.16 -12.75 11.86
C PRO A 383 27.01 -13.69 11.47
N MET A 384 27.05 -14.14 10.21
CA MET A 384 26.13 -15.10 9.63
C MET A 384 26.94 -16.40 9.46
N ARG A 385 26.29 -17.56 9.63
CA ARG A 385 26.97 -18.84 9.44
C ARG A 385 27.20 -19.07 7.94
N LEU A 386 28.49 -19.16 7.55
CA LEU A 386 28.94 -19.34 6.17
C LEU A 386 29.03 -20.84 5.80
N SER B 19 -18.86 -4.29 -42.68
CA SER B 19 -19.54 -5.38 -41.98
C SER B 19 -20.49 -4.83 -40.92
N HIS B 20 -21.61 -5.56 -40.67
CA HIS B 20 -22.65 -5.19 -39.71
C HIS B 20 -22.98 -6.39 -38.81
N MET B 21 -22.07 -6.68 -37.87
CA MET B 21 -22.19 -7.80 -36.94
C MET B 21 -23.48 -7.71 -36.13
N LYS B 22 -24.21 -8.84 -36.01
CA LYS B 22 -25.45 -8.93 -35.26
C LYS B 22 -25.68 -10.36 -34.77
N PHE B 23 -26.18 -10.51 -33.54
CA PHE B 23 -26.52 -11.82 -32.98
C PHE B 23 -27.50 -11.68 -31.81
N THR B 24 -28.39 -12.67 -31.65
CA THR B 24 -29.36 -12.73 -30.55
C THR B 24 -29.14 -14.08 -29.86
N VAL B 25 -28.98 -14.07 -28.53
CA VAL B 25 -28.67 -15.27 -27.77
C VAL B 25 -29.21 -15.21 -26.33
N GLU B 26 -29.45 -16.38 -25.71
CA GLU B 26 -29.91 -16.46 -24.32
C GLU B 26 -28.78 -16.01 -23.40
N ARG B 27 -29.14 -15.46 -22.24
CA ARG B 27 -28.18 -15.00 -21.23
C ARG B 27 -27.33 -16.17 -20.70
N GLU B 28 -27.94 -17.34 -20.47
CA GLU B 28 -27.26 -18.51 -19.92
C GLU B 28 -26.24 -19.12 -20.86
N HIS B 29 -26.45 -18.97 -22.18
CA HIS B 29 -25.49 -19.46 -23.18
C HIS B 29 -24.28 -18.52 -23.35
N LEU B 30 -24.33 -17.30 -22.76
CA LEU B 30 -23.26 -16.29 -22.85
C LEU B 30 -22.44 -16.15 -21.56
N LEU B 31 -23.00 -16.45 -20.36
CA LEU B 31 -22.31 -16.25 -19.08
C LEU B 31 -20.98 -16.97 -18.92
N LYS B 32 -20.96 -18.31 -18.87
CA LYS B 32 -19.70 -19.04 -18.67
C LYS B 32 -18.73 -18.72 -19.81
N PRO B 33 -19.15 -18.74 -21.10
CA PRO B 33 -18.24 -18.30 -22.17
C PRO B 33 -17.60 -16.93 -21.93
N LEU B 34 -18.39 -15.93 -21.45
CA LEU B 34 -17.88 -14.60 -21.15
C LEU B 34 -16.99 -14.58 -19.92
N GLN B 35 -17.41 -15.28 -18.85
CA GLN B 35 -16.67 -15.38 -17.58
C GLN B 35 -15.29 -16.01 -17.79
N GLN B 36 -15.19 -17.04 -18.65
CA GLN B 36 -13.94 -17.74 -18.89
C GLN B 36 -12.98 -16.91 -19.76
N VAL B 37 -13.48 -16.25 -20.83
CA VAL B 37 -12.62 -15.45 -21.71
C VAL B 37 -12.18 -14.13 -21.05
N SER B 38 -13.03 -13.54 -20.18
CA SER B 38 -12.70 -12.28 -19.47
C SER B 38 -11.82 -12.48 -18.21
N GLY B 39 -11.50 -13.72 -17.86
CA GLY B 39 -10.64 -14.08 -16.73
C GLY B 39 -9.37 -13.28 -16.55
N PRO B 40 -8.49 -13.20 -17.57
CA PRO B 40 -7.25 -12.41 -17.42
C PRO B 40 -7.51 -10.91 -17.42
N PRO B 45 -4.51 -3.60 -17.99
CA PRO B 45 -4.69 -2.31 -18.68
C PRO B 45 -3.39 -1.70 -19.20
N THR B 46 -2.43 -2.55 -19.67
CA THR B 46 -1.17 -2.00 -20.20
C THR B 46 -1.44 -1.34 -21.57
N LEU B 47 -1.99 -2.12 -22.50
CA LEU B 47 -2.38 -1.69 -23.85
C LEU B 47 -3.94 -1.69 -23.85
N PRO B 48 -4.65 -0.58 -24.21
CA PRO B 48 -6.13 -0.58 -24.13
C PRO B 48 -6.90 -1.78 -24.71
N ILE B 49 -6.44 -2.33 -25.85
CA ILE B 49 -7.14 -3.44 -26.50
C ILE B 49 -7.08 -4.76 -25.68
N LEU B 50 -6.12 -4.92 -24.75
CA LEU B 50 -6.04 -6.12 -23.90
C LEU B 50 -7.18 -6.23 -22.90
N GLY B 51 -7.83 -5.09 -22.59
CA GLY B 51 -9.00 -5.07 -21.71
C GLY B 51 -10.31 -5.39 -22.43
N ASN B 52 -10.26 -5.68 -23.76
CA ASN B 52 -11.42 -5.97 -24.59
C ASN B 52 -11.49 -7.44 -25.00
N LEU B 53 -12.68 -7.89 -25.44
CA LEU B 53 -12.91 -9.23 -26.00
C LEU B 53 -13.14 -9.09 -27.47
N LEU B 54 -12.51 -9.94 -28.29
CA LEU B 54 -12.75 -9.93 -29.74
C LEU B 54 -13.96 -10.81 -30.01
N LEU B 55 -15.05 -10.23 -30.54
CA LEU B 55 -16.27 -10.97 -30.87
C LEU B 55 -16.28 -11.17 -32.36
N GLN B 56 -16.56 -12.41 -32.84
CA GLN B 56 -16.60 -12.73 -34.27
C GLN B 56 -17.81 -13.60 -34.55
N VAL B 57 -18.67 -13.20 -35.48
CA VAL B 57 -19.85 -13.96 -35.91
C VAL B 57 -19.55 -14.52 -37.30
N ALA B 58 -19.65 -15.85 -37.49
CA ALA B 58 -19.38 -16.50 -38.78
C ALA B 58 -19.89 -17.94 -38.82
N ASP B 59 -20.81 -18.24 -39.76
CA ASP B 59 -21.37 -19.59 -39.99
C ASP B 59 -22.02 -20.20 -38.74
N GLY B 60 -23.01 -19.52 -38.20
CA GLY B 60 -23.75 -19.98 -37.02
C GLY B 60 -22.93 -20.15 -35.76
N THR B 61 -21.86 -19.34 -35.59
CA THR B 61 -20.99 -19.42 -34.41
C THR B 61 -20.51 -18.04 -33.96
N LEU B 62 -20.62 -17.76 -32.66
CA LEU B 62 -20.10 -16.53 -32.05
C LEU B 62 -18.83 -16.96 -31.32
N SER B 63 -17.69 -16.36 -31.65
CA SER B 63 -16.42 -16.67 -30.99
C SER B 63 -15.99 -15.47 -30.14
N LEU B 64 -15.69 -15.71 -28.86
CA LEU B 64 -15.26 -14.67 -27.92
C LEU B 64 -13.79 -14.95 -27.59
N THR B 65 -12.90 -13.93 -27.67
CA THR B 65 -11.47 -14.14 -27.38
C THR B 65 -10.89 -13.03 -26.52
N GLY B 66 -10.14 -13.42 -25.49
CA GLY B 66 -9.42 -12.51 -24.60
C GLY B 66 -7.97 -12.89 -24.54
N THR B 67 -7.07 -11.91 -24.33
CA THR B 67 -5.62 -12.17 -24.26
C THR B 67 -4.88 -11.08 -23.47
N ASP B 68 -3.69 -11.45 -22.94
CA ASP B 68 -2.79 -10.52 -22.24
C ASP B 68 -1.40 -10.51 -22.92
N LEU B 69 -1.30 -11.08 -24.16
CA LEU B 69 -0.10 -11.29 -24.98
C LEU B 69 0.66 -12.58 -24.59
N GLU B 70 0.59 -13.06 -23.32
CA GLU B 70 1.26 -14.30 -22.89
C GLU B 70 0.31 -15.51 -23.03
N MET B 71 -0.99 -15.32 -22.75
CA MET B 71 -1.99 -16.38 -22.89
C MET B 71 -3.27 -15.89 -23.53
N GLU B 72 -4.10 -16.82 -23.98
CA GLU B 72 -5.33 -16.51 -24.69
C GLU B 72 -6.39 -17.58 -24.44
N MET B 73 -7.65 -17.16 -24.24
CA MET B 73 -8.79 -18.06 -24.06
C MET B 73 -9.78 -17.74 -25.18
N VAL B 74 -10.21 -18.78 -25.93
CA VAL B 74 -11.18 -18.68 -27.04
C VAL B 74 -12.41 -19.52 -26.67
N ALA B 75 -13.62 -18.94 -26.72
CA ALA B 75 -14.86 -19.65 -26.43
C ALA B 75 -15.79 -19.56 -27.63
N ARG B 76 -16.46 -20.68 -28.00
CA ARG B 76 -17.39 -20.75 -29.14
C ARG B 76 -18.82 -20.96 -28.66
N VAL B 77 -19.76 -20.12 -29.10
CA VAL B 77 -21.17 -20.20 -28.72
C VAL B 77 -21.96 -20.34 -30.03
N ALA B 78 -22.79 -21.38 -30.16
CA ALA B 78 -23.55 -21.62 -31.39
C ALA B 78 -24.79 -20.73 -31.43
N LEU B 79 -25.06 -20.14 -32.61
CA LEU B 79 -26.17 -19.21 -32.82
C LEU B 79 -27.35 -19.88 -33.55
N VAL B 80 -28.47 -20.07 -32.83
CA VAL B 80 -29.69 -20.68 -33.37
C VAL B 80 -30.59 -19.64 -34.05
N GLN B 81 -30.69 -18.42 -33.48
CA GLN B 81 -31.50 -17.33 -34.04
C GLN B 81 -30.78 -16.61 -35.18
N PRO B 82 -31.49 -15.79 -36.00
CA PRO B 82 -30.80 -15.09 -37.12
C PRO B 82 -29.67 -14.18 -36.68
N HIS B 83 -28.63 -14.10 -37.51
CA HIS B 83 -27.43 -13.31 -37.23
C HIS B 83 -26.78 -12.82 -38.52
N GLU B 84 -25.93 -11.79 -38.41
CA GLU B 84 -25.17 -11.23 -39.53
C GLU B 84 -23.70 -11.30 -39.17
N PRO B 85 -22.81 -11.72 -40.10
CA PRO B 85 -21.39 -11.83 -39.74
C PRO B 85 -20.65 -10.51 -39.64
N GLY B 86 -19.52 -10.54 -38.96
CA GLY B 86 -18.66 -9.38 -38.74
C GLY B 86 -17.84 -9.56 -37.48
N ALA B 87 -17.03 -8.55 -37.13
CA ALA B 87 -16.19 -8.62 -35.94
C ALA B 87 -15.89 -7.25 -35.32
N THR B 88 -15.68 -7.26 -34.00
CA THR B 88 -15.35 -6.06 -33.22
C THR B 88 -14.76 -6.48 -31.88
N THR B 89 -14.27 -5.51 -31.09
CA THR B 89 -13.77 -5.77 -29.75
C THR B 89 -14.52 -4.85 -28.79
N VAL B 90 -14.87 -5.36 -27.60
CA VAL B 90 -15.62 -4.61 -26.58
C VAL B 90 -15.07 -4.82 -25.19
N PRO B 91 -15.24 -3.84 -24.27
CA PRO B 91 -14.75 -4.03 -22.88
C PRO B 91 -15.24 -5.34 -22.28
N ALA B 92 -14.29 -6.18 -21.83
CA ALA B 92 -14.55 -7.52 -21.30
C ALA B 92 -15.36 -7.51 -20.02
N ARG B 93 -14.92 -6.75 -19.02
CA ARG B 93 -15.56 -6.71 -17.72
C ARG B 93 -16.97 -6.11 -17.78
N LYS B 94 -17.15 -4.97 -18.48
CA LYS B 94 -18.46 -4.31 -18.58
C LYS B 94 -19.47 -5.18 -19.31
N PHE B 95 -19.07 -5.83 -20.42
CA PHE B 95 -19.97 -6.68 -21.21
C PHE B 95 -20.40 -7.91 -20.41
N PHE B 96 -19.49 -8.50 -19.62
CA PHE B 96 -19.82 -9.65 -18.77
C PHE B 96 -20.75 -9.20 -17.63
N ASP B 97 -20.44 -8.06 -16.99
CA ASP B 97 -21.27 -7.51 -15.90
C ASP B 97 -22.68 -7.16 -16.38
N ILE B 98 -22.81 -6.69 -17.63
CA ILE B 98 -24.12 -6.37 -18.24
C ILE B 98 -24.92 -7.66 -18.37
N CYS B 99 -24.34 -8.69 -19.02
CA CYS B 99 -24.97 -9.99 -19.21
C CYS B 99 -25.31 -10.68 -17.88
N ARG B 100 -24.41 -10.59 -16.89
CA ARG B 100 -24.63 -11.17 -15.55
C ARG B 100 -25.75 -10.45 -14.81
N GLY B 101 -25.81 -9.12 -14.93
CA GLY B 101 -26.82 -8.30 -14.28
C GLY B 101 -28.23 -8.45 -14.82
N LEU B 102 -28.38 -8.92 -16.08
CA LEU B 102 -29.71 -9.10 -16.69
C LEU B 102 -30.48 -10.26 -16.03
N PRO B 103 -31.82 -10.23 -16.03
CA PRO B 103 -32.58 -11.28 -15.33
C PRO B 103 -32.39 -12.69 -15.88
N GLU B 104 -32.63 -13.70 -15.04
CA GLU B 104 -32.46 -15.10 -15.45
C GLU B 104 -33.48 -15.45 -16.55
N GLY B 105 -32.96 -15.94 -17.67
CA GLY B 105 -33.74 -16.30 -18.84
C GLY B 105 -33.81 -15.21 -19.90
N ALA B 106 -33.05 -14.11 -19.71
CA ALA B 106 -33.05 -12.96 -20.63
C ALA B 106 -32.52 -13.29 -22.02
N GLU B 107 -33.06 -12.58 -23.04
CA GLU B 107 -32.66 -12.71 -24.43
C GLU B 107 -31.82 -11.48 -24.75
N ILE B 108 -30.52 -11.68 -25.03
CA ILE B 108 -29.57 -10.58 -25.27
C ILE B 108 -29.35 -10.36 -26.76
N ALA B 109 -29.92 -9.28 -27.30
CA ALA B 109 -29.76 -8.89 -28.71
C ALA B 109 -28.57 -7.95 -28.83
N VAL B 110 -27.56 -8.34 -29.60
CA VAL B 110 -26.32 -7.56 -29.78
C VAL B 110 -26.17 -7.15 -31.24
N GLN B 111 -25.72 -5.90 -31.50
CA GLN B 111 -25.48 -5.44 -32.86
C GLN B 111 -24.53 -4.24 -32.91
N LEU B 112 -23.67 -4.20 -33.94
CA LEU B 112 -22.69 -3.13 -34.13
C LEU B 112 -23.34 -1.95 -34.86
N GLU B 113 -23.30 -0.75 -34.25
CA GLU B 113 -23.86 0.48 -34.81
C GLU B 113 -22.73 1.51 -34.92
N GLY B 114 -22.08 1.54 -36.07
CA GLY B 114 -20.96 2.44 -36.32
C GLY B 114 -19.77 2.00 -35.49
N GLU B 115 -19.32 2.87 -34.57
CA GLU B 115 -18.21 2.59 -33.67
C GLU B 115 -18.70 2.25 -32.23
N ARG B 116 -19.93 1.72 -32.09
CA ARG B 116 -20.52 1.29 -30.80
C ARG B 116 -21.16 -0.09 -30.94
N MET B 117 -20.99 -0.97 -29.93
CA MET B 117 -21.68 -2.25 -29.93
C MET B 117 -22.87 -2.11 -29.00
N LEU B 118 -24.10 -2.23 -29.53
CA LEU B 118 -25.32 -2.08 -28.75
C LEU B 118 -25.73 -3.43 -28.18
N VAL B 119 -26.07 -3.45 -26.88
CA VAL B 119 -26.55 -4.65 -26.17
C VAL B 119 -27.98 -4.29 -25.72
N ARG B 120 -28.99 -5.06 -26.17
CA ARG B 120 -30.39 -4.83 -25.83
C ARG B 120 -31.04 -6.08 -25.25
N SER B 121 -31.88 -5.90 -24.23
CA SER B 121 -32.60 -7.01 -23.59
C SER B 121 -33.78 -6.43 -22.81
N GLY B 122 -35.00 -6.69 -23.28
CA GLY B 122 -36.21 -6.13 -22.69
C GLY B 122 -36.23 -4.64 -22.94
N ARG B 123 -36.19 -3.83 -21.85
CA ARG B 123 -36.11 -2.38 -21.93
C ARG B 123 -34.81 -1.87 -21.30
N SER B 124 -33.76 -2.71 -21.35
CA SER B 124 -32.41 -2.38 -20.89
C SER B 124 -31.58 -2.21 -22.18
N ARG B 125 -30.92 -1.06 -22.34
CA ARG B 125 -30.14 -0.73 -23.53
C ARG B 125 -28.75 -0.25 -23.09
N PHE B 126 -27.69 -0.82 -23.69
CA PHE B 126 -26.31 -0.45 -23.38
C PHE B 126 -25.51 -0.22 -24.64
N SER B 127 -24.91 0.98 -24.78
CA SER B 127 -24.08 1.33 -25.92
C SER B 127 -22.62 1.26 -25.43
N LEU B 128 -21.85 0.28 -25.91
CA LEU B 128 -20.46 0.07 -25.51
C LEU B 128 -19.49 0.60 -26.55
N SER B 129 -18.32 1.07 -26.10
CA SER B 129 -17.27 1.59 -26.99
C SER B 129 -16.55 0.41 -27.61
N THR B 130 -15.96 0.61 -28.79
CA THR B 130 -15.23 -0.45 -29.48
C THR B 130 -13.88 0.03 -29.99
N LEU B 131 -13.01 -0.95 -30.27
CA LEU B 131 -11.72 -0.77 -30.90
C LEU B 131 -11.71 -1.76 -32.08
N PRO B 132 -11.02 -1.49 -33.21
CA PRO B 132 -11.11 -2.42 -34.35
C PRO B 132 -10.66 -3.85 -34.10
N ALA B 133 -11.34 -4.82 -34.75
CA ALA B 133 -11.01 -6.25 -34.66
C ALA B 133 -9.63 -6.52 -35.31
N ALA B 134 -9.24 -5.70 -36.31
CA ALA B 134 -7.94 -5.81 -36.98
C ALA B 134 -6.78 -5.50 -36.01
N ASP B 135 -7.01 -4.60 -35.03
CA ASP B 135 -6.00 -4.21 -34.03
C ASP B 135 -5.86 -5.24 -32.88
N PHE B 136 -6.71 -6.28 -32.81
CA PHE B 136 -6.63 -7.28 -31.73
C PHE B 136 -5.38 -8.15 -31.87
N PRO B 137 -4.59 -8.38 -30.78
CA PRO B 137 -3.40 -9.23 -30.92
C PRO B 137 -3.74 -10.72 -30.89
N ASN B 138 -3.03 -11.50 -31.70
CA ASN B 138 -3.22 -12.95 -31.79
C ASN B 138 -1.87 -13.64 -31.51
N LEU B 139 -1.89 -14.75 -30.76
CA LEU B 139 -0.65 -15.50 -30.48
C LEU B 139 -0.12 -16.03 -31.81
N ASP B 140 1.19 -15.92 -32.04
CA ASP B 140 1.82 -16.37 -33.30
C ASP B 140 1.63 -17.88 -33.44
N ASP B 141 1.37 -18.36 -34.67
CA ASP B 141 1.13 -19.78 -34.94
C ASP B 141 2.31 -20.67 -34.57
N TRP B 142 2.00 -21.90 -34.14
CA TRP B 142 2.98 -22.90 -33.69
C TRP B 142 2.48 -24.30 -34.04
N GLN B 143 3.37 -25.29 -33.96
CA GLN B 143 3.05 -26.68 -34.27
C GLN B 143 3.19 -27.55 -33.02
N SER B 144 2.19 -28.42 -32.80
CA SER B 144 2.17 -29.31 -31.63
C SER B 144 3.15 -30.47 -31.81
N GLU B 145 3.92 -30.77 -30.75
CA GLU B 145 4.89 -31.87 -30.72
C GLU B 145 4.31 -33.06 -29.94
N VAL B 146 3.69 -32.79 -28.77
CA VAL B 146 3.03 -33.80 -27.93
C VAL B 146 1.52 -33.55 -27.96
N GLU B 147 0.71 -34.62 -27.84
CA GLU B 147 -0.75 -34.49 -27.83
C GLU B 147 -1.39 -35.67 -27.11
N PHE B 148 -2.35 -35.39 -26.21
CA PHE B 148 -3.05 -36.43 -25.45
C PHE B 148 -4.35 -35.88 -24.85
N THR B 149 -5.19 -36.79 -24.32
CA THR B 149 -6.45 -36.44 -23.66
C THR B 149 -6.52 -37.12 -22.29
N LEU B 150 -7.20 -36.48 -21.34
CA LEU B 150 -7.34 -37.01 -19.97
C LEU B 150 -8.58 -36.42 -19.29
N PRO B 151 -9.14 -37.04 -18.23
CA PRO B 151 -10.28 -36.42 -17.54
C PRO B 151 -9.87 -35.11 -16.87
N GLN B 152 -10.83 -34.17 -16.71
CA GLN B 152 -10.55 -32.87 -16.10
C GLN B 152 -10.16 -33.01 -14.63
N ALA B 153 -10.74 -34.01 -13.92
CA ALA B 153 -10.43 -34.30 -12.52
C ALA B 153 -8.97 -34.75 -12.34
N THR B 154 -8.41 -35.48 -13.32
CA THR B 154 -7.01 -35.93 -13.30
C THR B 154 -6.08 -34.72 -13.40
N MET B 155 -6.42 -33.76 -14.29
CA MET B 155 -5.64 -32.53 -14.43
C MET B 155 -5.80 -31.63 -13.20
N LYS B 156 -7.02 -31.58 -12.61
CA LYS B 156 -7.28 -30.79 -11.40
C LYS B 156 -6.44 -31.33 -10.26
N ARG B 157 -6.47 -32.66 -10.03
CA ARG B 157 -5.68 -33.36 -9.01
C ARG B 157 -4.17 -33.06 -9.21
N LEU B 158 -3.67 -33.18 -10.44
CA LEU B 158 -2.25 -32.91 -10.75
C LEU B 158 -1.83 -31.48 -10.37
N ILE B 159 -2.67 -30.48 -10.69
CA ILE B 159 -2.37 -29.08 -10.37
C ILE B 159 -2.57 -28.82 -8.87
N GLU B 160 -3.73 -29.21 -8.32
CA GLU B 160 -4.04 -29.03 -6.89
C GLU B 160 -2.96 -29.63 -5.98
N ALA B 161 -2.47 -30.83 -6.33
CA ALA B 161 -1.44 -31.50 -5.53
C ALA B 161 -0.10 -30.77 -5.51
N THR B 162 0.26 -29.95 -6.52
CA THR B 162 1.58 -29.29 -6.54
C THR B 162 1.57 -27.75 -6.66
N GLN B 163 0.42 -27.09 -6.91
CA GLN B 163 0.33 -25.62 -7.09
C GLN B 163 0.92 -24.80 -5.94
N PHE B 164 0.67 -25.20 -4.69
CA PHE B 164 1.15 -24.47 -3.50
C PHE B 164 2.68 -24.38 -3.40
N SER B 165 3.43 -25.35 -3.96
CA SER B 165 4.91 -25.35 -3.92
C SER B 165 5.58 -24.46 -4.97
N MET B 166 4.84 -23.86 -5.91
CA MET B 166 5.42 -22.97 -6.92
C MET B 166 5.97 -21.72 -6.23
N ALA B 167 7.06 -21.15 -6.78
CA ALA B 167 7.63 -19.91 -6.23
C ALA B 167 6.81 -18.72 -6.74
N HIS B 168 6.88 -17.58 -6.05
CA HIS B 168 6.18 -16.36 -6.43
C HIS B 168 7.17 -15.19 -6.40
N GLN B 169 7.35 -14.51 -7.56
CA GLN B 169 8.29 -13.38 -7.74
C GLN B 169 9.74 -13.74 -7.36
N ASP B 170 10.13 -15.01 -7.57
CA ASP B 170 11.50 -15.47 -7.29
C ASP B 170 12.40 -14.93 -8.42
N VAL B 171 13.63 -14.53 -8.08
CA VAL B 171 14.61 -14.05 -9.06
C VAL B 171 14.91 -15.15 -10.10
N ARG B 172 14.85 -16.42 -9.68
CA ARG B 172 15.00 -17.59 -10.56
C ARG B 172 13.64 -17.77 -11.25
N TYR B 173 13.37 -16.96 -12.30
CA TYR B 173 12.10 -16.92 -13.05
C TYR B 173 11.53 -18.30 -13.43
N TYR B 174 12.40 -19.29 -13.71
CA TYR B 174 11.94 -20.64 -14.06
C TYR B 174 11.19 -21.35 -12.91
N LEU B 175 11.39 -20.93 -11.63
CA LEU B 175 10.66 -21.48 -10.48
C LEU B 175 9.26 -20.88 -10.33
N ASN B 176 8.96 -19.74 -11.02
CA ASN B 176 7.65 -19.07 -10.99
C ASN B 176 6.75 -19.74 -12.05
N GLY B 177 6.46 -21.01 -11.80
CA GLY B 177 5.68 -21.83 -12.71
C GLY B 177 5.68 -23.28 -12.30
N MET B 178 5.00 -24.11 -13.09
CA MET B 178 4.88 -25.54 -12.82
C MET B 178 5.44 -26.30 -14.00
N LEU B 179 6.25 -27.33 -13.74
CA LEU B 179 6.79 -28.17 -14.80
C LEU B 179 5.78 -29.25 -15.14
N PHE B 180 5.41 -29.35 -16.41
CA PHE B 180 4.48 -30.38 -16.93
C PHE B 180 5.38 -31.34 -17.69
N GLU B 181 5.38 -32.62 -17.31
CA GLU B 181 6.28 -33.61 -17.90
C GLU B 181 5.56 -34.91 -18.29
N THR B 182 5.76 -35.36 -19.53
CA THR B 182 5.19 -36.60 -20.05
C THR B 182 6.32 -37.64 -20.15
N GLU B 183 6.05 -38.88 -19.72
CA GLU B 183 7.03 -39.97 -19.78
C GLU B 183 6.31 -41.31 -19.65
N GLY B 184 6.49 -42.18 -20.64
CA GLY B 184 5.86 -43.48 -20.67
C GLY B 184 4.36 -43.33 -20.89
N GLU B 185 3.55 -43.68 -19.87
CA GLU B 185 2.10 -43.54 -19.90
C GLU B 185 1.60 -42.60 -18.78
N GLU B 186 2.49 -41.75 -18.23
CA GLU B 186 2.16 -40.85 -17.13
C GLU B 186 2.40 -39.37 -17.46
N LEU B 187 1.51 -38.50 -16.95
CA LEU B 187 1.65 -37.04 -17.01
C LEU B 187 2.04 -36.65 -15.58
N ARG B 188 3.11 -35.88 -15.42
CA ARG B 188 3.61 -35.45 -14.12
C ARG B 188 3.71 -33.93 -14.03
N THR B 189 3.39 -33.38 -12.86
CA THR B 189 3.52 -31.96 -12.56
C THR B 189 4.55 -31.81 -11.46
N VAL B 190 5.48 -30.84 -11.58
CA VAL B 190 6.48 -30.58 -10.54
C VAL B 190 6.48 -29.09 -10.23
N ALA B 191 6.59 -28.73 -8.96
CA ALA B 191 6.61 -27.33 -8.53
C ALA B 191 7.53 -27.19 -7.32
N THR B 192 8.41 -26.18 -7.32
CA THR B 192 9.34 -25.93 -6.21
C THR B 192 9.79 -24.47 -6.15
N ASP B 193 10.21 -24.03 -4.94
CA ASP B 193 10.71 -22.68 -4.67
C ASP B 193 12.13 -22.70 -4.06
N GLY B 194 12.81 -23.86 -4.09
CA GLY B 194 14.13 -24.03 -3.52
C GLY B 194 14.15 -24.55 -2.10
N HIS B 195 13.05 -24.35 -1.32
CA HIS B 195 12.91 -24.82 0.05
C HIS B 195 12.08 -26.10 0.13
N ARG B 196 10.96 -26.16 -0.61
CA ARG B 196 10.08 -27.32 -0.64
C ARG B 196 9.70 -27.67 -2.08
N LEU B 197 9.41 -28.95 -2.33
CA LEU B 197 9.09 -29.46 -3.66
C LEU B 197 7.87 -30.37 -3.60
N ALA B 198 7.08 -30.37 -4.67
CA ALA B 198 5.90 -31.21 -4.79
C ALA B 198 5.90 -31.85 -6.16
N VAL B 199 5.68 -33.18 -6.21
CA VAL B 199 5.64 -33.93 -7.46
C VAL B 199 4.43 -34.86 -7.44
N CYS B 200 3.57 -34.77 -8.48
CA CYS B 200 2.36 -35.60 -8.61
C CYS B 200 2.35 -36.24 -10.01
N SER B 201 2.20 -37.58 -10.09
CA SER B 201 2.16 -38.33 -11.34
C SER B 201 0.84 -39.05 -11.44
N MET B 202 0.21 -39.04 -12.62
CA MET B 202 -1.07 -39.71 -12.86
C MET B 202 -1.04 -40.47 -14.19
N PRO B 203 -1.47 -41.74 -14.24
CA PRO B 203 -1.46 -42.48 -15.51
C PRO B 203 -2.64 -42.09 -16.40
N SER B 207 0.73 -44.19 -24.73
CA SER B 207 2.17 -44.00 -24.85
C SER B 207 2.48 -42.55 -25.23
N LEU B 208 3.19 -41.82 -24.35
CA LEU B 208 3.59 -40.42 -24.56
C LEU B 208 5.10 -40.30 -24.78
N PRO B 209 5.57 -39.29 -25.55
CA PRO B 209 7.02 -39.11 -25.71
C PRO B 209 7.62 -38.40 -24.50
N SER B 210 8.94 -38.46 -24.34
CA SER B 210 9.63 -37.80 -23.24
C SER B 210 9.73 -36.30 -23.51
N HIS B 211 8.87 -35.50 -22.87
CA HIS B 211 8.83 -34.05 -23.05
C HIS B 211 8.59 -33.37 -21.70
N SER B 212 9.31 -32.26 -21.43
CA SER B 212 9.17 -31.50 -20.18
C SER B 212 9.15 -29.99 -20.47
N VAL B 213 8.08 -29.29 -19.99
CA VAL B 213 7.91 -27.85 -20.21
C VAL B 213 7.48 -27.15 -18.92
N ILE B 214 7.79 -25.85 -18.81
CA ILE B 214 7.44 -25.02 -17.65
C ILE B 214 6.26 -24.12 -18.03
N VAL B 215 5.10 -24.34 -17.40
CA VAL B 215 3.91 -23.52 -17.64
C VAL B 215 3.98 -22.35 -16.63
N PRO B 216 3.85 -21.07 -17.08
CA PRO B 216 3.91 -19.95 -16.12
C PRO B 216 2.83 -20.02 -15.05
N ARG B 217 3.13 -19.40 -13.90
CA ARG B 217 2.25 -19.29 -12.73
C ARG B 217 0.82 -18.90 -13.11
N LYS B 218 0.69 -17.80 -13.86
CA LYS B 218 -0.60 -17.23 -14.24
C LYS B 218 -1.39 -18.19 -15.16
N GLY B 219 -0.66 -18.92 -15.99
CA GLY B 219 -1.24 -19.91 -16.89
C GLY B 219 -1.77 -21.12 -16.16
N VAL B 220 -1.11 -21.53 -15.05
CA VAL B 220 -1.54 -22.65 -14.21
C VAL B 220 -2.88 -22.30 -13.54
N ILE B 221 -3.03 -21.04 -13.11
CA ILE B 221 -4.26 -20.55 -12.48
C ILE B 221 -5.42 -20.50 -13.50
N GLU B 222 -5.17 -20.06 -14.76
CA GLU B 222 -6.19 -20.03 -15.80
C GLU B 222 -6.59 -21.44 -16.24
N LEU B 223 -5.61 -22.33 -16.36
CA LEU B 223 -5.83 -23.74 -16.73
C LEU B 223 -6.66 -24.43 -15.62
N MET B 224 -6.34 -24.16 -14.35
CA MET B 224 -7.05 -24.70 -13.18
C MET B 224 -8.50 -24.17 -13.10
N ARG B 225 -8.69 -22.87 -13.34
CA ARG B 225 -10.00 -22.20 -13.28
C ARG B 225 -11.00 -22.68 -14.36
N MET B 226 -10.50 -23.20 -15.50
CA MET B 226 -11.37 -23.69 -16.58
C MET B 226 -11.87 -25.16 -16.40
N LEU B 227 -11.41 -25.89 -15.36
CA LEU B 227 -11.79 -27.29 -15.16
C LEU B 227 -13.05 -27.48 -14.32
N ASP B 228 -13.89 -28.49 -14.69
CA ASP B 228 -15.14 -28.81 -14.01
C ASP B 228 -15.07 -30.23 -13.42
N ASN B 232 -15.59 -34.57 -17.47
CA ASN B 232 -15.64 -35.04 -18.85
C ASN B 232 -14.26 -34.77 -19.54
N PRO B 233 -13.98 -34.84 -20.89
CA PRO B 233 -12.57 -34.80 -21.30
C PRO B 233 -11.92 -33.44 -21.52
N LEU B 234 -10.59 -33.43 -21.42
CA LEU B 234 -9.70 -32.29 -21.63
C LEU B 234 -8.62 -32.77 -22.58
N ARG B 235 -8.41 -32.09 -23.73
CA ARG B 235 -7.34 -32.43 -24.66
C ARG B 235 -6.20 -31.45 -24.44
N VAL B 236 -4.95 -31.94 -24.46
CA VAL B 236 -3.78 -31.09 -24.25
C VAL B 236 -2.82 -31.27 -25.41
N GLN B 237 -2.30 -30.14 -25.94
CA GLN B 237 -1.30 -30.11 -27.01
C GLN B 237 -0.12 -29.32 -26.46
N ILE B 238 1.10 -29.86 -26.53
CA ILE B 238 2.30 -29.18 -26.05
C ILE B 238 3.29 -29.03 -27.19
N GLY B 239 3.82 -27.81 -27.35
CA GLY B 239 4.81 -27.46 -28.36
C GLY B 239 6.13 -27.09 -27.70
N SER B 240 7.06 -26.50 -28.48
CA SER B 240 8.36 -26.10 -27.91
C SER B 240 8.25 -24.83 -27.06
N ASN B 241 7.39 -23.86 -27.45
CA ASN B 241 7.20 -22.61 -26.72
C ASN B 241 5.74 -22.33 -26.31
N ASN B 242 4.80 -23.29 -26.52
CA ASN B 242 3.37 -23.08 -26.18
C ASN B 242 2.69 -24.35 -25.68
N ILE B 243 1.59 -24.18 -24.91
CA ILE B 243 0.74 -25.26 -24.41
C ILE B 243 -0.72 -24.87 -24.65
N ARG B 244 -1.57 -25.83 -25.05
CA ARG B 244 -2.99 -25.58 -25.32
C ARG B 244 -3.86 -26.58 -24.55
N ALA B 245 -5.04 -26.13 -24.10
CA ALA B 245 -5.99 -26.96 -23.36
C ALA B 245 -7.40 -26.76 -23.93
N HIS B 246 -8.06 -27.85 -24.36
CA HIS B 246 -9.43 -27.81 -24.90
C HIS B 246 -10.41 -28.42 -23.90
N VAL B 247 -11.36 -27.63 -23.38
CA VAL B 247 -12.41 -28.10 -22.47
C VAL B 247 -13.74 -27.72 -23.10
N GLY B 248 -14.52 -28.71 -23.52
CA GLY B 248 -15.81 -28.50 -24.15
C GLY B 248 -15.70 -27.59 -25.36
N ASP B 249 -16.29 -26.39 -25.25
CA ASP B 249 -16.25 -25.38 -26.32
C ASP B 249 -15.19 -24.28 -26.07
N PHE B 250 -14.26 -24.47 -25.09
CA PHE B 250 -13.18 -23.54 -24.76
C PHE B 250 -11.84 -24.00 -25.32
N ILE B 251 -10.93 -23.05 -25.58
CA ILE B 251 -9.57 -23.31 -26.05
C ILE B 251 -8.65 -22.31 -25.36
N PHE B 252 -7.87 -22.77 -24.35
CA PHE B 252 -6.92 -21.93 -23.63
C PHE B 252 -5.53 -22.20 -24.16
N THR B 253 -4.76 -21.15 -24.48
CA THR B 253 -3.38 -21.28 -24.97
C THR B 253 -2.48 -20.39 -24.13
N SER B 254 -1.27 -20.86 -23.78
CA SER B 254 -0.30 -20.09 -23.01
C SER B 254 1.12 -20.32 -23.50
N LYS B 255 1.96 -19.27 -23.42
CA LYS B 255 3.39 -19.37 -23.74
C LYS B 255 4.07 -20.11 -22.59
N LEU B 256 5.14 -20.86 -22.89
CA LEU B 256 5.89 -21.61 -21.88
C LEU B 256 7.07 -20.77 -21.38
N VAL B 257 7.49 -20.99 -20.12
CA VAL B 257 8.61 -20.23 -19.54
C VAL B 257 9.90 -20.79 -20.16
N ASP B 258 10.68 -19.92 -20.83
CA ASP B 258 11.92 -20.31 -21.51
C ASP B 258 13.11 -20.31 -20.54
N GLY B 259 13.19 -21.38 -19.76
CA GLY B 259 14.25 -21.60 -18.79
C GLY B 259 14.47 -23.09 -18.52
N ARG B 260 15.49 -23.43 -17.70
CA ARG B 260 15.81 -24.82 -17.35
C ARG B 260 15.33 -25.14 -15.94
N PHE B 261 14.35 -26.04 -15.82
CA PHE B 261 13.80 -26.43 -14.53
C PHE B 261 14.78 -27.38 -13.81
N PRO B 262 14.98 -27.26 -12.48
CA PRO B 262 15.91 -28.19 -11.79
C PRO B 262 15.46 -29.66 -11.81
N ASP B 263 16.42 -30.60 -11.68
CA ASP B 263 16.11 -32.04 -11.68
C ASP B 263 15.43 -32.47 -10.37
N TYR B 264 14.14 -32.89 -10.46
CA TYR B 264 13.35 -33.34 -9.29
C TYR B 264 13.82 -34.68 -8.72
N ARG B 265 14.30 -35.62 -9.57
CA ARG B 265 14.79 -36.93 -9.11
C ARG B 265 16.01 -36.82 -8.21
N ARG B 266 16.90 -35.84 -8.45
CA ARG B 266 18.10 -35.66 -7.63
C ARG B 266 17.74 -35.15 -6.24
N VAL B 267 16.67 -34.35 -6.16
CA VAL B 267 16.15 -33.76 -4.92
C VAL B 267 15.50 -34.82 -4.00
N LEU B 268 14.83 -35.83 -4.58
CA LEU B 268 14.18 -36.90 -3.82
C LEU B 268 15.19 -37.62 -2.90
N PRO B 269 14.95 -37.70 -1.58
CA PRO B 269 15.87 -38.43 -0.70
C PRO B 269 16.23 -39.81 -1.25
N LYS B 270 17.52 -40.09 -1.35
CA LYS B 270 18.04 -41.33 -1.93
C LYS B 270 17.83 -42.55 -1.02
N ASN B 271 18.21 -42.41 0.26
CA ASN B 271 18.11 -43.49 1.25
C ASN B 271 17.47 -43.00 2.56
N PRO B 272 16.14 -42.74 2.53
CA PRO B 272 15.48 -42.30 3.77
C PRO B 272 15.14 -43.50 4.64
N ASP B 273 16.13 -43.93 5.44
CA ASP B 273 16.03 -45.09 6.33
C ASP B 273 14.99 -44.95 7.46
N LYS B 274 14.90 -43.76 8.07
CA LYS B 274 13.99 -43.49 9.20
C LYS B 274 12.56 -43.19 8.72
N HIS B 275 11.58 -44.06 9.05
CA HIS B 275 10.18 -43.93 8.62
C HIS B 275 9.24 -43.68 9.81
N LEU B 276 8.51 -42.54 9.79
CA LEU B 276 7.51 -42.19 10.80
C LEU B 276 6.13 -42.32 10.16
N GLU B 277 5.14 -42.80 10.92
CA GLU B 277 3.76 -42.91 10.44
C GLU B 277 2.81 -42.38 11.51
N ALA B 278 1.92 -41.45 11.13
CA ALA B 278 0.98 -40.84 12.07
C ALA B 278 -0.32 -40.42 11.39
N GLY B 279 -1.31 -40.08 12.20
CA GLY B 279 -2.60 -39.60 11.70
C GLY B 279 -2.43 -38.23 11.07
N CYS B 280 -2.91 -38.07 9.82
CA CYS B 280 -2.78 -36.82 9.06
C CYS B 280 -3.37 -35.63 9.83
N ASP B 281 -4.60 -35.78 10.35
CA ASP B 281 -5.27 -34.70 11.08
C ASP B 281 -4.61 -34.39 12.41
N LEU B 282 -4.35 -35.41 13.25
CA LEU B 282 -3.70 -35.22 14.56
C LEU B 282 -2.33 -34.55 14.42
N LEU B 283 -1.57 -34.91 13.38
CA LEU B 283 -0.27 -34.33 13.12
C LEU B 283 -0.45 -32.88 12.66
N LYS B 284 -1.46 -32.62 11.80
CA LYS B 284 -1.77 -31.27 11.30
C LYS B 284 -2.23 -30.34 12.42
N GLN B 285 -3.14 -30.81 13.29
CA GLN B 285 -3.63 -29.98 14.40
C GLN B 285 -2.51 -29.67 15.41
N ALA B 286 -1.55 -30.58 15.59
CA ALA B 286 -0.43 -30.35 16.50
C ALA B 286 0.53 -29.29 15.93
N PHE B 287 0.86 -29.37 14.62
CA PHE B 287 1.71 -28.38 13.96
C PHE B 287 1.02 -27.01 13.92
N ALA B 288 -0.31 -26.98 13.73
CA ALA B 288 -1.09 -25.73 13.71
C ALA B 288 -1.07 -25.05 15.08
N ARG B 289 -1.18 -25.84 16.16
CA ARG B 289 -1.12 -25.31 17.52
C ARG B 289 0.30 -24.86 17.87
N ALA B 290 1.31 -25.68 17.52
CA ALA B 290 2.71 -25.33 17.77
C ALA B 290 3.15 -24.05 17.05
N ALA B 291 2.62 -23.83 15.83
CA ALA B 291 2.91 -22.66 14.98
C ALA B 291 2.52 -21.32 15.59
N ILE B 292 1.55 -21.30 16.54
CA ILE B 292 1.11 -20.06 17.20
C ILE B 292 2.26 -19.35 17.92
N LEU B 293 3.12 -20.11 18.62
CA LEU B 293 4.26 -19.56 19.36
C LEU B 293 5.62 -19.76 18.65
N SER B 294 5.62 -19.86 17.32
CA SER B 294 6.85 -19.96 16.53
C SER B 294 7.19 -18.53 16.07
N ASN B 295 8.44 -18.31 15.62
CA ASN B 295 8.88 -16.99 15.14
C ASN B 295 7.99 -16.57 13.96
N GLU B 296 7.40 -15.36 14.00
CA GLU B 296 6.48 -14.89 12.94
C GLU B 296 7.13 -14.75 11.56
N LYS B 297 8.45 -14.49 11.51
CA LYS B 297 9.19 -14.32 10.26
C LYS B 297 9.73 -15.67 9.73
N PHE B 298 10.41 -16.44 10.59
CA PHE B 298 11.07 -17.69 10.21
C PHE B 298 10.20 -18.96 10.38
N ARG B 299 9.12 -18.91 11.18
CA ARG B 299 8.16 -20.01 11.37
C ARG B 299 8.80 -21.37 11.72
N GLY B 300 9.89 -21.34 12.47
CA GLY B 300 10.64 -22.55 12.82
C GLY B 300 10.06 -23.41 13.93
N VAL B 301 9.95 -24.73 13.69
CA VAL B 301 9.54 -25.72 14.70
C VAL B 301 10.62 -26.79 14.76
N ARG B 302 10.79 -27.42 15.93
CA ARG B 302 11.78 -28.46 16.15
C ARG B 302 11.05 -29.78 16.38
N LEU B 303 11.40 -30.83 15.60
CA LEU B 303 10.81 -32.16 15.71
C LEU B 303 11.80 -33.09 16.39
N TYR B 304 11.46 -33.65 17.56
CA TYR B 304 12.29 -34.67 18.22
C TYR B 304 11.53 -35.99 18.06
N VAL B 305 12.10 -36.95 17.33
CA VAL B 305 11.45 -38.22 17.09
C VAL B 305 12.18 -39.32 17.85
N SER B 306 11.40 -40.21 18.49
CA SER B 306 11.90 -41.33 19.29
C SER B 306 10.92 -42.50 19.19
N GLU B 307 11.22 -43.66 19.81
CA GLU B 307 10.37 -44.86 19.72
C GLU B 307 8.88 -44.56 19.88
N ASN B 308 8.12 -44.67 18.78
CA ASN B 308 6.67 -44.44 18.72
C ASN B 308 6.24 -43.09 19.32
N GLN B 309 7.04 -42.04 19.12
CA GLN B 309 6.74 -40.73 19.67
C GLN B 309 7.34 -39.59 18.85
N LEU B 310 6.61 -38.47 18.75
CA LEU B 310 7.05 -37.26 18.06
C LEU B 310 6.75 -36.07 18.97
N LYS B 311 7.78 -35.28 19.28
CA LYS B 311 7.62 -34.07 20.08
C LYS B 311 7.91 -32.88 19.19
N ILE B 312 6.93 -31.98 19.02
CA ILE B 312 7.08 -30.76 18.22
C ILE B 312 7.23 -29.61 19.22
N THR B 313 8.25 -28.74 19.04
CA THR B 313 8.48 -27.60 19.91
C THR B 313 8.65 -26.33 19.07
N ALA B 314 8.08 -25.20 19.53
CA ALA B 314 8.17 -23.91 18.85
C ALA B 314 8.55 -22.80 19.82
N ASN B 315 9.54 -21.96 19.46
CA ASN B 315 9.99 -20.84 20.29
C ASN B 315 9.97 -19.55 19.46
N ASN B 316 9.75 -18.40 20.12
CA ASN B 316 9.73 -17.08 19.48
C ASN B 316 10.59 -16.08 20.27
N PRO B 317 10.90 -14.86 19.75
CA PRO B 317 11.75 -13.93 20.52
C PRO B 317 11.17 -13.42 21.85
N GLU B 318 9.85 -13.58 22.10
CA GLU B 318 9.22 -13.20 23.37
C GLU B 318 9.44 -14.27 24.46
N GLN B 319 10.26 -15.32 24.19
CA GLN B 319 10.57 -16.42 25.11
C GLN B 319 9.33 -17.24 25.49
N GLU B 320 8.38 -17.38 24.54
CA GLU B 320 7.17 -18.18 24.71
C GLU B 320 7.47 -19.52 24.06
N GLU B 321 6.85 -20.60 24.55
CA GLU B 321 7.11 -21.93 24.00
C GLU B 321 5.85 -22.77 23.90
N ALA B 322 5.67 -23.45 22.76
CA ALA B 322 4.59 -24.40 22.52
C ALA B 322 5.25 -25.77 22.44
N GLU B 323 4.60 -26.81 22.99
CA GLU B 323 5.12 -28.17 22.96
C GLU B 323 3.99 -29.17 22.78
N GLU B 324 4.15 -30.10 21.83
CA GLU B 324 3.15 -31.13 21.51
C GLU B 324 3.83 -32.49 21.49
N ILE B 325 3.27 -33.50 22.17
CA ILE B 325 3.81 -34.86 22.16
C ILE B 325 2.70 -35.75 21.57
N LEU B 326 3.00 -36.48 20.48
CA LEU B 326 2.05 -37.33 19.78
C LEU B 326 2.47 -38.78 19.80
N ASP B 327 1.49 -39.70 19.66
CA ASP B 327 1.75 -41.12 19.51
C ASP B 327 1.84 -41.36 18.02
N VAL B 328 3.00 -41.82 17.55
CA VAL B 328 3.25 -42.13 16.13
C VAL B 328 3.80 -43.56 16.04
N THR B 329 4.06 -44.04 14.82
CA THR B 329 4.67 -45.35 14.58
C THR B 329 6.07 -45.05 14.10
N TYR B 330 7.08 -45.31 14.92
CA TYR B 330 8.47 -45.03 14.60
C TYR B 330 9.38 -46.00 15.31
N SER B 331 10.27 -46.69 14.56
CA SER B 331 11.22 -47.64 15.12
C SER B 331 12.70 -47.30 14.80
N GLY B 332 12.97 -46.15 14.18
CA GLY B 332 14.32 -45.73 13.84
C GLY B 332 15.10 -45.17 15.02
N ALA B 333 16.30 -44.63 14.74
CA ALA B 333 17.15 -44.02 15.77
C ALA B 333 16.60 -42.65 16.17
N GLU B 334 16.89 -42.21 17.40
CA GLU B 334 16.39 -40.93 17.88
C GLU B 334 17.10 -39.78 17.18
N MET B 335 16.34 -38.80 16.65
CA MET B 335 16.93 -37.64 15.97
C MET B 335 16.10 -36.37 16.18
N GLU B 336 16.75 -35.23 15.94
CA GLU B 336 16.16 -33.90 16.07
C GLU B 336 16.26 -33.22 14.71
N ILE B 337 15.21 -32.50 14.27
CA ILE B 337 15.23 -31.80 12.98
C ILE B 337 14.32 -30.57 12.99
N GLY B 338 14.81 -29.48 12.40
CA GLY B 338 14.08 -28.22 12.30
C GLY B 338 13.29 -28.10 11.03
N PHE B 339 12.17 -27.37 11.04
CA PHE B 339 11.33 -27.16 9.86
C PHE B 339 10.55 -25.89 9.93
N ASN B 340 10.24 -25.32 8.75
CA ASN B 340 9.35 -24.18 8.63
C ASN B 340 7.96 -24.83 8.74
N VAL B 341 7.20 -24.52 9.80
CA VAL B 341 5.91 -25.13 10.06
C VAL B 341 4.87 -24.87 8.95
N SER B 342 4.97 -23.73 8.23
CA SER B 342 4.03 -23.44 7.12
C SER B 342 4.20 -24.44 5.99
N TYR B 343 5.45 -24.79 5.64
CA TYR B 343 5.75 -25.75 4.58
C TYR B 343 5.23 -27.14 4.95
N VAL B 344 5.28 -27.54 6.25
CA VAL B 344 4.80 -28.84 6.70
C VAL B 344 3.27 -28.84 6.66
N LEU B 345 2.63 -27.77 7.18
CA LEU B 345 1.16 -27.63 7.18
C LEU B 345 0.60 -27.61 5.75
N ASP B 346 1.31 -26.97 4.80
CA ASP B 346 0.88 -26.90 3.40
C ASP B 346 0.82 -28.30 2.79
N VAL B 347 1.79 -29.16 3.15
CA VAL B 347 1.84 -30.55 2.68
C VAL B 347 0.73 -31.37 3.33
N LEU B 348 0.50 -31.22 4.64
CA LEU B 348 -0.55 -31.96 5.35
C LEU B 348 -1.96 -31.52 4.89
N ASN B 349 -2.13 -30.23 4.55
CA ASN B 349 -3.40 -29.70 4.01
C ASN B 349 -3.63 -30.24 2.59
N ALA B 350 -2.55 -30.38 1.80
CA ALA B 350 -2.64 -30.87 0.43
C ALA B 350 -2.92 -32.37 0.34
N LEU B 351 -2.39 -33.19 1.26
CA LEU B 351 -2.55 -34.64 1.23
C LEU B 351 -4.00 -35.10 1.41
N LYS B 352 -4.74 -34.52 2.38
CA LYS B 352 -6.15 -34.84 2.64
C LYS B 352 -6.37 -36.36 2.72
N CYS B 353 -5.68 -37.00 3.66
CA CYS B 353 -5.70 -38.45 3.83
C CYS B 353 -5.89 -38.84 5.30
N GLU B 354 -5.95 -40.15 5.57
CA GLU B 354 -6.14 -40.69 6.91
C GLU B 354 -4.81 -40.71 7.67
N ASN B 355 -3.76 -41.29 7.06
CA ASN B 355 -2.43 -41.41 7.66
C ASN B 355 -1.34 -40.90 6.69
N VAL B 356 -0.23 -40.35 7.24
CA VAL B 356 0.91 -39.82 6.44
C VAL B 356 2.18 -40.56 6.79
N ARG B 357 3.15 -40.57 5.84
CA ARG B 357 4.44 -41.21 6.03
C ARG B 357 5.55 -40.16 5.84
N MET B 358 6.30 -39.85 6.93
CA MET B 358 7.45 -38.94 6.88
C MET B 358 8.70 -39.82 6.81
N MET B 359 9.48 -39.68 5.74
CA MET B 359 10.68 -40.48 5.49
C MET B 359 11.94 -39.62 5.68
N LEU B 360 12.60 -39.75 6.84
CA LEU B 360 13.77 -38.96 7.24
C LEU B 360 15.11 -39.66 6.96
N THR B 361 16.19 -38.87 6.94
CA THR B 361 17.57 -39.33 6.73
C THR B 361 18.41 -38.88 7.94
N ASP B 362 18.69 -37.57 8.04
CA ASP B 362 19.45 -36.98 9.14
C ASP B 362 18.94 -35.57 9.42
N SER B 363 19.49 -34.88 10.43
CA SER B 363 19.07 -33.53 10.82
C SER B 363 19.35 -32.44 9.76
N VAL B 364 20.27 -32.71 8.82
CA VAL B 364 20.71 -31.76 7.80
C VAL B 364 20.19 -32.09 6.35
N SER B 365 19.35 -33.14 6.18
CA SER B 365 18.82 -33.56 4.87
C SER B 365 17.30 -33.41 4.80
N SER B 366 16.76 -33.38 3.58
CA SER B 366 15.32 -33.23 3.33
C SER B 366 14.49 -34.43 3.81
N VAL B 367 13.17 -34.20 3.97
CA VAL B 367 12.20 -35.22 4.39
C VAL B 367 11.23 -35.43 3.23
N GLN B 368 10.88 -36.69 2.91
CA GLN B 368 9.87 -37.00 1.89
C GLN B 368 8.60 -37.32 2.66
N ILE B 369 7.53 -36.57 2.41
CA ILE B 369 6.24 -36.74 3.04
C ILE B 369 5.27 -37.24 1.97
N GLU B 370 4.56 -38.34 2.27
CA GLU B 370 3.61 -39.00 1.37
C GLU B 370 2.37 -39.48 2.13
N ASP B 371 1.29 -39.77 1.40
CA ASP B 371 0.10 -40.40 1.97
C ASP B 371 0.54 -41.84 2.28
N ALA B 372 0.13 -42.39 3.42
CA ALA B 372 0.51 -43.75 3.80
C ALA B 372 -0.13 -44.81 2.86
N ALA B 373 -1.30 -44.48 2.24
CA ALA B 373 -2.02 -45.37 1.32
C ALA B 373 -1.78 -45.08 -0.18
N SER B 374 -0.97 -44.06 -0.55
CA SER B 374 -0.74 -43.72 -1.96
C SER B 374 0.65 -43.09 -2.22
N GLN B 375 1.30 -43.51 -3.34
CA GLN B 375 2.61 -43.01 -3.79
C GLN B 375 2.49 -42.03 -4.97
N SER B 376 1.24 -41.72 -5.43
CA SER B 376 1.03 -40.82 -6.57
C SER B 376 1.61 -39.44 -6.33
N ALA B 377 1.43 -38.87 -5.12
CA ALA B 377 1.96 -37.55 -4.78
C ALA B 377 3.01 -37.64 -3.66
N ALA B 378 4.20 -37.06 -3.88
CA ALA B 378 5.29 -37.03 -2.91
C ALA B 378 5.72 -35.58 -2.69
N TYR B 379 6.12 -35.24 -1.46
CA TYR B 379 6.54 -33.88 -1.10
C TYR B 379 7.86 -33.92 -0.41
N VAL B 380 8.81 -33.06 -0.81
CA VAL B 380 10.14 -32.98 -0.23
C VAL B 380 10.31 -31.59 0.40
N VAL B 381 10.66 -31.52 1.70
CA VAL B 381 10.87 -30.25 2.40
C VAL B 381 12.30 -30.24 2.95
N MET B 382 13.05 -29.15 2.68
CA MET B 382 14.43 -28.98 3.15
C MET B 382 14.32 -28.42 4.58
N PRO B 383 15.05 -28.96 5.58
CA PRO B 383 14.90 -28.43 6.95
C PRO B 383 15.62 -27.11 7.18
N MET B 384 15.47 -26.60 8.40
CA MET B 384 16.15 -25.40 8.89
C MET B 384 17.20 -25.87 9.88
N ARG B 385 18.36 -25.20 9.93
CA ARG B 385 19.42 -25.57 10.89
C ARG B 385 18.97 -25.12 12.27
N LEU B 386 18.83 -26.07 13.20
CA LEU B 386 18.39 -25.83 14.57
C LEU B 386 19.33 -24.92 15.37
N SER C 19 -1.83 -13.62 42.75
CA SER C 19 -0.59 -14.09 43.36
C SER C 19 -0.08 -15.33 42.64
N HIS C 20 -0.89 -16.40 42.62
CA HIS C 20 -0.59 -17.68 41.96
C HIS C 20 -1.87 -18.15 41.26
N MET C 21 -2.38 -17.29 40.35
CA MET C 21 -3.64 -17.52 39.61
C MET C 21 -3.65 -18.90 38.96
N LYS C 22 -4.76 -19.64 39.11
CA LYS C 22 -4.93 -20.98 38.55
C LYS C 22 -6.40 -21.25 38.28
N PHE C 23 -6.71 -21.89 37.14
CA PHE C 23 -8.07 -22.30 36.81
C PHE C 23 -8.06 -23.42 35.77
N THR C 24 -9.07 -24.32 35.84
CA THR C 24 -9.27 -25.43 34.90
C THR C 24 -10.68 -25.29 34.36
N VAL C 25 -10.83 -25.31 33.03
CA VAL C 25 -12.13 -25.10 32.39
C VAL C 25 -12.24 -25.82 31.04
N GLU C 26 -13.47 -26.13 30.62
CA GLU C 26 -13.73 -26.75 29.32
C GLU C 26 -13.40 -25.77 28.20
N ARG C 27 -12.99 -26.29 27.03
CA ARG C 27 -12.67 -25.49 25.85
C ARG C 27 -13.89 -24.69 25.36
N GLU C 28 -15.07 -25.32 25.38
CA GLU C 28 -16.31 -24.71 24.87
C GLU C 28 -16.81 -23.55 25.73
N HIS C 29 -16.51 -23.59 27.05
CA HIS C 29 -16.87 -22.51 27.97
C HIS C 29 -15.92 -21.30 27.85
N LEU C 30 -14.77 -21.44 27.13
CA LEU C 30 -13.77 -20.38 26.95
C LEU C 30 -13.79 -19.73 25.56
N LEU C 31 -14.22 -20.45 24.49
CA LEU C 31 -14.19 -19.94 23.11
C LEU C 31 -14.94 -18.63 22.86
N LYS C 32 -16.27 -18.60 22.97
CA LYS C 32 -17.02 -17.37 22.69
C LYS C 32 -16.58 -16.26 23.65
N PRO C 33 -16.46 -16.51 24.98
CA PRO C 33 -15.90 -15.46 25.86
C PRO C 33 -14.58 -14.87 25.37
N LEU C 34 -13.62 -15.70 24.90
CA LEU C 34 -12.34 -15.22 24.38
C LEU C 34 -12.53 -14.54 23.03
N GLN C 35 -13.42 -15.07 22.16
CA GLN C 35 -13.66 -14.49 20.84
C GLN C 35 -14.25 -13.09 20.91
N GLN C 36 -15.26 -12.88 21.76
CA GLN C 36 -15.92 -11.59 21.88
C GLN C 36 -15.03 -10.50 22.54
N VAL C 37 -14.20 -10.87 23.55
CA VAL C 37 -13.29 -9.91 24.21
C VAL C 37 -12.07 -9.62 23.33
N SER C 38 -11.58 -10.61 22.55
CA SER C 38 -10.45 -10.40 21.63
C SER C 38 -10.82 -9.58 20.38
N GLY C 39 -12.12 -9.34 20.18
CA GLY C 39 -12.66 -8.57 19.06
C GLY C 39 -11.88 -7.34 18.65
N PRO C 40 -11.64 -6.38 19.57
CA PRO C 40 -10.86 -5.19 19.19
C PRO C 40 -9.36 -5.48 19.02
N PRO C 45 -1.08 -3.58 17.10
CA PRO C 45 -1.33 -2.99 18.42
C PRO C 45 -0.45 -1.75 18.67
N THR C 46 -1.05 -0.64 19.18
CA THR C 46 -0.31 0.61 19.41
C THR C 46 0.64 0.48 20.61
N LEU C 47 0.07 0.24 21.80
CA LEU C 47 0.82 0.04 23.05
C LEU C 47 0.77 -1.48 23.33
N PRO C 48 1.91 -2.13 23.69
CA PRO C 48 1.89 -3.60 23.88
C PRO C 48 0.79 -4.20 24.75
N ILE C 49 0.44 -3.54 25.86
CA ILE C 49 -0.58 -4.00 26.82
C ILE C 49 -1.99 -4.15 26.18
N LEU C 50 -2.31 -3.33 25.16
CA LEU C 50 -3.63 -3.34 24.51
C LEU C 50 -3.86 -4.60 23.65
N GLY C 51 -2.80 -5.30 23.25
CA GLY C 51 -2.88 -6.54 22.50
C GLY C 51 -3.08 -7.76 23.38
N ASN C 52 -3.12 -7.56 24.71
CA ASN C 52 -3.28 -8.65 25.67
C ASN C 52 -4.65 -8.54 26.35
N LEU C 53 -5.10 -9.64 27.00
CA LEU C 53 -6.36 -9.69 27.75
C LEU C 53 -6.09 -9.77 29.24
N LEU C 54 -6.82 -9.00 30.05
CA LEU C 54 -6.70 -9.05 31.51
C LEU C 54 -7.52 -10.24 32.01
N LEU C 55 -6.86 -11.23 32.63
CA LEU C 55 -7.52 -12.40 33.21
C LEU C 55 -7.55 -12.22 34.73
N GLN C 56 -8.72 -12.41 35.37
CA GLN C 56 -8.88 -12.28 36.83
C GLN C 56 -9.72 -13.42 37.39
N VAL C 57 -9.18 -14.17 38.37
CA VAL C 57 -9.88 -15.28 39.04
C VAL C 57 -10.25 -14.79 40.45
N ALA C 58 -11.56 -14.86 40.82
CA ALA C 58 -12.03 -14.41 42.13
C ALA C 58 -13.46 -14.90 42.41
N ASP C 59 -13.64 -15.68 43.51
CA ASP C 59 -14.94 -16.19 43.96
C ASP C 59 -15.71 -16.99 42.90
N GLY C 60 -15.09 -18.06 42.42
CA GLY C 60 -15.68 -18.94 41.41
C GLY C 60 -16.01 -18.30 40.09
N THR C 61 -15.23 -17.28 39.67
CA THR C 61 -15.48 -16.56 38.40
C THR C 61 -14.17 -16.16 37.73
N LEU C 62 -14.05 -16.44 36.42
CA LEU C 62 -12.92 -16.05 35.58
C LEU C 62 -13.44 -14.88 34.75
N SER C 63 -12.81 -13.70 34.86
CA SER C 63 -13.20 -12.52 34.09
C SER C 63 -12.13 -12.21 33.07
N LEU C 64 -12.51 -12.07 31.78
CA LEU C 64 -11.61 -11.77 30.66
C LEU C 64 -11.94 -10.35 30.19
N THR C 65 -10.93 -9.48 30.03
CA THR C 65 -11.17 -8.09 29.60
C THR C 65 -10.20 -7.64 28.53
N GLY C 66 -10.75 -7.11 27.44
CA GLY C 66 -10.00 -6.54 26.32
C GLY C 66 -10.34 -5.08 26.17
N THR C 67 -9.37 -4.25 25.72
CA THR C 67 -9.59 -2.81 25.55
C THR C 67 -8.64 -2.17 24.56
N ASP C 68 -9.05 -1.04 23.99
CA ASP C 68 -8.24 -0.21 23.09
C ASP C 68 -8.17 1.24 23.61
N LEU C 69 -8.56 1.48 24.90
CA LEU C 69 -8.64 2.77 25.60
C LEU C 69 -9.97 3.52 25.37
N GLU C 70 -10.60 3.36 24.19
CA GLU C 70 -11.88 4.00 23.86
C GLU C 70 -13.05 3.12 24.31
N MET C 71 -12.94 1.78 24.12
CA MET C 71 -13.98 0.84 24.53
C MET C 71 -13.39 -0.38 25.24
N GLU C 72 -14.25 -1.07 26.01
CA GLU C 72 -13.92 -2.25 26.82
C GLU C 72 -14.98 -3.32 26.61
N MET C 73 -14.61 -4.60 26.82
CA MET C 73 -15.51 -5.75 26.73
C MET C 73 -15.11 -6.74 27.83
N VAL C 74 -15.97 -6.92 28.85
CA VAL C 74 -15.72 -7.83 29.97
C VAL C 74 -16.60 -9.08 29.79
N ALA C 75 -16.01 -10.28 29.84
CA ALA C 75 -16.74 -11.54 29.77
C ALA C 75 -16.50 -12.30 31.08
N ARG C 76 -17.56 -12.90 31.66
CA ARG C 76 -17.47 -13.67 32.91
C ARG C 76 -17.75 -15.15 32.64
N VAL C 77 -16.85 -16.03 33.10
CA VAL C 77 -16.96 -17.49 32.93
C VAL C 77 -16.92 -18.09 34.34
N ALA C 78 -17.94 -18.88 34.71
CA ALA C 78 -18.02 -19.47 36.04
C ALA C 78 -17.11 -20.71 36.14
N LEU C 79 -16.38 -20.83 37.27
CA LEU C 79 -15.42 -21.91 37.51
C LEU C 79 -15.99 -22.97 38.45
N VAL C 80 -16.26 -24.17 37.93
CA VAL C 80 -16.80 -25.30 38.72
C VAL C 80 -15.67 -26.11 39.37
N GLN C 81 -14.54 -26.31 38.67
CA GLN C 81 -13.38 -27.05 39.19
C GLN C 81 -12.52 -26.18 40.12
N PRO C 82 -11.61 -26.78 40.94
CA PRO C 82 -10.79 -25.97 41.85
C PRO C 82 -9.93 -24.91 41.15
N HIS C 83 -9.76 -23.77 41.83
CA HIS C 83 -9.01 -22.62 41.29
C HIS C 83 -8.37 -21.81 42.41
N GLU C 84 -7.38 -21.00 42.06
CA GLU C 84 -6.68 -20.11 42.99
C GLU C 84 -6.79 -18.70 42.45
N PRO C 85 -7.11 -17.69 43.30
CA PRO C 85 -7.28 -16.33 42.77
C PRO C 85 -5.98 -15.62 42.42
N GLY C 86 -6.11 -14.59 41.59
CA GLY C 86 -5.01 -13.78 41.11
C GLY C 86 -5.33 -13.13 39.79
N ALA C 87 -4.37 -12.40 39.21
CA ALA C 87 -4.59 -11.74 37.93
C ALA C 87 -3.32 -11.54 37.12
N THR C 88 -3.48 -11.50 35.79
CA THR C 88 -2.40 -11.30 34.84
C THR C 88 -2.99 -10.87 33.50
N THR C 89 -2.10 -10.53 32.55
CA THR C 89 -2.44 -10.06 31.21
C THR C 89 -1.68 -10.97 30.20
N VAL C 90 -2.37 -11.54 29.16
CA VAL C 90 -1.75 -12.43 28.17
C VAL C 90 -2.12 -12.07 26.74
N PRO C 91 -1.26 -12.38 25.73
CA PRO C 91 -1.63 -12.08 24.33
C PRO C 91 -3.01 -12.65 23.96
N ALA C 92 -3.89 -11.77 23.49
CA ALA C 92 -5.28 -12.08 23.17
C ALA C 92 -5.42 -13.06 22.02
N ARG C 93 -4.80 -12.75 20.87
CA ARG C 93 -4.91 -13.57 19.68
C ARG C 93 -4.29 -14.96 19.85
N LYS C 94 -3.08 -15.05 20.42
CA LYS C 94 -2.41 -16.34 20.63
C LYS C 94 -3.17 -17.25 21.59
N PHE C 95 -3.68 -16.69 22.71
CA PHE C 95 -4.42 -17.47 23.69
C PHE C 95 -5.73 -17.99 23.12
N PHE C 96 -6.43 -17.18 22.31
CA PHE C 96 -7.68 -17.60 21.66
C PHE C 96 -7.37 -18.69 20.61
N ASP C 97 -6.31 -18.48 19.79
CA ASP C 97 -5.90 -19.45 18.78
C ASP C 97 -5.49 -20.80 19.39
N ILE C 98 -4.86 -20.76 20.59
CA ILE C 98 -4.48 -21.97 21.33
C ILE C 98 -5.74 -22.73 21.71
N CYS C 99 -6.67 -22.05 22.40
CA CYS C 99 -7.95 -22.63 22.84
C CYS C 99 -8.79 -23.15 21.66
N ARG C 100 -8.84 -22.38 20.55
CA ARG C 100 -9.57 -22.77 19.33
C ARG C 100 -8.92 -24.00 18.66
N GLY C 101 -7.60 -24.05 18.62
CA GLY C 101 -6.85 -25.15 18.02
C GLY C 101 -6.93 -26.47 18.76
N LEU C 102 -7.25 -26.45 20.08
CA LEU C 102 -7.36 -27.68 20.88
C LEU C 102 -8.58 -28.51 20.48
N PRO C 103 -8.54 -29.85 20.66
CA PRO C 103 -9.67 -30.68 20.20
C PRO C 103 -11.02 -30.40 20.88
N GLU C 104 -12.12 -30.74 20.21
CA GLU C 104 -13.45 -30.50 20.77
C GLU C 104 -13.67 -31.36 22.03
N GLY C 105 -14.01 -30.69 23.12
CA GLY C 105 -14.23 -31.30 24.42
C GLY C 105 -13.00 -31.24 25.33
N ALA C 106 -11.94 -30.52 24.91
CA ALA C 106 -10.70 -30.41 25.67
C ALA C 106 -10.85 -29.70 27.02
N GLU C 107 -10.02 -30.11 28.00
CA GLU C 107 -9.98 -29.52 29.33
C GLU C 107 -8.72 -28.65 29.37
N ILE C 108 -8.89 -27.32 29.51
CA ILE C 108 -7.78 -26.37 29.48
C ILE C 108 -7.38 -25.96 30.88
N ALA C 109 -6.22 -26.47 31.37
CA ALA C 109 -5.67 -26.13 32.68
C ALA C 109 -4.72 -24.94 32.52
N VAL C 110 -5.03 -23.82 33.20
CA VAL C 110 -4.23 -22.59 33.11
C VAL C 110 -3.65 -22.25 34.48
N GLN C 111 -2.39 -21.78 34.52
CA GLN C 111 -1.75 -21.36 35.78
C GLN C 111 -0.57 -20.43 35.54
N LEU C 112 -0.40 -19.44 36.43
CA LEU C 112 0.67 -18.46 36.36
C LEU C 112 1.94 -19.02 37.02
N GLU C 113 3.05 -19.07 36.27
CA GLU C 113 4.36 -19.56 36.74
C GLU C 113 5.37 -18.44 36.57
N GLY C 114 5.54 -17.65 37.62
CA GLY C 114 6.45 -16.51 37.61
C GLY C 114 5.91 -15.44 36.70
N GLU C 115 6.66 -15.13 35.61
CA GLU C 115 6.27 -14.13 34.62
C GLU C 115 5.76 -14.80 33.32
N ARG C 116 5.23 -16.04 33.41
CA ARG C 116 4.72 -16.78 32.23
C ARG C 116 3.40 -17.47 32.58
N MET C 117 2.37 -17.33 31.72
CA MET C 117 1.11 -18.04 31.96
C MET C 117 1.19 -19.35 31.21
N LEU C 118 1.01 -20.49 31.91
CA LEU C 118 1.06 -21.81 31.30
C LEU C 118 -0.34 -22.30 30.96
N VAL C 119 -0.51 -22.82 29.74
CA VAL C 119 -1.79 -23.37 29.26
C VAL C 119 -1.52 -24.83 28.92
N ARG C 120 -2.18 -25.77 29.62
CA ARG C 120 -1.99 -27.20 29.45
C ARG C 120 -3.31 -27.90 29.12
N SER C 121 -3.26 -28.87 28.20
CA SER C 121 -4.43 -29.65 27.80
C SER C 121 -3.94 -30.93 27.12
N GLY C 122 -4.13 -32.07 27.77
CA GLY C 122 -3.67 -33.36 27.27
C GLY C 122 -2.15 -33.39 27.30
N ARG C 123 -1.50 -33.49 26.12
CA ARG C 123 -0.04 -33.46 26.01
CA ARG C 123 -0.05 -33.49 25.96
C ARG C 123 0.40 -32.23 25.20
N SER C 124 -0.44 -31.16 25.22
CA SER C 124 -0.17 -29.89 24.56
C SER C 124 0.16 -28.90 25.70
N ARG C 125 1.31 -28.23 25.63
CA ARG C 125 1.79 -27.31 26.65
C ARG C 125 2.20 -25.99 25.98
N PHE C 126 1.71 -24.85 26.50
CA PHE C 126 2.03 -23.52 25.95
C PHE C 126 2.42 -22.56 27.06
N SER C 127 3.62 -21.97 26.97
CA SER C 127 4.10 -21.00 27.93
C SER C 127 3.97 -19.62 27.27
N LEU C 128 3.04 -18.77 27.76
CA LEU C 128 2.80 -17.44 27.20
C LEU C 128 3.45 -16.35 28.04
N SER C 129 3.84 -15.25 27.37
CA SER C 129 4.46 -14.10 28.04
C SER C 129 3.36 -13.28 28.70
N THR C 130 3.70 -12.55 29.74
CA THR C 130 2.72 -11.72 30.46
C THR C 130 3.25 -10.32 30.71
N LEU C 131 2.31 -9.42 31.00
CA LEU C 131 2.56 -8.05 31.44
C LEU C 131 1.73 -7.88 32.72
N PRO C 132 2.15 -7.07 33.71
CA PRO C 132 1.39 -7.00 34.97
C PRO C 132 -0.06 -6.58 34.86
N ALA C 133 -0.93 -7.16 35.71
CA ALA C 133 -2.36 -6.81 35.77
C ALA C 133 -2.55 -5.37 36.26
N ALA C 134 -1.61 -4.86 37.09
CA ALA C 134 -1.63 -3.48 37.59
C ALA C 134 -1.45 -2.47 36.45
N ASP C 135 -0.68 -2.82 35.41
CA ASP C 135 -0.44 -1.97 34.24
C ASP C 135 -1.60 -1.98 33.22
N PHE C 136 -2.63 -2.82 33.39
CA PHE C 136 -3.76 -2.89 32.44
C PHE C 136 -4.62 -1.63 32.53
N PRO C 137 -4.97 -0.98 31.39
CA PRO C 137 -5.78 0.23 31.49
C PRO C 137 -7.27 -0.07 31.70
N ASN C 138 -7.91 0.71 32.57
CA ASN C 138 -9.33 0.58 32.91
C ASN C 138 -10.07 1.88 32.60
N LEU C 139 -11.30 1.80 32.08
CA LEU C 139 -12.10 2.99 31.77
C LEU C 139 -12.45 3.68 33.09
N ASP C 140 -12.33 5.01 33.14
CA ASP C 140 -12.61 5.79 34.35
C ASP C 140 -14.09 5.65 34.72
N ASP C 141 -14.41 5.57 36.03
CA ASP C 141 -15.80 5.39 36.50
C ASP C 141 -16.72 6.54 36.11
N TRP C 142 -18.01 6.21 35.89
CA TRP C 142 -19.04 7.16 35.46
C TRP C 142 -20.40 6.75 36.03
N GLN C 143 -21.40 7.65 35.94
CA GLN C 143 -22.74 7.42 36.45
C GLN C 143 -23.75 7.42 35.30
N SER C 144 -24.67 6.44 35.30
CA SER C 144 -25.69 6.29 34.26
C SER C 144 -26.81 7.32 34.45
N GLU C 145 -27.23 7.97 33.35
CA GLU C 145 -28.32 8.95 33.32
C GLU C 145 -29.60 8.31 32.77
N VAL C 146 -29.48 7.56 31.65
CA VAL C 146 -30.59 6.85 31.01
C VAL C 146 -30.34 5.34 31.18
N GLU C 147 -31.42 4.55 31.28
CA GLU C 147 -31.32 3.10 31.42
C GLU C 147 -32.59 2.42 30.92
N PHE C 148 -32.44 1.36 30.11
CA PHE C 148 -33.58 0.61 29.57
C PHE C 148 -33.16 -0.76 29.06
N THR C 149 -34.14 -1.61 28.73
CA THR C 149 -33.92 -2.95 28.20
C THR C 149 -34.75 -3.15 26.92
N LEU C 150 -34.23 -3.96 25.99
CA LEU C 150 -34.91 -4.25 24.72
C LEU C 150 -34.41 -5.57 24.14
N PRO C 151 -35.15 -6.23 23.23
CA PRO C 151 -34.63 -7.47 22.62
C PRO C 151 -33.40 -7.18 21.77
N GLN C 152 -32.50 -8.17 21.63
CA GLN C 152 -31.27 -8.01 20.85
C GLN C 152 -31.57 -7.79 19.36
N ALA C 153 -32.65 -8.41 18.84
CA ALA C 153 -33.07 -8.26 17.44
C ALA C 153 -33.52 -6.82 17.13
N THR C 154 -34.12 -6.13 18.12
CA THR C 154 -34.56 -4.74 17.96
C THR C 154 -33.33 -3.83 17.83
N MET C 155 -32.28 -4.08 18.64
CA MET C 155 -31.03 -3.33 18.56
C MET C 155 -30.28 -3.67 17.26
N LYS C 156 -30.33 -4.96 16.82
CA LYS C 156 -29.67 -5.37 15.57
C LYS C 156 -30.32 -4.64 14.40
N ARG C 157 -31.67 -4.66 14.33
CA ARG C 157 -32.45 -3.98 13.29
C ARG C 157 -32.12 -2.47 13.27
N LEU C 158 -32.09 -1.81 14.44
CA LEU C 158 -31.77 -0.38 14.55
C LEU C 158 -30.39 -0.05 13.97
N ILE C 159 -29.37 -0.88 14.28
CA ILE C 159 -28.00 -0.66 13.79
C ILE C 159 -27.91 -1.03 12.31
N GLU C 160 -28.36 -2.25 11.95
CA GLU C 160 -28.34 -2.73 10.55
C GLU C 160 -29.01 -1.76 9.58
N ALA C 161 -30.16 -1.18 9.98
CA ALA C 161 -30.89 -0.25 9.12
C ALA C 161 -30.14 1.07 8.86
N THR C 162 -29.23 1.52 9.74
CA THR C 162 -28.55 2.81 9.54
C THR C 162 -27.01 2.77 9.46
N GLN C 163 -26.35 1.66 9.83
CA GLN C 163 -24.87 1.56 9.87
C GLN C 163 -24.14 1.99 8.58
N PHE C 164 -24.66 1.60 7.41
CA PHE C 164 -24.03 1.93 6.13
C PHE C 164 -23.93 3.43 5.83
N SER C 165 -24.82 4.27 6.39
CA SER C 165 -24.81 5.73 6.18
C SER C 165 -23.81 6.50 7.05
N MET C 166 -23.15 5.84 8.01
CA MET C 166 -22.14 6.51 8.85
C MET C 166 -20.96 6.91 7.98
N ALA C 167 -20.28 7.99 8.33
CA ALA C 167 -19.11 8.45 7.57
C ALA C 167 -17.88 7.64 8.02
N HIS C 168 -16.86 7.58 7.15
CA HIS C 168 -15.57 6.91 7.40
C HIS C 168 -14.47 7.96 7.25
N GLN C 169 -13.69 8.23 8.32
CA GLN C 169 -12.53 9.14 8.28
C GLN C 169 -12.88 10.56 7.78
N ASP C 170 -14.11 11.03 8.10
CA ASP C 170 -14.55 12.37 7.73
C ASP C 170 -13.88 13.37 8.69
N VAL C 171 -13.49 14.55 8.16
CA VAL C 171 -12.89 15.61 8.97
C VAL C 171 -13.87 16.05 10.07
N ARG C 172 -15.19 15.99 9.80
CA ARG C 172 -16.24 16.27 10.77
C ARG C 172 -16.38 15.00 11.62
N TYR C 173 -15.46 14.84 12.61
CA TYR C 173 -15.37 13.66 13.50
C TYR C 173 -16.70 13.17 14.08
N TYR C 174 -17.64 14.10 14.35
CA TYR C 174 -18.96 13.73 14.89
C TYR C 174 -19.80 12.87 13.91
N LEU C 175 -19.51 12.90 12.60
CA LEU C 175 -20.20 12.08 11.60
C LEU C 175 -19.64 10.65 11.55
N ASN C 176 -18.45 10.40 12.14
CA ASN C 176 -17.82 9.06 12.19
C ASN C 176 -18.39 8.31 13.39
N GLY C 177 -19.68 8.04 13.32
CA GLY C 177 -20.42 7.39 14.39
C GLY C 177 -21.91 7.39 14.14
N MET C 178 -22.66 6.84 15.09
CA MET C 178 -24.12 6.70 15.03
C MET C 178 -24.76 7.43 16.20
N LEU C 179 -25.77 8.25 15.93
CA LEU C 179 -26.49 8.93 16.99
C LEU C 179 -27.50 7.93 17.57
N PHE C 180 -27.52 7.76 18.89
CA PHE C 180 -28.49 6.94 19.61
C PHE C 180 -29.33 7.94 20.36
N GLU C 181 -30.65 7.93 20.13
CA GLU C 181 -31.57 8.91 20.71
C GLU C 181 -32.81 8.28 21.32
N THR C 182 -33.11 8.64 22.59
CA THR C 182 -34.29 8.16 23.30
C THR C 182 -35.31 9.30 23.39
N GLU C 183 -36.59 9.01 23.14
CA GLU C 183 -37.66 10.02 23.23
C GLU C 183 -39.01 9.32 23.34
N GLY C 184 -39.76 9.61 24.40
CA GLY C 184 -41.04 8.98 24.65
C GLY C 184 -40.87 7.52 25.00
N GLU C 185 -41.34 6.62 24.12
CA GLU C 185 -41.19 5.17 24.29
C GLU C 185 -40.42 4.56 23.10
N GLU C 186 -39.64 5.38 22.36
CA GLU C 186 -38.88 4.92 21.19
C GLU C 186 -37.38 5.17 21.34
N LEU C 187 -36.58 4.21 20.83
CA LEU C 187 -35.13 4.33 20.73
C LEU C 187 -34.90 4.53 19.23
N ARG C 188 -34.13 5.56 18.87
CA ARG C 188 -33.86 5.93 17.49
C ARG C 188 -32.37 5.98 17.22
N THR C 189 -31.95 5.50 16.03
CA THR C 189 -30.57 5.57 15.57
C THR C 189 -30.53 6.44 14.32
N VAL C 190 -29.52 7.33 14.20
CA VAL C 190 -29.35 8.19 13.04
C VAL C 190 -27.89 8.12 12.61
N ALA C 191 -27.64 8.08 11.29
CA ALA C 191 -26.29 8.01 10.72
C ALA C 191 -26.26 8.77 9.41
N THR C 192 -25.23 9.62 9.22
CA THR C 192 -25.09 10.42 7.99
C THR C 192 -23.63 10.81 7.73
N ASP C 193 -23.31 11.08 6.45
CA ASP C 193 -21.99 11.51 5.99
C ASP C 193 -22.05 12.86 5.22
N GLY C 194 -23.18 13.56 5.28
CA GLY C 194 -23.38 14.82 4.58
C GLY C 194 -24.03 14.68 3.22
N HIS C 195 -23.93 13.50 2.58
CA HIS C 195 -24.53 13.22 1.26
C HIS C 195 -25.82 12.43 1.41
N ARG C 196 -25.83 11.40 2.28
CA ARG C 196 -27.00 10.55 2.53
C ARG C 196 -27.21 10.34 4.02
N LEU C 197 -28.46 10.12 4.43
CA LEU C 197 -28.86 9.96 5.84
C LEU C 197 -29.78 8.77 6.01
N ALA C 198 -29.69 8.10 7.16
CA ALA C 198 -30.53 6.96 7.49
C ALA C 198 -31.05 7.14 8.91
N VAL C 199 -32.36 6.96 9.12
CA VAL C 199 -32.98 7.09 10.43
C VAL C 199 -33.94 5.92 10.66
N CYS C 200 -33.82 5.22 11.80
CA CYS C 200 -34.66 4.08 12.17
C CYS C 200 -35.13 4.23 13.62
N SER C 201 -36.44 4.12 13.86
CA SER C 201 -37.03 4.23 15.21
C SER C 201 -37.77 2.93 15.53
N MET C 202 -37.62 2.44 16.77
CA MET C 202 -38.27 1.21 17.22
C MET C 202 -38.88 1.42 18.62
N PRO C 203 -40.16 1.02 18.85
CA PRO C 203 -40.74 1.19 20.19
C PRO C 203 -40.27 0.09 21.14
N ILE C 204 -39.78 0.47 22.35
CA ILE C 204 -39.28 -0.50 23.32
C ILE C 204 -40.23 -0.69 24.54
N GLY C 205 -41.38 0.00 24.55
CA GLY C 205 -42.40 -0.13 25.59
C GLY C 205 -42.04 0.35 26.99
N GLN C 206 -41.14 1.35 27.10
CA GLN C 206 -40.73 1.91 28.40
C GLN C 206 -40.63 3.42 28.26
N SER C 207 -41.10 4.20 29.25
CA SER C 207 -41.02 5.66 29.19
C SER C 207 -39.57 6.11 29.40
N LEU C 208 -38.95 6.72 28.37
CA LEU C 208 -37.55 7.15 28.39
C LEU C 208 -37.41 8.67 28.44
N PRO C 209 -36.31 9.21 29.01
CA PRO C 209 -36.10 10.67 28.98
C PRO C 209 -35.54 11.11 27.63
N SER C 210 -35.60 12.41 27.33
CA SER C 210 -35.07 12.95 26.07
C SER C 210 -33.54 13.05 26.16
N HIS C 211 -32.84 12.10 25.54
CA HIS C 211 -31.37 12.05 25.55
C HIS C 211 -30.86 11.65 24.16
N SER C 212 -29.78 12.29 23.69
CA SER C 212 -29.17 12.00 22.38
C SER C 212 -27.64 11.96 22.51
N VAL C 213 -27.01 10.83 22.10
CA VAL C 213 -25.55 10.63 22.17
C VAL C 213 -25.00 10.04 20.87
N ILE C 214 -23.71 10.29 20.59
CA ILE C 214 -23.02 9.78 19.40
C ILE C 214 -22.11 8.63 19.81
N VAL C 215 -22.43 7.41 19.35
CA VAL C 215 -21.60 6.23 19.63
C VAL C 215 -20.56 6.15 18.49
N PRO C 216 -19.25 6.03 18.81
CA PRO C 216 -18.23 5.93 17.73
C PRO C 216 -18.48 4.74 16.80
N ARG C 217 -18.09 4.85 15.52
CA ARG C 217 -18.32 3.76 14.56
C ARG C 217 -17.71 2.41 15.01
N LYS C 218 -16.57 2.45 15.70
CA LYS C 218 -15.92 1.25 16.21
C LYS C 218 -16.81 0.61 17.29
N GLY C 219 -17.40 1.44 18.15
CA GLY C 219 -18.29 0.97 19.22
C GLY C 219 -19.58 0.34 18.74
N VAL C 220 -20.13 0.86 17.62
CA VAL C 220 -21.34 0.36 16.96
C VAL C 220 -21.06 -1.06 16.43
N ILE C 221 -19.88 -1.26 15.83
CA ILE C 221 -19.45 -2.55 15.28
C ILE C 221 -19.33 -3.59 16.41
N GLU C 222 -18.74 -3.23 17.57
CA GLU C 222 -18.62 -4.16 18.71
C GLU C 222 -19.98 -4.42 19.35
N LEU C 223 -20.81 -3.36 19.48
CA LEU C 223 -22.18 -3.47 20.00
C LEU C 223 -23.02 -4.37 19.07
N MET C 224 -22.76 -4.34 17.75
CA MET C 224 -23.43 -5.20 16.79
C MET C 224 -22.93 -6.65 16.91
N ARG C 225 -21.60 -6.81 17.05
CA ARG C 225 -20.90 -8.10 17.16
C ARG C 225 -21.43 -8.98 18.30
N MET C 226 -21.88 -8.39 19.42
CA MET C 226 -22.34 -9.15 20.57
C MET C 226 -23.86 -9.50 20.59
N LEU C 227 -24.60 -9.27 19.50
CA LEU C 227 -26.04 -9.54 19.45
C LEU C 227 -26.33 -10.90 18.78
N ASP C 228 -27.22 -11.70 19.40
CA ASP C 228 -27.65 -13.02 18.94
C ASP C 228 -29.13 -12.98 18.53
N ASN C 232 -33.19 -13.42 23.97
CA ASN C 232 -32.39 -13.00 25.12
C ASN C 232 -32.35 -11.43 25.17
N PRO C 233 -32.58 -10.82 26.35
CA PRO C 233 -32.61 -9.34 26.45
C PRO C 233 -31.23 -8.68 26.44
N LEU C 234 -31.24 -7.37 26.19
CA LEU C 234 -30.05 -6.51 26.14
C LEU C 234 -30.34 -5.29 27.01
N ARG C 235 -29.54 -5.03 28.04
CA ARG C 235 -29.73 -3.87 28.91
C ARG C 235 -28.74 -2.78 28.51
N VAL C 236 -29.23 -1.57 28.23
CA VAL C 236 -28.40 -0.42 27.82
C VAL C 236 -28.41 0.64 28.91
N GLN C 237 -27.22 1.14 29.30
CA GLN C 237 -27.05 2.22 30.28
C GLN C 237 -26.27 3.34 29.56
N ILE C 238 -26.81 4.57 29.54
CA ILE C 238 -26.17 5.70 28.86
C ILE C 238 -25.87 6.83 29.85
N GLY C 239 -24.65 7.37 29.76
CA GLY C 239 -24.19 8.49 30.57
C GLY C 239 -23.90 9.69 29.70
N SER C 240 -23.23 10.70 30.26
CA SER C 240 -22.89 11.90 29.50
C SER C 240 -21.73 11.66 28.52
N ASN C 241 -20.73 10.84 28.92
CA ASN C 241 -19.56 10.52 28.08
C ASN C 241 -19.37 9.02 27.80
N ASN C 242 -20.30 8.12 28.23
CA ASN C 242 -20.16 6.68 28.05
C ASN C 242 -21.49 5.97 27.78
N ILE C 243 -21.43 4.79 27.13
CA ILE C 243 -22.57 3.92 26.87
C ILE C 243 -22.16 2.49 27.24
N ARG C 244 -23.08 1.71 27.86
CA ARG C 244 -22.82 0.33 28.25
C ARG C 244 -23.91 -0.60 27.73
N ALA C 245 -23.54 -1.84 27.37
CA ALA C 245 -24.48 -2.84 26.85
C ALA C 245 -24.22 -4.18 27.54
N HIS C 246 -25.24 -4.75 28.22
CA HIS C 246 -25.13 -6.04 28.91
C HIS C 246 -25.89 -7.13 28.13
N VAL C 247 -25.16 -8.08 27.50
CA VAL C 247 -25.75 -9.21 26.78
C VAL C 247 -25.28 -10.48 27.45
N GLY C 248 -26.18 -11.17 28.15
CA GLY C 248 -25.84 -12.40 28.86
C GLY C 248 -24.75 -12.21 29.89
N ASP C 249 -23.60 -12.87 29.70
CA ASP C 249 -22.45 -12.77 30.60
C ASP C 249 -21.39 -11.78 30.09
N PHE C 250 -21.75 -10.91 29.12
CA PHE C 250 -20.88 -9.89 28.54
C PHE C 250 -21.33 -8.50 28.97
N ILE C 251 -20.37 -7.58 29.12
CA ILE C 251 -20.60 -6.19 29.48
C ILE C 251 -19.66 -5.35 28.59
N PHE C 252 -20.21 -4.72 27.55
CA PHE C 252 -19.46 -3.88 26.62
C PHE C 252 -19.65 -2.43 27.02
N THR C 253 -18.55 -1.64 27.10
CA THR C 253 -18.60 -0.23 27.42
C THR C 253 -17.80 0.55 26.39
N SER C 254 -18.31 1.72 25.97
CA SER C 254 -17.63 2.58 24.99
C SER C 254 -17.78 4.05 25.34
N LYS C 255 -16.74 4.85 25.04
CA LYS C 255 -16.77 6.30 25.20
C LYS C 255 -17.65 6.86 24.10
N LEU C 256 -18.38 7.94 24.36
CA LEU C 256 -19.22 8.59 23.37
C LEU C 256 -18.39 9.66 22.65
N VAL C 257 -18.74 9.98 21.39
CA VAL C 257 -18.04 11.01 20.63
C VAL C 257 -18.49 12.39 21.16
N ASP C 258 -17.53 13.20 21.64
CA ASP C 258 -17.82 14.51 22.21
C ASP C 258 -17.92 15.59 21.11
N GLY C 259 -19.08 15.62 20.45
CA GLY C 259 -19.39 16.57 19.40
C GLY C 259 -20.89 16.79 19.26
N ARG C 260 -21.29 17.72 18.38
CA ARG C 260 -22.71 18.04 18.15
C ARG C 260 -23.19 17.43 16.84
N PHE C 261 -24.12 16.46 16.92
CA PHE C 261 -24.65 15.79 15.74
C PHE C 261 -25.66 16.70 15.03
N PRO C 262 -25.68 16.75 13.67
CA PRO C 262 -26.66 17.62 12.99
C PRO C 262 -28.12 17.22 13.21
N ASP C 263 -29.04 18.19 13.09
CA ASP C 263 -30.48 17.95 13.29
C ASP C 263 -31.08 17.18 12.11
N TYR C 264 -31.41 15.86 12.31
CA TYR C 264 -32.00 14.98 11.27
C TYR C 264 -33.37 15.47 10.77
N ARG C 265 -34.09 16.14 11.65
CA ARG C 265 -35.44 16.63 11.39
C ARG C 265 -35.47 17.76 10.37
N ARG C 266 -34.45 18.64 10.38
CA ARG C 266 -34.33 19.74 9.43
C ARG C 266 -33.99 19.25 7.99
N VAL C 267 -33.37 18.06 7.84
CA VAL C 267 -33.00 17.54 6.51
C VAL C 267 -34.09 16.64 5.91
N LEU C 268 -35.04 16.11 6.72
CA LEU C 268 -36.13 15.30 6.17
C LEU C 268 -36.93 16.19 5.20
N PRO C 269 -37.12 15.82 3.91
CA PRO C 269 -37.90 16.68 3.00
C PRO C 269 -39.22 17.15 3.62
N LYS C 270 -39.46 18.47 3.62
CA LYS C 270 -40.64 19.10 4.23
C LYS C 270 -41.92 18.84 3.45
N ASN C 271 -41.89 19.06 2.12
CA ASN C 271 -43.06 18.90 1.24
C ASN C 271 -42.71 18.07 0.01
N PRO C 272 -42.50 16.74 0.15
CA PRO C 272 -42.20 15.92 -1.02
C PRO C 272 -43.49 15.52 -1.73
N ASP C 273 -43.97 16.42 -2.59
CA ASP C 273 -45.21 16.26 -3.36
C ASP C 273 -45.20 15.09 -4.37
N LYS C 274 -44.08 14.89 -5.07
CA LYS C 274 -43.94 13.85 -6.10
C LYS C 274 -43.61 12.48 -5.49
N HIS C 275 -44.54 11.49 -5.63
CA HIS C 275 -44.39 10.14 -5.07
C HIS C 275 -44.28 9.06 -6.15
N LEU C 276 -43.16 8.30 -6.15
CA LEU C 276 -42.91 7.19 -7.06
C LEU C 276 -43.00 5.90 -6.26
N GLU C 277 -43.58 4.84 -6.85
CA GLU C 277 -43.67 3.53 -6.20
C GLU C 277 -43.26 2.45 -7.21
N ALA C 278 -42.31 1.57 -6.83
CA ALA C 278 -41.82 0.51 -7.72
C ALA C 278 -41.37 -0.71 -6.93
N GLY C 279 -41.10 -1.80 -7.66
CA GLY C 279 -40.61 -3.04 -7.08
C GLY C 279 -39.19 -2.85 -6.61
N CYS C 280 -38.90 -3.19 -5.34
CA CYS C 280 -37.59 -3.02 -4.73
C CYS C 280 -36.49 -3.71 -5.51
N ASP C 281 -36.70 -4.98 -5.89
CA ASP C 281 -35.72 -5.77 -6.62
C ASP C 281 -35.53 -5.25 -8.05
N LEU C 282 -36.63 -5.07 -8.82
CA LEU C 282 -36.55 -4.57 -10.20
C LEU C 282 -35.85 -3.22 -10.29
N LEU C 283 -36.10 -2.33 -9.30
CA LEU C 283 -35.47 -1.02 -9.24
C LEU C 283 -33.98 -1.20 -8.91
N LYS C 284 -33.65 -2.11 -7.97
CA LYS C 284 -32.28 -2.40 -7.57
C LYS C 284 -31.47 -3.01 -8.73
N GLN C 285 -32.03 -3.99 -9.44
CA GLN C 285 -31.33 -4.62 -10.57
C GLN C 285 -31.10 -3.64 -11.72
N ALA C 286 -32.00 -2.67 -11.92
CA ALA C 286 -31.86 -1.67 -12.97
C ALA C 286 -30.74 -0.68 -12.62
N PHE C 287 -30.68 -0.20 -11.36
CA PHE C 287 -29.60 0.71 -10.92
C PHE C 287 -28.24 -0.02 -10.91
N ALA C 288 -28.23 -1.33 -10.59
CA ALA C 288 -26.99 -2.13 -10.60
C ALA C 288 -26.45 -2.28 -12.03
N ARG C 289 -27.35 -2.49 -13.01
CA ARG C 289 -26.97 -2.60 -14.42
C ARG C 289 -26.54 -1.22 -14.97
N ALA C 290 -27.27 -0.16 -14.61
CA ALA C 290 -26.94 1.21 -15.03
C ALA C 290 -25.58 1.65 -14.48
N ALA C 291 -25.25 1.23 -13.24
CA ALA C 291 -23.98 1.55 -12.58
C ALA C 291 -22.72 1.09 -13.32
N ILE C 292 -22.83 0.06 -14.19
CA ILE C 292 -21.69 -0.49 -14.95
C ILE C 292 -21.05 0.56 -15.87
N LEU C 293 -21.87 1.36 -16.57
CA LEU C 293 -21.38 2.40 -17.49
C LEU C 293 -21.49 3.83 -16.92
N SER C 294 -21.44 3.97 -15.58
CA SER C 294 -21.43 5.28 -14.92
C SER C 294 -19.96 5.63 -14.66
N ASN C 295 -19.68 6.91 -14.38
CA ASN C 295 -18.30 7.37 -14.12
C ASN C 295 -17.76 6.61 -12.90
N GLU C 296 -16.57 6.00 -13.01
CA GLU C 296 -15.97 5.20 -11.92
C GLU C 296 -15.64 6.00 -10.66
N LYS C 297 -15.41 7.33 -10.78
CA LYS C 297 -15.07 8.18 -9.64
C LYS C 297 -16.33 8.80 -9.01
N PHE C 298 -17.23 9.36 -9.82
CA PHE C 298 -18.43 10.06 -9.35
C PHE C 298 -19.72 9.20 -9.28
N ARG C 299 -19.76 8.04 -9.98
CA ARG C 299 -20.89 7.07 -10.03
CA ARG C 299 -20.90 7.10 -9.92
C ARG C 299 -22.27 7.74 -10.17
N GLY C 300 -22.32 8.74 -11.04
CA GLY C 300 -23.55 9.47 -11.35
C GLY C 300 -24.54 8.82 -12.30
N VAL C 301 -25.82 8.75 -11.91
CA VAL C 301 -26.92 8.25 -12.75
C VAL C 301 -27.97 9.36 -12.83
N ARG C 302 -28.71 9.41 -13.94
CA ARG C 302 -29.75 10.40 -14.18
C ARG C 302 -31.10 9.69 -14.17
N LEU C 303 -32.05 10.17 -13.35
CA LEU C 303 -33.40 9.61 -13.26
C LEU C 303 -34.38 10.55 -13.95
N TYR C 304 -35.06 10.11 -15.01
CA TYR C 304 -36.12 10.89 -15.65
C TYR C 304 -37.42 10.21 -15.29
N VAL C 305 -38.28 10.91 -14.54
CA VAL C 305 -39.55 10.36 -14.08
C VAL C 305 -40.70 10.97 -14.89
N SER C 306 -41.66 10.14 -15.31
CA SER C 306 -42.84 10.58 -16.06
C SER C 306 -44.01 9.65 -15.72
N GLU C 307 -45.22 9.91 -16.26
CA GLU C 307 -46.42 9.11 -15.97
C GLU C 307 -46.16 7.59 -15.99
N ASN C 308 -46.19 6.98 -14.79
CA ASN C 308 -45.98 5.53 -14.58
C ASN C 308 -44.71 4.99 -15.25
N GLN C 309 -43.63 5.79 -15.25
CA GLN C 309 -42.38 5.39 -15.89
C GLN C 309 -41.16 6.04 -15.25
N LEU C 310 -40.08 5.28 -15.12
CA LEU C 310 -38.80 5.75 -14.61
C LEU C 310 -37.73 5.34 -15.62
N LYS C 311 -36.94 6.30 -16.13
CA LYS C 311 -35.84 6.02 -17.04
C LYS C 311 -34.56 6.36 -16.28
N ILE C 312 -33.66 5.36 -16.11
CA ILE C 312 -32.37 5.54 -15.45
C ILE C 312 -31.33 5.56 -16.57
N THR C 313 -30.43 6.57 -16.58
CA THR C 313 -29.38 6.69 -17.60
C THR C 313 -28.03 6.93 -16.93
N ALA C 314 -26.97 6.29 -17.45
CA ALA C 314 -25.60 6.42 -16.92
C ALA C 314 -24.62 6.67 -18.06
N ASN C 315 -23.73 7.67 -17.89
CA ASN C 315 -22.70 8.01 -18.88
C ASN C 315 -21.33 8.06 -18.21
N ASN C 316 -20.26 7.75 -18.97
CA ASN C 316 -18.88 7.76 -18.47
C ASN C 316 -17.97 8.51 -19.48
N PRO C 317 -16.70 8.84 -19.13
CA PRO C 317 -15.85 9.58 -20.08
C PRO C 317 -15.51 8.86 -21.39
N GLU C 318 -15.71 7.53 -21.48
CA GLU C 318 -15.48 6.76 -22.70
C GLU C 318 -16.67 6.88 -23.70
N GLN C 319 -17.68 7.75 -23.40
CA GLN C 319 -18.87 7.99 -24.21
C GLN C 319 -19.74 6.73 -24.36
N GLU C 320 -19.78 5.89 -23.31
CA GLU C 320 -20.61 4.69 -23.26
C GLU C 320 -21.86 5.09 -22.50
N GLU C 321 -22.99 4.45 -22.79
CA GLU C 321 -24.25 4.79 -22.12
C GLU C 321 -25.08 3.56 -21.80
N ALA C 322 -25.62 3.52 -20.58
CA ALA C 322 -26.55 2.49 -20.11
C ALA C 322 -27.89 3.17 -19.96
N GLU C 323 -28.97 2.50 -20.31
CA GLU C 323 -30.32 3.05 -20.17
C GLU C 323 -31.28 1.95 -19.77
N GLU C 324 -32.13 2.25 -18.78
CA GLU C 324 -33.12 1.33 -18.24
C GLU C 324 -34.45 2.04 -18.17
N ILE C 325 -35.53 1.44 -18.69
CA ILE C 325 -36.88 2.02 -18.60
C ILE C 325 -37.71 1.00 -17.81
N LEU C 326 -38.32 1.45 -16.69
CA LEU C 326 -39.11 0.59 -15.79
C LEU C 326 -40.55 1.07 -15.71
N ASP C 327 -41.46 0.15 -15.38
CA ASP C 327 -42.86 0.46 -15.12
C ASP C 327 -42.95 0.73 -13.62
N VAL C 328 -43.32 1.95 -13.25
CA VAL C 328 -43.48 2.36 -11.85
C VAL C 328 -44.88 2.96 -11.69
N THR C 329 -45.24 3.38 -10.46
CA THR C 329 -46.50 4.04 -10.17
C THR C 329 -46.12 5.47 -9.87
N TYR C 330 -46.45 6.40 -10.80
CA TYR C 330 -46.11 7.81 -10.65
C TYR C 330 -47.14 8.67 -11.38
N SER C 331 -47.74 9.65 -10.67
CA SER C 331 -48.71 10.58 -11.27
C SER C 331 -48.30 12.06 -11.16
N GLY C 332 -47.09 12.35 -10.67
CA GLY C 332 -46.62 13.73 -10.53
C GLY C 332 -46.18 14.35 -11.84
N ALA C 333 -45.58 15.55 -11.74
CA ALA C 333 -45.05 16.27 -12.91
C ALA C 333 -43.75 15.63 -13.38
N GLU C 334 -43.42 15.77 -14.67
CA GLU C 334 -42.21 15.18 -15.22
C GLU C 334 -40.98 15.94 -14.72
N MET C 335 -39.96 15.22 -14.21
CA MET C 335 -38.73 15.83 -13.70
C MET C 335 -37.52 14.96 -13.93
N GLU C 336 -36.34 15.58 -13.87
CA GLU C 336 -35.04 14.95 -14.06
C GLU C 336 -34.22 15.18 -12.79
N ILE C 337 -33.49 14.15 -12.31
CA ILE C 337 -32.67 14.29 -11.09
C ILE C 337 -31.47 13.34 -11.11
N GLY C 338 -30.31 13.85 -10.70
CA GLY C 338 -29.06 13.10 -10.66
C GLY C 338 -28.83 12.46 -9.31
N PHE C 339 -28.13 11.32 -9.28
CA PHE C 339 -27.82 10.62 -8.02
C PHE C 339 -26.57 9.79 -8.13
N ASN C 340 -25.89 9.60 -6.99
CA ASN C 340 -24.74 8.70 -6.88
C ASN C 340 -25.43 7.33 -6.77
N VAL C 341 -25.20 6.45 -7.75
CA VAL C 341 -25.87 5.14 -7.82
C VAL C 341 -25.53 4.24 -6.63
N SER C 342 -24.34 4.38 -6.01
CA SER C 342 -23.96 3.57 -4.84
C SER C 342 -24.84 3.90 -3.63
N TYR C 343 -25.14 5.19 -3.40
CA TYR C 343 -25.99 5.63 -2.29
C TYR C 343 -27.43 5.12 -2.46
N VAL C 344 -27.92 5.05 -3.71
CA VAL C 344 -29.28 4.56 -4.00
C VAL C 344 -29.31 3.05 -3.79
N LEU C 345 -28.32 2.31 -4.33
CA LEU C 345 -28.21 0.86 -4.16
C LEU C 345 -28.05 0.45 -2.69
N ASP C 346 -27.30 1.24 -1.90
CA ASP C 346 -27.12 0.96 -0.47
C ASP C 346 -28.45 1.02 0.27
N VAL C 347 -29.32 1.96 -0.10
CA VAL C 347 -30.66 2.10 0.50
C VAL C 347 -31.56 0.94 0.06
N LEU C 348 -31.53 0.58 -1.23
CA LEU C 348 -32.36 -0.54 -1.75
C LEU C 348 -31.90 -1.89 -1.18
N ASN C 349 -30.58 -2.06 -0.95
CA ASN C 349 -30.03 -3.27 -0.35
C ASN C 349 -30.42 -3.34 1.14
N ALA C 350 -30.46 -2.18 1.83
CA ALA C 350 -30.83 -2.11 3.24
C ALA C 350 -32.31 -2.35 3.51
N LEU C 351 -33.21 -1.88 2.62
CA LEU C 351 -34.65 -2.01 2.82
C LEU C 351 -35.14 -3.46 2.83
N LYS C 352 -34.67 -4.32 1.89
CA LYS C 352 -35.03 -5.75 1.82
C LYS C 352 -36.55 -5.94 1.90
N CYS C 353 -37.27 -5.33 0.95
CA CYS C 353 -38.73 -5.33 0.92
C CYS C 353 -39.27 -5.67 -0.46
N GLU C 354 -40.59 -5.73 -0.61
CA GLU C 354 -41.27 -6.04 -1.86
C GLU C 354 -41.34 -4.79 -2.76
N ASN C 355 -41.85 -3.67 -2.21
CA ASN C 355 -42.01 -2.40 -2.93
C ASN C 355 -41.39 -1.23 -2.13
N VAL C 356 -40.89 -0.19 -2.84
CA VAL C 356 -40.27 1.01 -2.22
C VAL C 356 -41.01 2.28 -2.62
N ARG C 357 -40.88 3.34 -1.80
CA ARG C 357 -41.48 4.67 -2.02
C ARG C 357 -40.37 5.71 -2.17
N MET C 358 -40.27 6.36 -3.33
CA MET C 358 -39.32 7.47 -3.51
C MET C 358 -40.16 8.74 -3.48
N MET C 359 -39.89 9.64 -2.52
CA MET C 359 -40.65 10.88 -2.33
C MET C 359 -39.79 12.09 -2.75
N LEU C 360 -40.02 12.62 -3.97
CA LEU C 360 -39.25 13.71 -4.57
C LEU C 360 -39.89 15.09 -4.39
N THR C 361 -39.07 16.15 -4.57
CA THR C 361 -39.49 17.56 -4.48
C THR C 361 -39.14 18.24 -5.81
N ASP C 362 -37.84 18.46 -6.06
CA ASP C 362 -37.35 19.08 -7.30
C ASP C 362 -35.97 18.49 -7.64
N SER C 363 -35.38 18.91 -8.77
CA SER C 363 -34.09 18.41 -9.23
C SER C 363 -32.88 18.75 -8.32
N VAL C 364 -33.00 19.75 -7.42
CA VAL C 364 -31.88 20.16 -6.55
C VAL C 364 -32.10 19.84 -5.05
N SER C 365 -33.20 19.16 -4.68
CA SER C 365 -33.51 18.82 -3.28
C SER C 365 -33.41 17.32 -3.04
N SER C 366 -33.32 16.92 -1.77
CA SER C 366 -33.19 15.51 -1.40
C SER C 366 -34.45 14.70 -1.64
N VAL C 367 -34.28 13.37 -1.75
CA VAL C 367 -35.34 12.39 -1.94
C VAL C 367 -35.44 11.58 -0.66
N GLN C 368 -36.65 11.24 -0.23
CA GLN C 368 -36.86 10.37 0.92
C GLN C 368 -37.27 9.02 0.35
N ILE C 369 -36.53 7.95 0.71
CA ILE C 369 -36.79 6.59 0.25
C ILE C 369 -37.19 5.74 1.47
N GLU C 370 -38.26 4.94 1.34
CA GLU C 370 -38.71 4.07 2.42
C GLU C 370 -39.45 2.87 1.86
N ASP C 371 -39.71 1.89 2.73
CA ASP C 371 -40.42 0.67 2.35
C ASP C 371 -41.88 1.11 2.14
N ALA C 372 -42.53 0.58 1.10
CA ALA C 372 -43.94 0.93 0.83
C ALA C 372 -44.90 0.39 1.92
N ALA C 373 -44.51 -0.70 2.62
CA ALA C 373 -45.29 -1.34 3.69
C ALA C 373 -44.87 -0.95 5.13
N SER C 374 -43.82 -0.13 5.31
CA SER C 374 -43.39 0.27 6.66
C SER C 374 -42.62 1.60 6.66
N GLN C 375 -42.91 2.45 7.65
CA GLN C 375 -42.24 3.76 7.82
C GLN C 375 -41.42 3.77 9.11
N SER C 376 -40.92 2.60 9.53
CA SER C 376 -40.06 2.46 10.71
C SER C 376 -38.66 3.00 10.34
N ALA C 377 -38.19 2.76 9.09
CA ALA C 377 -36.89 3.21 8.57
C ALA C 377 -37.07 4.12 7.34
N ALA C 378 -36.47 5.31 7.38
CA ALA C 378 -36.52 6.29 6.28
C ALA C 378 -35.10 6.65 5.87
N TYR C 379 -34.86 6.90 4.58
CA TYR C 379 -33.54 7.25 4.05
C TYR C 379 -33.62 8.49 3.20
N VAL C 380 -32.69 9.44 3.42
CA VAL C 380 -32.65 10.69 2.65
C VAL C 380 -31.33 10.72 1.88
N VAL C 381 -31.37 11.00 0.55
CA VAL C 381 -30.18 11.09 -0.29
C VAL C 381 -30.19 12.44 -1.00
N MET C 382 -29.07 13.17 -0.93
CA MET C 382 -28.93 14.49 -1.57
C MET C 382 -28.50 14.20 -3.03
N PRO C 383 -29.11 14.84 -4.05
CA PRO C 383 -28.73 14.52 -5.43
C PRO C 383 -27.42 15.17 -5.88
N MET C 384 -27.04 14.88 -7.11
CA MET C 384 -25.88 15.45 -7.79
C MET C 384 -26.44 16.40 -8.85
N ARG C 385 -25.75 17.53 -9.11
CA ARG C 385 -26.19 18.45 -10.16
C ARG C 385 -25.87 17.84 -11.53
N LEU C 386 -26.92 17.59 -12.36
CA LEU C 386 -26.79 17.01 -13.69
C LEU C 386 -27.26 18.01 -14.75
N HIS D 20 33.36 -15.05 -29.06
CA HIS D 20 32.78 -14.40 -27.89
C HIS D 20 33.15 -12.92 -27.81
N MET D 21 32.29 -12.12 -27.17
CA MET D 21 32.46 -10.67 -27.03
C MET D 21 33.58 -10.29 -26.05
N LYS D 22 34.26 -9.15 -26.28
CA LYS D 22 35.33 -8.66 -25.42
C LYS D 22 35.58 -7.16 -25.67
N PHE D 23 35.77 -6.35 -24.59
CA PHE D 23 36.09 -4.92 -24.71
C PHE D 23 36.68 -4.38 -23.41
N THR D 24 37.54 -3.37 -23.50
CA THR D 24 38.13 -2.73 -22.33
C THR D 24 37.95 -1.22 -22.56
N VAL D 25 37.41 -0.52 -21.56
CA VAL D 25 37.02 0.89 -21.68
C VAL D 25 37.12 1.62 -20.32
N GLU D 26 37.29 2.95 -20.36
CA GLU D 26 37.34 3.78 -19.15
C GLU D 26 35.95 3.81 -18.50
N ARG D 27 35.90 3.96 -17.18
CA ARG D 27 34.65 4.04 -16.42
C ARG D 27 33.83 5.25 -16.86
N GLU D 28 34.47 6.40 -17.07
CA GLU D 28 33.78 7.65 -17.42
C GLU D 28 33.12 7.60 -18.80
N HIS D 29 33.68 6.81 -19.73
CA HIS D 29 33.11 6.64 -21.07
C HIS D 29 31.90 5.67 -21.05
N LEU D 30 31.66 4.93 -19.94
CA LEU D 30 30.57 3.96 -19.80
C LEU D 30 29.39 4.45 -18.92
N LEU D 31 29.63 5.38 -17.95
CA LEU D 31 28.58 5.82 -17.01
C LEU D 31 27.34 6.43 -17.63
N LYS D 32 27.44 7.61 -18.30
CA LYS D 32 26.25 8.24 -18.88
C LYS D 32 25.62 7.31 -19.92
N PRO D 33 26.38 6.70 -20.85
CA PRO D 33 25.78 5.70 -21.75
C PRO D 33 24.96 4.62 -21.04
N LEU D 34 25.45 4.07 -19.91
CA LEU D 34 24.72 3.06 -19.13
C LEU D 34 23.54 3.65 -18.37
N GLN D 35 23.72 4.85 -17.78
CA GLN D 35 22.68 5.52 -17.02
C GLN D 35 21.46 5.89 -17.88
N GLN D 36 21.71 6.43 -19.09
CA GLN D 36 20.63 6.83 -20.00
C GLN D 36 19.90 5.63 -20.61
N VAL D 37 20.65 4.55 -20.95
CA VAL D 37 20.10 3.32 -21.52
C VAL D 37 19.33 2.50 -20.46
N SER D 38 19.78 2.50 -19.19
CA SER D 38 19.12 1.80 -18.07
C SER D 38 17.88 2.54 -17.53
N GLY D 39 17.64 3.77 -17.99
CA GLY D 39 16.51 4.60 -17.57
C GLY D 39 15.18 3.90 -17.41
N PRO D 40 14.67 3.21 -18.45
CA PRO D 40 13.38 2.50 -18.30
C PRO D 40 13.49 1.24 -17.45
N PRO D 45 10.54 -5.75 -13.24
CA PRO D 45 10.56 -6.13 -14.66
C PRO D 45 9.49 -7.17 -14.97
N THR D 46 8.71 -6.96 -16.08
CA THR D 46 7.61 -7.88 -16.45
C THR D 46 8.16 -9.20 -16.97
N LEU D 47 8.86 -9.17 -18.10
CA LEU D 47 9.49 -10.37 -18.62
C LEU D 47 11.03 -10.19 -18.44
N PRO D 48 11.74 -11.27 -18.04
CA PRO D 48 13.15 -11.16 -17.62
C PRO D 48 14.13 -10.42 -18.52
N ILE D 49 14.05 -10.61 -19.86
CA ILE D 49 15.00 -9.96 -20.77
C ILE D 49 14.85 -8.43 -20.83
N LEU D 50 13.69 -7.86 -20.43
CA LEU D 50 13.49 -6.40 -20.43
C LEU D 50 14.30 -5.70 -19.33
N GLY D 51 14.73 -6.44 -18.30
CA GLY D 51 15.57 -5.94 -17.24
C GLY D 51 17.06 -5.97 -17.57
N ASN D 52 17.43 -6.42 -18.80
CA ASN D 52 18.82 -6.49 -19.26
C ASN D 52 19.09 -5.49 -20.38
N LEU D 53 20.39 -5.23 -20.64
CA LEU D 53 20.83 -4.35 -21.73
C LEU D 53 21.53 -5.21 -22.75
N LEU D 54 21.18 -5.07 -24.03
CA LEU D 54 21.83 -5.82 -25.09
C LEU D 54 23.14 -5.08 -25.42
N LEU D 55 24.29 -5.76 -25.21
CA LEU D 55 25.61 -5.22 -25.51
C LEU D 55 26.07 -5.83 -26.83
N GLN D 56 26.59 -5.00 -27.75
CA GLN D 56 27.07 -5.45 -29.07
C GLN D 56 28.39 -4.77 -29.42
N VAL D 57 29.45 -5.56 -29.70
CA VAL D 57 30.75 -5.03 -30.11
C VAL D 57 30.91 -5.31 -31.62
N ALA D 58 31.18 -4.26 -32.42
CA ALA D 58 31.35 -4.41 -33.87
C ALA D 58 32.00 -3.17 -34.50
N ASP D 59 33.16 -3.35 -35.16
CA ASP D 59 33.89 -2.28 -35.86
C ASP D 59 34.22 -1.06 -34.99
N GLY D 60 34.97 -1.30 -33.91
CA GLY D 60 35.38 -0.25 -32.98
C GLY D 60 34.26 0.50 -32.29
N THR D 61 33.12 -0.17 -32.04
CA THR D 61 31.97 0.47 -31.39
C THR D 61 31.25 -0.51 -30.46
N LEU D 62 30.96 -0.05 -29.23
CA LEU D 62 30.18 -0.78 -28.23
C LEU D 62 28.81 -0.13 -28.23
N SER D 63 27.76 -0.91 -28.53
CA SER D 63 26.38 -0.39 -28.55
C SER D 63 25.63 -0.99 -27.38
N LEU D 64 24.98 -0.15 -26.54
CA LEU D 64 24.19 -0.57 -25.39
C LEU D 64 22.73 -0.25 -25.71
N THR D 65 21.81 -1.20 -25.48
CA THR D 65 20.40 -1.05 -25.81
C THR D 65 19.45 -1.53 -24.72
N GLY D 66 18.54 -0.64 -24.28
CA GLY D 66 17.53 -0.92 -23.27
C GLY D 66 16.14 -0.74 -23.87
N THR D 67 15.15 -1.54 -23.42
CA THR D 67 13.79 -1.46 -23.95
C THR D 67 12.73 -2.01 -22.99
N ASP D 68 11.49 -1.54 -23.15
CA ASP D 68 10.33 -2.03 -22.41
C ASP D 68 9.21 -2.46 -23.40
N LEU D 69 9.56 -2.65 -24.71
CA LEU D 69 8.69 -3.01 -25.84
C LEU D 69 7.98 -1.80 -26.49
N GLU D 70 7.67 -0.74 -25.73
CA GLU D 70 7.03 0.47 -26.24
C GLU D 70 8.09 1.48 -26.72
N MET D 71 9.21 1.61 -25.99
CA MET D 71 10.30 2.52 -26.35
C MET D 71 11.66 1.86 -26.19
N GLU D 72 12.69 2.42 -26.85
CA GLU D 72 14.06 1.89 -26.77
C GLU D 72 15.12 2.99 -26.88
N MET D 73 16.16 2.91 -26.03
CA MET D 73 17.27 3.86 -25.98
C MET D 73 18.54 3.12 -26.40
N VAL D 74 19.24 3.62 -27.44
CA VAL D 74 20.48 3.03 -27.97
C VAL D 74 21.62 4.02 -27.73
N ALA D 75 22.73 3.58 -27.11
CA ALA D 75 23.90 4.43 -26.85
C ALA D 75 25.12 3.79 -27.53
N ARG D 76 25.97 4.59 -28.19
CA ARG D 76 27.18 4.11 -28.88
C ARG D 76 28.43 4.65 -28.18
N VAL D 77 29.37 3.76 -27.82
CA VAL D 77 30.62 4.11 -27.15
C VAL D 77 31.76 3.58 -28.05
N ALA D 78 32.68 4.46 -28.46
CA ALA D 78 33.77 4.07 -29.35
C ALA D 78 34.88 3.37 -28.57
N LEU D 79 35.42 2.27 -29.14
CA LEU D 79 36.44 1.44 -28.50
C LEU D 79 37.84 1.71 -29.10
N VAL D 80 38.72 2.33 -28.30
CA VAL D 80 40.10 2.65 -28.72
C VAL D 80 41.06 1.47 -28.47
N GLN D 81 40.88 0.76 -27.35
CA GLN D 81 41.70 -0.41 -26.99
C GLN D 81 41.25 -1.68 -27.73
N PRO D 82 42.08 -2.76 -27.77
CA PRO D 82 41.67 -3.98 -28.49
C PRO D 82 40.38 -4.60 -27.99
N HIS D 83 39.61 -5.18 -28.93
CA HIS D 83 38.30 -5.79 -28.65
C HIS D 83 38.01 -6.92 -29.64
N GLU D 84 37.05 -7.78 -29.28
CA GLU D 84 36.61 -8.91 -30.09
C GLU D 84 35.10 -8.77 -30.29
N PRO D 85 34.56 -8.93 -31.51
CA PRO D 85 33.11 -8.73 -31.68
C PRO D 85 32.25 -9.88 -31.14
N GLY D 86 30.99 -9.55 -30.91
CA GLY D 86 29.99 -10.48 -30.37
C GLY D 86 28.87 -9.75 -29.67
N ALA D 87 27.92 -10.49 -29.10
CA ALA D 87 26.80 -9.87 -28.40
C ALA D 87 26.22 -10.74 -27.29
N THR D 88 25.64 -10.06 -26.29
CA THR D 88 24.99 -10.69 -25.14
C THR D 88 24.09 -9.68 -24.45
N THR D 89 23.31 -10.14 -23.46
CA THR D 89 22.47 -9.24 -22.65
C THR D 89 22.83 -9.48 -21.19
N VAL D 90 22.88 -8.40 -20.38
CA VAL D 90 23.23 -8.47 -18.96
C VAL D 90 22.33 -7.60 -18.11
N PRO D 91 22.13 -7.94 -16.81
CA PRO D 91 21.30 -7.09 -15.94
C PRO D 91 21.72 -5.62 -15.98
N ALA D 92 20.78 -4.75 -16.33
CA ALA D 92 21.00 -3.32 -16.51
C ALA D 92 21.41 -2.60 -15.25
N ARG D 93 20.62 -2.75 -14.18
CA ARG D 93 20.86 -2.06 -12.91
C ARG D 93 22.16 -2.51 -12.24
N LYS D 94 22.42 -3.83 -12.17
CA LYS D 94 23.64 -4.35 -11.54
C LYS D 94 24.91 -3.93 -12.28
N PHE D 95 24.90 -3.99 -13.63
CA PHE D 95 26.06 -3.61 -14.43
C PHE D 95 26.37 -2.11 -14.30
N PHE D 96 25.32 -1.26 -14.25
CA PHE D 96 25.49 0.18 -14.05
C PHE D 96 26.01 0.47 -12.64
N ASP D 97 25.44 -0.20 -11.62
CA ASP D 97 25.86 -0.04 -10.22
C ASP D 97 27.31 -0.48 -10.01
N ILE D 98 27.75 -1.53 -10.75
CA ILE D 98 29.14 -2.02 -10.71
C ILE D 98 30.05 -0.92 -11.24
N CYS D 99 29.78 -0.44 -12.47
CA CYS D 99 30.56 0.62 -13.12
C CYS D 99 30.56 1.92 -12.31
N ARG D 100 29.42 2.30 -11.72
CA ARG D 100 29.30 3.50 -10.87
C ARG D 100 30.10 3.36 -9.57
N GLY D 101 30.06 2.17 -8.96
CA GLY D 101 30.76 1.87 -7.72
C GLY D 101 32.28 1.83 -7.83
N LEU D 102 32.82 1.58 -9.05
CA LEU D 102 34.28 1.52 -9.27
C LEU D 102 34.94 2.91 -9.11
N PRO D 103 36.22 2.98 -8.70
CA PRO D 103 36.85 4.29 -8.46
C PRO D 103 36.97 5.18 -9.69
N GLU D 104 37.16 6.49 -9.45
CA GLU D 104 37.31 7.52 -10.47
C GLU D 104 38.56 7.21 -11.31
N GLY D 105 38.37 7.04 -12.62
CA GLY D 105 39.46 6.77 -13.55
C GLY D 105 39.71 5.30 -13.81
N ALA D 106 38.82 4.42 -13.30
CA ALA D 106 38.96 2.97 -13.45
C ALA D 106 38.88 2.47 -14.90
N GLU D 107 39.61 1.39 -15.20
CA GLU D 107 39.63 0.73 -16.50
C GLU D 107 38.79 -0.53 -16.37
N ILE D 108 37.66 -0.60 -17.08
CA ILE D 108 36.72 -1.72 -16.97
C ILE D 108 36.92 -2.71 -18.12
N ALA D 109 37.50 -3.88 -17.82
CA ALA D 109 37.73 -4.95 -18.79
C ALA D 109 36.53 -5.90 -18.75
N VAL D 110 35.82 -6.05 -19.88
CA VAL D 110 34.62 -6.89 -19.97
C VAL D 110 34.86 -8.01 -20.97
N GLN D 111 34.38 -9.24 -20.67
CA GLN D 111 34.49 -10.38 -21.59
C GLN D 111 33.49 -11.49 -21.28
N LEU D 112 32.96 -12.12 -22.35
CA LEU D 112 31.97 -13.19 -22.24
C LEU D 112 32.68 -14.53 -22.04
N GLU D 113 32.35 -15.24 -20.94
CA GLU D 113 32.92 -16.56 -20.62
C GLU D 113 31.78 -17.55 -20.49
N GLY D 114 31.47 -18.22 -21.59
CA GLY D 114 30.37 -19.17 -21.66
C GLY D 114 29.05 -18.45 -21.55
N GLU D 115 28.29 -18.74 -20.48
CA GLU D 115 26.99 -18.11 -20.22
C GLU D 115 27.09 -17.05 -19.10
N ARG D 116 28.27 -16.45 -18.87
CA ARG D 116 28.41 -15.42 -17.85
C ARG D 116 29.35 -14.32 -18.34
N MET D 117 28.95 -13.05 -18.19
CA MET D 117 29.80 -11.93 -18.57
C MET D 117 30.68 -11.57 -17.38
N LEU D 118 31.98 -11.46 -17.61
CA LEU D 118 32.95 -11.14 -16.55
C LEU D 118 33.39 -9.69 -16.66
N VAL D 119 33.23 -8.92 -15.58
CA VAL D 119 33.61 -7.51 -15.50
C VAL D 119 34.79 -7.45 -14.52
N ARG D 120 35.94 -6.94 -14.99
CA ARG D 120 37.15 -6.84 -14.18
C ARG D 120 37.71 -5.43 -14.18
N SER D 121 38.20 -4.97 -13.02
CA SER D 121 38.80 -3.65 -12.88
C SER D 121 39.64 -3.63 -11.61
N GLY D 122 40.96 -3.56 -11.75
CA GLY D 122 41.88 -3.58 -10.62
C GLY D 122 41.85 -4.95 -10.00
N ARG D 123 41.39 -5.04 -8.73
CA ARG D 123 41.25 -6.31 -8.02
C ARG D 123 39.77 -6.58 -7.69
N SER D 124 38.86 -6.00 -8.49
CA SER D 124 37.42 -6.17 -8.36
C SER D 124 37.00 -7.04 -9.55
N ARG D 125 36.30 -8.15 -9.27
CA ARG D 125 35.86 -9.12 -10.28
C ARG D 125 34.37 -9.40 -10.09
N PHE D 126 33.59 -9.33 -11.18
CA PHE D 126 32.14 -9.57 -11.12
C PHE D 126 31.71 -10.51 -12.25
N SER D 127 31.04 -11.62 -11.91
CA SER D 127 30.52 -12.59 -12.88
C SER D 127 29.02 -12.39 -12.97
N LEU D 128 28.54 -11.84 -14.09
CA LEU D 128 27.11 -11.55 -14.29
C LEU D 128 26.43 -12.62 -15.12
N SER D 129 25.13 -12.86 -14.86
CA SER D 129 24.34 -13.84 -15.61
C SER D 129 23.93 -13.21 -16.93
N THR D 130 23.68 -14.03 -17.94
CA THR D 130 23.28 -13.54 -19.26
C THR D 130 22.08 -14.29 -19.81
N LEU D 131 21.43 -13.67 -20.79
CA LEU D 131 20.36 -14.23 -21.59
C LEU D 131 20.78 -14.00 -23.05
N PRO D 132 20.42 -14.87 -24.01
CA PRO D 132 20.92 -14.69 -25.39
C PRO D 132 20.56 -13.37 -26.06
N ALA D 133 21.49 -12.84 -26.89
CA ALA D 133 21.28 -11.61 -27.66
C ALA D 133 20.18 -11.82 -28.71
N ALA D 134 20.01 -13.07 -29.21
CA ALA D 134 18.96 -13.42 -30.18
C ALA D 134 17.56 -13.26 -29.57
N ASP D 135 17.41 -13.49 -28.26
CA ASP D 135 16.14 -13.36 -27.55
C ASP D 135 15.77 -11.90 -27.19
N PHE D 136 16.68 -10.91 -27.43
CA PHE D 136 16.40 -9.51 -27.10
C PHE D 136 15.33 -8.93 -28.04
N PRO D 137 14.29 -8.22 -27.54
CA PRO D 137 13.28 -7.66 -28.45
C PRO D 137 13.75 -6.38 -29.12
N ASN D 138 13.40 -6.20 -30.40
CA ASN D 138 13.77 -5.02 -31.19
C ASN D 138 12.51 -4.39 -31.75
N LEU D 139 12.45 -3.04 -31.77
CA LEU D 139 11.31 -2.32 -32.34
C LEU D 139 11.27 -2.62 -33.85
N ASP D 140 10.08 -2.91 -34.39
CA ASP D 140 9.93 -3.24 -35.81
C ASP D 140 10.30 -2.02 -36.67
N ASP D 141 10.97 -2.24 -37.82
CA ASP D 141 11.42 -1.15 -38.69
C ASP D 141 10.27 -0.30 -39.23
N TRP D 142 10.56 1.00 -39.44
CA TRP D 142 9.59 2.00 -39.92
C TRP D 142 10.31 3.05 -40.76
N GLN D 143 9.53 3.88 -41.48
CA GLN D 143 10.05 4.93 -42.35
C GLN D 143 9.63 6.31 -41.84
N SER D 144 10.58 7.26 -41.81
CA SER D 144 10.34 8.62 -41.33
C SER D 144 9.57 9.43 -42.37
N GLU D 145 8.55 10.18 -41.92
CA GLU D 145 7.73 11.06 -42.76
C GLU D 145 8.16 12.52 -42.56
N VAL D 146 8.34 12.95 -41.30
CA VAL D 146 8.80 14.30 -40.93
C VAL D 146 10.21 14.19 -40.35
N GLU D 147 11.04 15.23 -40.54
CA GLU D 147 12.40 15.25 -39.99
C GLU D 147 12.90 16.70 -39.84
N PHE D 148 13.47 17.01 -38.68
CA PHE D 148 13.99 18.35 -38.40
C PHE D 148 14.99 18.34 -37.24
N THR D 149 15.68 19.47 -37.02
CA THR D 149 16.65 19.64 -35.94
C THR D 149 16.34 20.91 -35.16
N LEU D 150 16.63 20.91 -33.85
CA LEU D 150 16.40 22.06 -32.98
C LEU D 150 17.30 21.99 -31.74
N PRO D 151 17.56 23.12 -31.03
CA PRO D 151 18.38 23.02 -29.81
C PRO D 151 17.66 22.20 -28.73
N GLN D 152 18.43 21.56 -27.84
CA GLN D 152 17.85 20.73 -26.78
C GLN D 152 17.04 21.57 -25.78
N ALA D 153 17.46 22.83 -25.54
CA ALA D 153 16.75 23.76 -24.64
C ALA D 153 15.36 24.12 -25.18
N THR D 154 15.20 24.20 -26.52
CA THR D 154 13.91 24.49 -27.15
C THR D 154 12.95 23.31 -26.92
N MET D 155 13.45 22.07 -27.04
CA MET D 155 12.65 20.88 -26.78
C MET D 155 12.35 20.75 -25.29
N LYS D 156 13.32 21.10 -24.41
CA LYS D 156 13.11 21.06 -22.96
C LYS D 156 12.00 22.03 -22.56
N ARG D 157 12.08 23.28 -23.06
CA ARG D 157 11.08 24.33 -22.82
C ARG D 157 9.68 23.86 -23.30
N LEU D 158 9.60 23.30 -24.51
CA LEU D 158 8.33 22.79 -25.07
C LEU D 158 7.68 21.72 -24.18
N ILE D 159 8.48 20.76 -23.67
CA ILE D 159 7.97 19.69 -22.79
C ILE D 159 7.67 20.25 -21.40
N GLU D 160 8.64 20.95 -20.78
CA GLU D 160 8.47 21.55 -19.44
C GLU D 160 7.22 22.41 -19.34
N ALA D 161 6.96 23.23 -20.38
CA ALA D 161 5.81 24.12 -20.39
C ALA D 161 4.46 23.40 -20.42
N THR D 162 4.35 22.17 -20.95
CA THR D 162 3.05 21.49 -21.04
C THR D 162 2.95 20.12 -20.33
N GLN D 163 4.05 19.51 -19.88
CA GLN D 163 4.05 18.17 -19.25
C GLN D 163 3.06 17.98 -18.10
N PHE D 164 2.92 18.96 -17.20
CA PHE D 164 2.03 18.86 -16.04
C PHE D 164 0.53 18.72 -16.39
N SER D 165 0.10 19.21 -17.57
CA SER D 165 -1.30 19.12 -17.99
C SER D 165 -1.69 17.78 -18.63
N MET D 166 -0.74 16.86 -18.85
CA MET D 166 -1.05 15.53 -19.40
C MET D 166 -1.90 14.76 -18.38
N ALA D 167 -2.80 13.90 -18.86
CA ALA D 167 -3.61 13.07 -17.97
C ALA D 167 -2.79 11.87 -17.53
N HIS D 168 -3.17 11.23 -16.42
CA HIS D 168 -2.48 10.04 -15.89
C HIS D 168 -3.51 8.97 -15.58
N GLN D 169 -3.37 7.79 -16.23
CA GLN D 169 -4.29 6.64 -16.09
C GLN D 169 -5.76 7.01 -16.43
N ASP D 170 -5.96 7.95 -17.36
CA ASP D 170 -7.29 8.36 -17.80
C ASP D 170 -7.83 7.25 -18.71
N VAL D 171 -9.14 6.96 -18.62
CA VAL D 171 -9.80 5.96 -19.47
C VAL D 171 -9.66 6.34 -20.95
N ARG D 172 -9.62 7.66 -21.25
CA ARG D 172 -9.40 8.20 -22.59
C ARG D 172 -7.88 8.14 -22.81
N TYR D 173 -7.36 6.93 -23.16
CA TYR D 173 -5.93 6.64 -23.34
C TYR D 173 -5.16 7.68 -24.16
N TYR D 174 -5.80 8.30 -25.16
CA TYR D 174 -5.14 9.33 -25.99
C TYR D 174 -4.73 10.59 -25.17
N LEU D 175 -5.36 10.85 -24.00
CA LEU D 175 -5.00 11.98 -23.14
C LEU D 175 -3.77 11.67 -22.27
N ASN D 176 -3.37 10.38 -22.15
CA ASN D 176 -2.20 9.95 -21.38
C ASN D 176 -0.96 10.08 -22.27
N GLY D 177 -0.65 11.30 -22.63
CA GLY D 177 0.45 11.62 -23.52
C GLY D 177 0.45 13.08 -23.93
N MET D 178 1.40 13.46 -24.78
CA MET D 178 1.57 14.83 -25.24
C MET D 178 1.48 14.85 -26.74
N LEU D 179 0.73 15.80 -27.29
CA LEU D 179 0.62 15.95 -28.74
C LEU D 179 1.82 16.75 -29.21
N PHE D 180 2.54 16.24 -30.23
CA PHE D 180 3.65 16.93 -30.86
C PHE D 180 3.14 17.28 -32.24
N GLU D 181 3.14 18.58 -32.60
CA GLU D 181 2.58 19.05 -33.86
C GLU D 181 3.49 20.02 -34.59
N THR D 182 3.74 19.74 -35.89
CA THR D 182 4.56 20.59 -36.77
C THR D 182 3.64 21.33 -37.72
N GLU D 183 3.88 22.63 -37.94
CA GLU D 183 3.08 23.45 -38.86
C GLU D 183 3.86 24.72 -39.21
N GLY D 184 4.11 24.94 -40.50
CA GLY D 184 4.88 26.08 -40.97
C GLY D 184 6.32 25.96 -40.57
N GLU D 185 6.79 26.85 -39.67
CA GLU D 185 8.16 26.82 -39.14
C GLU D 185 8.15 26.66 -37.61
N GLU D 186 7.04 26.14 -37.03
CA GLU D 186 6.89 25.98 -35.59
C GLU D 186 6.64 24.53 -35.18
N LEU D 187 7.23 24.12 -34.05
CA LEU D 187 6.97 22.83 -33.41
C LEU D 187 6.14 23.20 -32.20
N ARG D 188 5.01 22.51 -32.01
CA ARG D 188 4.08 22.78 -30.92
C ARG D 188 3.81 21.53 -30.12
N THR D 189 3.68 21.70 -28.79
CA THR D 189 3.34 20.63 -27.88
C THR D 189 1.99 21.00 -27.23
N VAL D 190 1.10 20.00 -27.07
CA VAL D 190 -0.20 20.18 -26.44
C VAL D 190 -0.45 19.04 -25.45
N ALA D 191 -1.00 19.35 -24.30
CA ALA D 191 -1.29 18.35 -23.27
C ALA D 191 -2.54 18.76 -22.51
N THR D 192 -3.46 17.82 -22.28
CA THR D 192 -4.72 18.08 -21.56
C THR D 192 -5.29 16.82 -20.91
N ASP D 193 -6.10 17.01 -19.86
CA ASP D 193 -6.79 15.95 -19.12
C ASP D 193 -8.33 16.15 -19.08
N GLY D 194 -8.84 17.06 -19.92
CA GLY D 194 -10.26 17.37 -19.96
C GLY D 194 -10.68 18.53 -19.08
N HIS D 195 -9.90 18.85 -18.02
CA HIS D 195 -10.17 19.97 -17.10
C HIS D 195 -9.29 21.18 -17.42
N ARG D 196 -8.00 20.95 -17.68
CA ARG D 196 -7.05 22.01 -18.01
C ARG D 196 -6.20 21.62 -19.22
N LEU D 197 -5.72 22.63 -19.97
CA LEU D 197 -4.95 22.42 -21.20
C LEU D 197 -3.73 23.34 -21.22
N ALA D 198 -2.65 22.87 -21.82
CA ALA D 198 -1.41 23.63 -21.96
C ALA D 198 -0.92 23.52 -23.40
N VAL D 199 -0.52 24.66 -24.02
CA VAL D 199 0.06 24.71 -25.36
C VAL D 199 1.34 25.52 -25.29
N CYS D 200 2.35 25.10 -26.05
CA CYS D 200 3.61 25.83 -26.16
C CYS D 200 4.11 25.66 -27.57
N SER D 201 4.34 26.78 -28.29
CA SER D 201 4.85 26.78 -29.67
C SER D 201 6.19 27.47 -29.70
N MET D 202 7.15 26.89 -30.44
CA MET D 202 8.50 27.47 -30.57
C MET D 202 8.95 27.43 -32.03
N PRO D 203 9.49 28.54 -32.57
CA PRO D 203 9.96 28.52 -33.97
C PRO D 203 11.33 27.84 -34.09
N ILE D 204 11.47 26.87 -35.02
CA ILE D 204 12.74 26.14 -35.21
C ILE D 204 13.48 26.55 -36.51
N GLY D 205 12.94 27.50 -37.27
CA GLY D 205 13.58 28.03 -38.48
C GLY D 205 13.71 27.10 -39.66
N GLN D 206 12.80 26.12 -39.81
CA GLN D 206 12.83 25.16 -40.92
C GLN D 206 11.40 24.94 -41.40
N SER D 207 11.16 24.87 -42.72
CA SER D 207 9.81 24.65 -43.25
C SER D 207 9.40 23.19 -43.01
N LEU D 208 8.36 22.96 -42.18
CA LEU D 208 7.88 21.63 -41.80
C LEU D 208 6.52 21.31 -42.42
N PRO D 209 6.21 20.01 -42.66
CA PRO D 209 4.87 19.67 -43.15
C PRO D 209 3.86 19.63 -42.00
N SER D 210 2.56 19.65 -42.34
CA SER D 210 1.50 19.61 -41.33
C SER D 210 1.35 18.17 -40.81
N HIS D 211 1.88 17.90 -39.62
CA HIS D 211 1.82 16.56 -39.00
C HIS D 211 1.56 16.70 -37.50
N SER D 212 0.69 15.83 -36.94
CA SER D 212 0.35 15.84 -35.51
C SER D 212 0.34 14.40 -34.96
N VAL D 213 1.12 14.13 -33.90
CA VAL D 213 1.23 12.80 -33.28
C VAL D 213 1.17 12.88 -31.76
N ILE D 214 0.73 11.79 -31.10
CA ILE D 214 0.63 11.70 -29.65
C ILE D 214 1.79 10.85 -29.12
N VAL D 215 2.71 11.46 -28.37
CA VAL D 215 3.83 10.75 -27.77
C VAL D 215 3.34 10.27 -26.39
N PRO D 216 3.49 8.97 -26.04
CA PRO D 216 3.02 8.50 -24.71
C PRO D 216 3.72 9.21 -23.55
N ARG D 217 3.06 9.30 -22.39
CA ARG D 217 3.64 10.02 -21.23
C ARG D 217 4.97 9.42 -20.75
N LYS D 218 5.20 8.11 -20.96
CA LYS D 218 6.47 7.48 -20.59
C LYS D 218 7.59 7.96 -21.53
N GLY D 219 7.28 8.07 -22.83
CA GLY D 219 8.22 8.54 -23.84
C GLY D 219 8.59 10.01 -23.69
N VAL D 220 7.65 10.83 -23.20
CA VAL D 220 7.86 12.27 -22.94
C VAL D 220 8.88 12.41 -21.80
N ILE D 221 8.74 11.59 -20.75
CA ILE D 221 9.64 11.58 -19.60
C ILE D 221 11.05 11.16 -20.03
N GLU D 222 11.18 10.13 -20.87
CA GLU D 222 12.49 9.68 -21.36
C GLU D 222 13.12 10.69 -22.32
N LEU D 223 12.30 11.28 -23.22
CA LEU D 223 12.75 12.32 -24.15
C LEU D 223 13.25 13.55 -23.36
N MET D 224 12.62 13.84 -22.21
CA MET D 224 13.00 14.93 -21.30
C MET D 224 14.31 14.57 -20.57
N ARG D 225 14.46 13.30 -20.16
CA ARG D 225 15.63 12.79 -19.44
C ARG D 225 16.96 12.90 -20.22
N MET D 226 16.92 12.87 -21.56
CA MET D 226 18.15 12.92 -22.38
C MET D 226 18.56 14.32 -22.89
N LEU D 227 17.96 15.41 -22.38
CA LEU D 227 18.30 16.79 -22.82
C LEU D 227 19.11 17.51 -21.74
N ASN D 232 24.50 20.86 -27.52
CA ASN D 232 24.42 19.93 -28.62
C ASN D 232 22.99 19.95 -29.26
N PRO D 233 22.89 19.97 -30.61
CA PRO D 233 21.57 19.89 -31.30
C PRO D 233 20.86 18.56 -31.01
N LEU D 234 19.57 18.53 -31.34
CA LEU D 234 18.69 17.37 -31.19
C LEU D 234 18.00 17.17 -32.54
N ARG D 235 18.13 15.96 -33.15
CA ARG D 235 17.47 15.65 -34.42
C ARG D 235 16.27 14.77 -34.14
N VAL D 236 15.08 15.19 -34.62
CA VAL D 236 13.83 14.46 -34.42
C VAL D 236 13.33 13.90 -35.75
N GLN D 237 12.96 12.61 -35.79
CA GLN D 237 12.39 11.94 -36.96
C GLN D 237 11.03 11.38 -36.52
N ILE D 238 9.94 11.73 -37.23
CA ILE D 238 8.59 11.28 -36.87
C ILE D 238 7.97 10.49 -38.02
N GLY D 239 7.37 9.35 -37.68
CA GLY D 239 6.67 8.48 -38.63
C GLY D 239 5.20 8.41 -38.30
N SER D 240 4.49 7.45 -38.90
CA SER D 240 3.05 7.30 -38.66
C SER D 240 2.77 6.66 -37.28
N ASN D 241 3.61 5.70 -36.84
CA ASN D 241 3.46 5.02 -35.55
C ASN D 241 4.69 5.12 -34.62
N ASN D 242 5.73 5.91 -34.98
CA ASN D 242 6.94 6.03 -34.16
C ASN D 242 7.56 7.43 -34.20
N ILE D 243 8.34 7.77 -33.16
CA ILE D 243 9.09 9.03 -33.06
C ILE D 243 10.52 8.68 -32.59
N ARG D 244 11.54 9.36 -33.14
CA ARG D 244 12.94 9.13 -32.79
C ARG D 244 13.61 10.45 -32.43
N ALA D 245 14.56 10.41 -31.47
CA ALA D 245 15.32 11.58 -31.01
C ALA D 245 16.80 11.23 -30.91
N HIS D 246 17.67 11.95 -31.65
CA HIS D 246 19.12 11.72 -31.64
C HIS D 246 19.84 12.84 -30.85
N VAL D 247 20.37 12.55 -29.66
CA VAL D 247 21.12 13.53 -28.85
C VAL D 247 22.54 12.99 -28.69
N GLY D 248 23.50 13.62 -29.36
CA GLY D 248 24.90 13.19 -29.32
C GLY D 248 25.07 11.77 -29.84
N ASP D 249 25.52 10.86 -28.96
CA ASP D 249 25.73 9.45 -29.30
C ASP D 249 24.56 8.57 -28.85
N PHE D 250 23.43 9.17 -28.41
CA PHE D 250 22.24 8.44 -27.97
C PHE D 250 21.15 8.52 -29.02
N ILE D 251 20.33 7.47 -29.15
CA ILE D 251 19.20 7.42 -30.08
C ILE D 251 17.99 6.83 -29.33
N PHE D 252 17.00 7.67 -29.03
CA PHE D 252 15.79 7.25 -28.32
C PHE D 252 14.66 7.09 -29.33
N THR D 253 13.93 5.96 -29.27
CA THR D 253 12.79 5.69 -30.16
C THR D 253 11.60 5.29 -29.30
N SER D 254 10.39 5.79 -29.65
CA SER D 254 9.16 5.45 -28.94
C SER D 254 7.99 5.27 -29.89
N LYS D 255 7.07 4.35 -29.54
CA LYS D 255 5.84 4.13 -30.30
C LYS D 255 4.93 5.32 -30.00
N LEU D 256 4.11 5.72 -30.96
CA LEU D 256 3.16 6.81 -30.79
C LEU D 256 1.83 6.21 -30.32
N VAL D 257 1.03 6.99 -29.58
CA VAL D 257 -0.28 6.53 -29.09
C VAL D 257 -1.26 6.55 -30.28
N ASP D 258 -1.84 5.39 -30.61
CA ASP D 258 -2.76 5.25 -31.75
C ASP D 258 -4.20 5.65 -31.35
N GLY D 259 -4.43 6.94 -31.32
CA GLY D 259 -5.73 7.53 -30.99
C GLY D 259 -5.87 8.92 -31.60
N ARG D 260 -7.06 9.53 -31.44
CA ARG D 260 -7.32 10.87 -31.98
C ARG D 260 -7.34 11.90 -30.86
N PHE D 261 -6.37 12.83 -30.90
CA PHE D 261 -6.25 13.87 -29.88
C PHE D 261 -7.34 14.92 -30.10
N PRO D 262 -7.97 15.47 -29.04
CA PRO D 262 -9.03 16.48 -29.25
C PRO D 262 -8.51 17.75 -29.93
N ASP D 263 -9.42 18.43 -30.66
CA ASP D 263 -9.08 19.66 -31.38
C ASP D 263 -9.01 20.77 -30.35
N TYR D 264 -7.82 20.93 -29.82
CA TYR D 264 -7.53 21.94 -28.83
C TYR D 264 -7.88 23.37 -29.31
N ARG D 265 -7.83 23.66 -30.64
CA ARG D 265 -8.22 24.97 -31.19
C ARG D 265 -9.69 25.32 -30.86
N ARG D 266 -10.57 24.31 -30.80
CA ARG D 266 -12.00 24.47 -30.47
C ARG D 266 -12.25 24.87 -29.00
N VAL D 267 -11.27 24.64 -28.11
CA VAL D 267 -11.32 24.90 -26.68
C VAL D 267 -10.80 26.30 -26.32
N LEU D 268 -9.78 26.82 -27.04
CA LEU D 268 -9.17 28.14 -26.76
C LEU D 268 -10.22 29.24 -26.60
N PRO D 269 -10.28 30.09 -25.52
CA PRO D 269 -11.33 31.13 -25.48
C PRO D 269 -11.35 32.01 -26.73
N LYS D 270 -12.53 32.10 -27.37
CA LYS D 270 -12.72 32.85 -28.62
C LYS D 270 -12.69 34.37 -28.43
N ASN D 271 -13.44 34.87 -27.44
CA ASN D 271 -13.55 36.30 -27.16
C ASN D 271 -13.39 36.58 -25.66
N PRO D 272 -12.16 36.44 -25.10
CA PRO D 272 -11.96 36.74 -23.68
C PRO D 272 -11.79 38.24 -23.47
N ASP D 273 -12.93 38.94 -23.36
CA ASP D 273 -13.01 40.39 -23.19
C ASP D 273 -12.40 40.92 -21.87
N LYS D 274 -12.62 40.21 -20.76
CA LYS D 274 -12.15 40.62 -19.43
C LYS D 274 -10.69 40.21 -19.19
N HIS D 275 -9.78 41.21 -19.04
CA HIS D 275 -8.34 40.99 -18.86
C HIS D 275 -7.85 41.44 -17.47
N LEU D 276 -7.27 40.51 -16.69
CA LEU D 276 -6.68 40.78 -15.37
C LEU D 276 -5.18 40.67 -15.49
N GLU D 277 -4.43 41.54 -14.80
CA GLU D 277 -2.96 41.50 -14.80
C GLU D 277 -2.46 41.64 -13.36
N ALA D 278 -1.60 40.72 -12.91
CA ALA D 278 -1.07 40.74 -11.54
C ALA D 278 0.31 40.14 -11.47
N GLY D 279 0.96 40.31 -10.32
CA GLY D 279 2.28 39.75 -10.05
C GLY D 279 2.18 38.24 -9.93
N CYS D 280 3.01 37.52 -10.70
CA CYS D 280 3.00 36.05 -10.74
C CYS D 280 3.19 35.45 -9.35
N ASP D 281 4.19 35.93 -8.59
CA ASP D 281 4.48 35.41 -7.26
C ASP D 281 3.40 35.76 -6.24
N LEU D 282 3.00 37.05 -6.16
CA LEU D 282 1.94 37.49 -5.23
C LEU D 282 0.63 36.75 -5.45
N LEU D 283 0.29 36.48 -6.72
CA LEU D 283 -0.92 35.75 -7.06
C LEU D 283 -0.76 34.28 -6.65
N LYS D 284 0.43 33.70 -6.89
CA LYS D 284 0.75 32.32 -6.52
C LYS D 284 0.71 32.11 -5.00
N GLN D 285 1.35 33.02 -4.23
CA GLN D 285 1.36 32.91 -2.77
C GLN D 285 -0.04 33.06 -2.16
N ALA D 286 -0.91 33.87 -2.78
CA ALA D 286 -2.27 34.05 -2.31
C ALA D 286 -3.10 32.79 -2.54
N PHE D 287 -2.99 32.17 -3.74
CA PHE D 287 -3.71 30.92 -4.05
C PHE D 287 -3.19 29.78 -3.17
N ALA D 288 -1.87 29.74 -2.89
CA ALA D 288 -1.28 28.72 -2.03
C ALA D 288 -1.80 28.82 -0.59
N ARG D 289 -1.96 30.06 -0.08
CA ARG D 289 -2.50 30.29 1.26
C ARG D 289 -4.00 29.97 1.31
N ALA D 290 -4.76 30.41 0.31
CA ALA D 290 -6.21 30.15 0.27
C ALA D 290 -6.52 28.65 0.17
N ALA D 291 -5.69 27.89 -0.57
CA ALA D 291 -5.83 26.42 -0.74
C ALA D 291 -5.79 25.63 0.58
N ILE D 292 -5.14 26.16 1.64
CA ILE D 292 -5.04 25.48 2.94
C ILE D 292 -6.44 25.15 3.50
N LEU D 293 -7.40 26.11 3.39
CA LEU D 293 -8.75 25.92 3.89
C LEU D 293 -9.79 25.64 2.78
N SER D 294 -9.36 25.06 1.65
CA SER D 294 -10.25 24.64 0.57
C SER D 294 -10.59 23.17 0.81
N ASN D 295 -11.65 22.66 0.16
CA ASN D 295 -12.06 21.26 0.30
C ASN D 295 -10.90 20.37 -0.16
N GLU D 296 -10.46 19.40 0.67
CA GLU D 296 -9.33 18.51 0.35
C GLU D 296 -9.54 17.64 -0.90
N LYS D 297 -10.81 17.30 -1.22
CA LYS D 297 -11.16 16.47 -2.37
C LYS D 297 -11.34 17.30 -3.66
N PHE D 298 -12.14 18.37 -3.59
CA PHE D 298 -12.48 19.21 -4.75
C PHE D 298 -11.59 20.43 -4.97
N ARG D 299 -10.82 20.87 -3.94
CA ARG D 299 -9.85 21.97 -4.04
C ARG D 299 -10.40 23.26 -4.66
N GLY D 300 -11.67 23.56 -4.40
CA GLY D 300 -12.35 24.71 -4.96
C GLY D 300 -12.07 26.05 -4.31
N VAL D 301 -11.73 27.07 -5.13
CA VAL D 301 -11.56 28.45 -4.67
C VAL D 301 -12.49 29.33 -5.51
N ARG D 302 -12.96 30.43 -4.94
CA ARG D 302 -13.86 31.38 -5.60
C ARG D 302 -13.09 32.68 -5.85
N LEU D 303 -13.07 33.16 -7.11
CA LEU D 303 -12.40 34.41 -7.49
C LEU D 303 -13.45 35.49 -7.74
N TYR D 304 -13.35 36.65 -7.06
CA TYR D 304 -14.24 37.79 -7.31
C TYR D 304 -13.38 38.94 -7.85
N VAL D 305 -13.52 39.24 -9.16
CA VAL D 305 -12.74 40.31 -9.82
C VAL D 305 -13.58 41.58 -9.90
N SER D 306 -12.98 42.70 -9.49
CA SER D 306 -13.60 44.02 -9.55
C SER D 306 -12.52 45.04 -9.91
N GLU D 307 -12.87 46.33 -10.09
CA GLU D 307 -11.92 47.39 -10.48
C GLU D 307 -10.60 47.32 -9.71
N ASN D 308 -9.52 46.91 -10.40
CA ASN D 308 -8.16 46.79 -9.87
C ASN D 308 -8.09 45.98 -8.57
N GLN D 309 -8.89 44.91 -8.47
CA GLN D 309 -8.92 44.08 -7.28
C GLN D 309 -9.35 42.65 -7.55
N LEU D 310 -8.73 41.68 -6.84
CA LEU D 310 -9.06 40.26 -6.92
C LEU D 310 -9.20 39.72 -5.51
N LYS D 311 -10.36 39.13 -5.18
CA LYS D 311 -10.58 38.51 -3.89
C LYS D 311 -10.70 37.01 -4.11
N ILE D 312 -9.83 36.23 -3.47
CA ILE D 312 -9.84 34.76 -3.55
C ILE D 312 -10.42 34.26 -2.24
N THR D 313 -11.40 33.35 -2.28
CA THR D 313 -12.02 32.79 -1.08
C THR D 313 -12.06 31.26 -1.18
N ALA D 314 -11.80 30.57 -0.06
CA ALA D 314 -11.80 29.11 0.01
C ALA D 314 -12.59 28.64 1.24
N ASN D 315 -13.49 27.66 1.05
CA ASN D 315 -14.30 27.09 2.13
C ASN D 315 -14.17 25.56 2.13
N ASN D 316 -14.30 24.94 3.31
CA ASN D 316 -14.20 23.47 3.46
C ASN D 316 -15.38 22.96 4.32
N PRO D 317 -15.62 21.62 4.42
CA PRO D 317 -16.76 21.14 5.23
C PRO D 317 -16.71 21.44 6.74
N GLU D 318 -15.52 21.80 7.28
CA GLU D 318 -15.38 22.17 8.70
C GLU D 318 -15.82 23.63 8.96
N GLN D 319 -16.38 24.34 7.95
CA GLN D 319 -16.85 25.72 8.04
C GLN D 319 -15.71 26.71 8.34
N GLU D 320 -14.50 26.41 7.81
CA GLU D 320 -13.34 27.28 7.93
C GLU D 320 -13.27 28.07 6.65
N GLU D 321 -12.72 29.29 6.68
CA GLU D 321 -12.65 30.12 5.49
C GLU D 321 -11.34 30.88 5.40
N ALA D 322 -10.74 30.90 4.20
CA ALA D 322 -9.54 31.67 3.88
C ALA D 322 -9.98 32.75 2.92
N GLU D 323 -9.42 33.96 3.06
CA GLU D 323 -9.78 35.08 2.18
C GLU D 323 -8.53 35.92 1.90
N GLU D 324 -8.28 36.23 0.61
CA GLU D 324 -7.13 37.02 0.16
C GLU D 324 -7.62 38.13 -0.75
N ILE D 325 -7.20 39.38 -0.52
CA ILE D 325 -7.54 40.51 -1.39
C ILE D 325 -6.22 41.05 -1.94
N LEU D 326 -6.10 41.11 -3.29
CA LEU D 326 -4.88 41.56 -3.96
C LEU D 326 -5.13 42.78 -4.81
N ASP D 327 -4.07 43.56 -5.06
CA ASP D 327 -4.12 44.70 -5.98
C ASP D 327 -3.71 44.14 -7.32
N VAL D 328 -4.61 44.20 -8.31
CA VAL D 328 -4.36 43.74 -9.68
C VAL D 328 -4.70 44.88 -10.64
N THR D 329 -4.52 44.67 -11.95
CA THR D 329 -4.86 45.62 -12.98
C THR D 329 -6.06 45.01 -13.69
N TYR D 330 -7.25 45.58 -13.48
CA TYR D 330 -8.49 45.08 -14.07
C TYR D 330 -9.48 46.22 -14.27
N SER D 331 -10.00 46.36 -15.51
CA SER D 331 -10.98 47.39 -15.85
C SER D 331 -12.31 46.82 -16.41
N GLY D 332 -12.47 45.50 -16.42
CA GLY D 332 -13.68 44.87 -16.93
C GLY D 332 -14.86 44.93 -15.96
N ALA D 333 -15.95 44.23 -16.29
CA ALA D 333 -17.15 44.16 -15.45
C ALA D 333 -16.89 43.23 -14.26
N GLU D 334 -17.61 43.45 -13.15
CA GLU D 334 -17.43 42.63 -11.95
C GLU D 334 -17.99 41.24 -12.17
N MET D 335 -17.22 40.18 -11.87
CA MET D 335 -17.68 38.80 -12.02
C MET D 335 -17.09 37.87 -10.96
N GLU D 336 -17.74 36.73 -10.79
CA GLU D 336 -17.37 35.70 -9.82
C GLU D 336 -17.10 34.41 -10.61
N ILE D 337 -16.05 33.65 -10.26
CA ILE D 337 -15.72 32.40 -10.96
C ILE D 337 -15.01 31.41 -10.03
N GLY D 338 -15.39 30.14 -10.11
CA GLY D 338 -14.82 29.07 -9.33
C GLY D 338 -13.68 28.37 -10.04
N PHE D 339 -12.71 27.83 -9.29
CA PHE D 339 -11.56 27.12 -9.88
C PHE D 339 -10.99 26.10 -8.93
N ASN D 340 -10.37 25.05 -9.49
CA ASN D 340 -9.63 24.06 -8.73
C ASN D 340 -8.30 24.78 -8.51
N VAL D 341 -7.95 25.09 -7.26
CA VAL D 341 -6.73 25.85 -6.93
C VAL D 341 -5.44 25.14 -7.36
N SER D 342 -5.41 23.78 -7.41
CA SER D 342 -4.22 23.04 -7.85
C SER D 342 -3.89 23.31 -9.32
N TYR D 343 -4.94 23.35 -10.17
CA TYR D 343 -4.77 23.63 -11.61
C TYR D 343 -4.27 25.06 -11.84
N VAL D 344 -4.69 26.02 -11.01
CA VAL D 344 -4.25 27.42 -11.11
C VAL D 344 -2.80 27.53 -10.66
N LEU D 345 -2.45 26.92 -9.52
CA LEU D 345 -1.08 26.89 -8.99
C LEU D 345 -0.10 26.21 -9.93
N ASP D 346 -0.54 25.12 -10.60
CA ASP D 346 0.30 24.40 -11.57
C ASP D 346 0.69 25.31 -12.74
N VAL D 347 -0.24 26.15 -13.20
CA VAL D 347 0.00 27.11 -14.28
C VAL D 347 0.94 28.23 -13.80
N LEU D 348 0.71 28.76 -12.60
CA LEU D 348 1.57 29.83 -12.05
C LEU D 348 3.00 29.33 -11.75
N ASN D 349 3.13 28.06 -11.32
CA ASN D 349 4.44 27.43 -11.10
C ASN D 349 5.16 27.18 -12.44
N ALA D 350 4.40 26.84 -13.49
CA ALA D 350 4.95 26.60 -14.83
C ALA D 350 5.41 27.86 -15.55
N LEU D 351 4.70 28.99 -15.37
CA LEU D 351 5.03 30.23 -16.06
C LEU D 351 6.38 30.85 -15.66
N LYS D 352 6.72 30.85 -14.36
CA LYS D 352 8.01 31.33 -13.84
C LYS D 352 8.36 32.73 -14.40
N CYS D 353 7.50 33.70 -14.17
CA CYS D 353 7.66 35.05 -14.74
C CYS D 353 7.40 36.14 -13.70
N GLU D 354 7.51 37.41 -14.12
CA GLU D 354 7.28 38.57 -13.27
C GLU D 354 5.77 38.82 -13.12
N ASN D 355 5.03 38.87 -14.24
CA ASN D 355 3.61 39.17 -14.28
C ASN D 355 2.85 38.16 -15.11
N VAL D 356 1.55 37.96 -14.80
CA VAL D 356 0.66 37.04 -15.54
C VAL D 356 -0.57 37.76 -16.06
N ARG D 357 -1.16 37.22 -17.13
CA ARG D 357 -2.39 37.76 -17.73
C ARG D 357 -3.48 36.70 -17.70
N MET D 358 -4.58 36.94 -16.94
CA MET D 358 -5.74 36.04 -16.88
C MET D 358 -6.79 36.66 -17.78
N MET D 359 -7.21 35.94 -18.83
CA MET D 359 -8.17 36.41 -19.83
C MET D 359 -9.51 35.66 -19.66
N LEU D 360 -10.49 36.32 -19.00
CA LEU D 360 -11.80 35.75 -18.67
C LEU D 360 -12.89 36.11 -19.67
N THR D 361 -14.00 35.34 -19.64
CA THR D 361 -15.18 35.54 -20.49
C THR D 361 -16.40 35.68 -19.57
N ASP D 362 -16.82 34.59 -18.92
CA ASP D 362 -17.96 34.58 -17.99
C ASP D 362 -17.71 33.54 -16.90
N SER D 363 -18.62 33.42 -15.93
CA SER D 363 -18.49 32.49 -14.81
C SER D 363 -18.51 30.99 -15.18
N VAL D 364 -19.01 30.62 -16.38
CA VAL D 364 -19.12 29.21 -16.80
C VAL D 364 -18.16 28.85 -17.96
N SER D 365 -17.30 29.78 -18.42
CA SER D 365 -16.36 29.53 -19.50
C SER D 365 -14.93 29.48 -18.99
N SER D 366 -14.02 28.88 -19.79
CA SER D 366 -12.61 28.74 -19.45
C SER D 366 -11.85 30.07 -19.39
N VAL D 367 -10.70 30.06 -18.72
CA VAL D 367 -9.81 31.22 -18.58
C VAL D 367 -8.50 30.89 -19.30
N GLN D 368 -7.95 31.84 -20.07
CA GLN D 368 -6.66 31.67 -20.72
C GLN D 368 -5.65 32.43 -19.86
N ILE D 369 -4.65 31.73 -19.34
CA ILE D 369 -3.61 32.29 -18.49
C ILE D 369 -2.31 32.27 -19.28
N GLU D 370 -1.60 33.41 -19.33
CA GLU D 370 -0.32 33.56 -20.04
C GLU D 370 0.65 34.42 -19.26
N ASP D 371 1.91 34.45 -19.71
CA ASP D 371 2.92 35.37 -19.17
C ASP D 371 2.54 36.73 -19.77
N ALA D 372 2.63 37.80 -18.99
CA ALA D 372 2.29 39.14 -19.49
C ALA D 372 3.29 39.63 -20.56
N ALA D 373 4.55 39.13 -20.53
CA ALA D 373 5.61 39.49 -21.48
C ALA D 373 5.83 38.47 -22.62
N SER D 374 5.06 37.35 -22.68
CA SER D 374 5.24 36.34 -23.73
C SER D 374 3.95 35.58 -24.08
N GLN D 375 3.72 35.35 -25.39
CA GLN D 375 2.55 34.60 -25.91
C GLN D 375 2.93 33.16 -26.34
N SER D 376 4.22 32.76 -26.22
CA SER D 376 4.68 31.42 -26.64
C SER D 376 3.92 30.29 -25.95
N ALA D 377 3.65 30.43 -24.63
CA ALA D 377 2.94 29.41 -23.86
C ALA D 377 1.61 29.97 -23.32
N ALA D 378 0.50 29.25 -23.58
CA ALA D 378 -0.84 29.62 -23.13
C ALA D 378 -1.46 28.46 -22.36
N TYR D 379 -2.25 28.75 -21.33
CA TYR D 379 -2.90 27.73 -20.50
C TYR D 379 -4.36 28.00 -20.38
N VAL D 380 -5.21 27.00 -20.62
CA VAL D 380 -6.66 27.14 -20.56
C VAL D 380 -7.17 26.26 -19.44
N VAL D 381 -7.87 26.83 -18.44
CA VAL D 381 -8.45 26.08 -17.32
C VAL D 381 -9.97 26.22 -17.35
N MET D 382 -10.68 25.08 -17.30
CA MET D 382 -12.14 25.04 -17.24
C MET D 382 -12.50 25.35 -15.78
N PRO D 383 -13.52 26.19 -15.47
CA PRO D 383 -13.81 26.48 -14.06
C PRO D 383 -14.68 25.43 -13.39
N MET D 384 -15.05 25.70 -12.13
CA MET D 384 -15.92 24.89 -11.33
C MET D 384 -17.21 25.67 -11.13
N ARG D 385 -18.37 24.99 -11.10
CA ARG D 385 -19.64 25.66 -10.82
C ARG D 385 -19.64 25.90 -9.29
N LEU D 386 -19.25 27.12 -8.87
CA LEU D 386 -19.17 27.48 -7.44
C LEU D 386 -19.90 28.80 -7.21
N GLN E 2 22.01 -15.51 10.04
CA GLN E 2 22.25 -14.48 11.03
C GLN E 2 22.13 -15.04 12.44
N LEU E 5 23.03 -11.92 19.19
CA LEU E 5 23.98 -11.43 20.19
C LEU E 5 23.77 -12.11 21.54
N GLN F 2 16.96 -21.62 7.04
CA GLN F 2 16.39 -22.38 5.92
C GLN F 2 17.48 -22.76 4.92
N LEU F 5 17.29 -26.78 -1.40
CA LEU F 5 17.24 -28.16 -1.96
C LEU F 5 18.41 -28.47 -2.88
N GLN G 2 -21.87 16.37 -6.40
CA GLN G 2 -22.58 16.00 -5.22
C GLN G 2 -22.85 17.21 -4.32
N LEU G 5 -26.32 17.87 2.33
CA LEU G 5 -27.61 17.81 3.01
C LEU G 5 -27.91 19.12 3.75
N GLN H 2 -16.40 20.56 -11.15
CA GLN H 2 -15.46 20.70 -12.25
C GLN H 2 -16.18 20.45 -13.58
N LEU H 5 -13.64 20.59 -20.66
CA LEU H 5 -13.24 21.51 -21.76
C LEU H 5 -14.06 21.30 -23.02
#